data_3LDW
#
_entry.id   3LDW
#
_cell.length_a   111.264
_cell.length_b   139.543
_cell.length_c   109.711
_cell.angle_alpha   90.00
_cell.angle_beta   90.00
_cell.angle_gamma   90.00
#
_symmetry.space_group_name_H-M   'P 21 21 21'
#
loop_
_entity.id
_entity.type
_entity.pdbx_description
1 polymer 'Farnesyl pyrophosphate synthase'
2 non-polymer 'ZOLEDRONIC ACID'
3 non-polymer '3-METHYLBUT-3-ENYL TRIHYDROGEN DIPHOSPHATE'
4 non-polymer 'MAGNESIUM ION'
5 non-polymer 1,2-ETHANEDIOL
6 non-polymer GLYCEROL
7 water water
#
_entity_poly.entity_id   1
_entity_poly.type   'polypeptide(L)'
_entity_poly.pdbx_seq_one_letter_code
;MGSSHHHHHHSSGRENLYFQGMKETNSEEADSGLAFFRNMYDKYRDAFLSHLNEYSLEEEIKEHISKYYKLLFDYNCLGG
KNNRGILVILIYEYVKNRDINSSEWEKAACLAWCIEILQAAFLVADDIMDKGEMRRNKYCWYLLKDVETKNAVNDVLLLY
NSIYKLIEIYLRNESCYVDVIATFRDATLKTIIGQHLDTNIFSDKYSDAHREIDVNNINVPEQPVIDINMINFGVYKNIV
IHKTAYYSFFLPIVCGMLLAGIAVDNLIYKKIEDISMLMGEYFQIHDDYLDIFGDSTKTGKVGSDIQNNKLTWPLIKTFE
LCSEPDKIKIVKNYGKNNLACVKVIDSLYEQYKIRKHYESYEKAQKAKILSAINELHHEGIEYVLKYLLEILFTGV
;
_entity_poly.pdbx_strand_id   A,B,C,D
#
loop_
_chem_comp.id
_chem_comp.type
_chem_comp.name
_chem_comp.formula
EDO non-polymer 1,2-ETHANEDIOL 'C2 H6 O2'
GOL non-polymer GLYCEROL 'C3 H8 O3'
IPE non-polymer '3-METHYLBUT-3-ENYL TRIHYDROGEN DIPHOSPHATE' 'C5 H12 O7 P2'
MG non-polymer 'MAGNESIUM ION' 'Mg 2'
ZOL non-polymer 'ZOLEDRONIC ACID' 'C5 H10 N2 O7 P2'
#
# COMPACT_ATOMS: atom_id res chain seq x y z
N LEU A 34 46.12 -1.51 -13.34
CA LEU A 34 44.88 -2.30 -13.41
C LEU A 34 44.74 -3.25 -12.22
N ALA A 35 45.87 -3.80 -11.74
CA ALA A 35 45.92 -4.69 -10.57
C ALA A 35 45.88 -3.79 -9.33
N PHE A 36 46.53 -2.60 -9.45
CA PHE A 36 46.56 -1.53 -8.44
C PHE A 36 45.12 -1.11 -8.12
N PHE A 37 44.28 -0.92 -9.18
CA PHE A 37 42.88 -0.53 -9.09
C PHE A 37 42.04 -1.47 -8.24
N ARG A 38 42.06 -2.77 -8.58
CA ARG A 38 41.30 -3.84 -7.90
C ARG A 38 41.62 -3.89 -6.42
N ASN A 39 42.92 -3.82 -6.07
CA ASN A 39 43.47 -3.87 -4.72
C ASN A 39 43.35 -2.59 -3.90
N MET A 40 43.29 -1.41 -4.57
N MET A 40 43.30 -1.42 -4.56
CA MET A 40 43.20 -0.13 -3.88
CA MET A 40 43.21 -0.13 -3.87
C MET A 40 41.76 0.31 -3.54
C MET A 40 41.76 0.31 -3.55
N TYR A 41 40.73 -0.54 -3.81
CA TYR A 41 39.35 -0.19 -3.47
C TYR A 41 39.21 0.20 -1.99
N ASP A 42 39.69 -0.70 -1.11
CA ASP A 42 39.68 -0.58 0.34
C ASP A 42 40.30 0.73 0.80
N LYS A 43 41.37 1.17 0.11
CA LYS A 43 42.09 2.40 0.41
C LYS A 43 41.18 3.63 0.27
N TYR A 44 40.46 3.77 -0.85
CA TYR A 44 39.60 4.94 -1.08
C TYR A 44 38.35 4.90 -0.22
N ARG A 45 37.77 3.68 -0.06
CA ARG A 45 36.62 3.41 0.81
C ARG A 45 36.98 3.80 2.25
N ASP A 46 38.12 3.30 2.80
CA ASP A 46 38.57 3.58 4.16
C ASP A 46 39.05 5.02 4.36
N ALA A 47 39.56 5.67 3.30
CA ALA A 47 39.93 7.09 3.38
C ALA A 47 38.64 7.89 3.62
N PHE A 48 37.55 7.61 2.87
CA PHE A 48 36.30 8.31 3.07
C PHE A 48 35.66 7.97 4.41
N LEU A 49 35.67 6.67 4.79
CA LEU A 49 35.11 6.28 6.09
C LEU A 49 35.80 7.01 7.21
N SER A 50 37.16 7.12 7.14
CA SER A 50 38.03 7.84 8.08
C SER A 50 37.64 9.30 8.20
N HIS A 51 37.27 9.95 7.08
CA HIS A 51 36.80 11.34 7.09
C HIS A 51 35.56 11.49 7.98
N LEU A 52 34.61 10.54 7.91
CA LEU A 52 33.39 10.59 8.70
C LEU A 52 33.69 10.27 10.16
N ASN A 53 34.70 9.45 10.39
CA ASN A 53 35.14 9.09 11.72
C ASN A 53 35.76 10.28 12.49
N GLU A 54 36.07 11.39 11.79
CA GLU A 54 36.60 12.63 12.37
C GLU A 54 35.47 13.55 12.86
N TYR A 55 34.19 13.26 12.48
CA TYR A 55 33.01 14.04 12.90
C TYR A 55 32.84 14.01 14.42
N SER A 56 32.26 15.09 14.99
CA SER A 56 32.00 15.20 16.42
C SER A 56 30.76 14.37 16.78
N LEU A 57 30.99 13.06 16.95
CA LEU A 57 29.94 12.08 17.28
C LEU A 57 30.42 11.18 18.41
N GLU A 58 29.49 10.61 19.17
CA GLU A 58 29.79 9.68 20.26
C GLU A 58 30.36 8.42 19.66
N GLU A 59 31.36 7.82 20.31
CA GLU A 59 32.10 6.65 19.84
C GLU A 59 31.22 5.51 19.32
N GLU A 60 30.12 5.18 20.03
CA GLU A 60 29.18 4.12 19.65
C GLU A 60 28.43 4.51 18.35
N ILE A 61 28.09 5.81 18.19
CA ILE A 61 27.41 6.32 17.00
C ILE A 61 28.36 6.26 15.78
N LYS A 62 29.67 6.57 15.97
CA LYS A 62 30.73 6.48 14.95
C LYS A 62 30.88 5.03 14.47
N GLU A 63 30.78 4.05 15.39
CA GLU A 63 30.86 2.62 15.10
C GLU A 63 29.67 2.17 14.24
N HIS A 64 28.47 2.71 14.53
CA HIS A 64 27.26 2.39 13.77
C HIS A 64 27.32 2.96 12.35
N ILE A 65 27.78 4.23 12.21
CA ILE A 65 27.90 4.92 10.92
C ILE A 65 28.95 4.19 10.04
N SER A 66 30.05 3.71 10.65
CA SER A 66 31.11 2.99 9.91
C SER A 66 30.62 1.67 9.34
N LYS A 67 29.91 0.89 10.16
CA LYS A 67 29.32 -0.40 9.78
C LYS A 67 28.33 -0.21 8.60
N TYR A 68 27.43 0.81 8.70
CA TYR A 68 26.43 1.10 7.68
C TYR A 68 27.06 1.54 6.39
N TYR A 69 27.97 2.52 6.45
CA TYR A 69 28.55 3.09 5.24
C TYR A 69 29.57 2.18 4.55
N LYS A 70 30.28 1.32 5.30
CA LYS A 70 31.19 0.35 4.70
C LYS A 70 30.35 -0.57 3.79
N LEU A 71 29.21 -1.04 4.30
CA LEU A 71 28.28 -1.88 3.54
C LEU A 71 27.67 -1.10 2.34
N LEU A 72 27.24 0.16 2.51
CA LEU A 72 26.68 0.95 1.40
C LEU A 72 27.65 1.02 0.20
N PHE A 73 28.96 1.16 0.50
CA PHE A 73 30.02 1.21 -0.50
C PHE A 73 30.29 -0.18 -1.10
N ASP A 74 30.57 -1.20 -0.26
CA ASP A 74 30.86 -2.56 -0.73
C ASP A 74 29.73 -3.12 -1.57
N TYR A 75 28.50 -3.02 -1.06
CA TYR A 75 27.29 -3.54 -1.70
C TYR A 75 27.01 -2.92 -3.06
N ASN A 76 27.28 -1.61 -3.23
CA ASN A 76 26.90 -0.90 -4.44
C ASN A 76 28.04 -0.53 -5.36
N CYS A 77 29.31 -0.56 -4.90
CA CYS A 77 30.49 -0.25 -5.74
C CYS A 77 31.11 -1.49 -6.34
N LEU A 78 30.89 -2.66 -5.71
CA LEU A 78 31.46 -3.93 -6.13
C LEU A 78 30.45 -4.84 -6.82
N GLY A 79 30.99 -5.77 -7.61
CA GLY A 79 30.22 -6.78 -8.34
C GLY A 79 30.03 -6.55 -9.82
N GLY A 80 30.38 -5.35 -10.30
CA GLY A 80 30.25 -4.99 -11.70
C GLY A 80 31.48 -5.34 -12.53
N LYS A 81 31.43 -4.97 -13.83
CA LYS A 81 32.48 -5.17 -14.81
C LYS A 81 33.66 -4.22 -14.53
N ASN A 82 33.36 -3.06 -13.91
CA ASN A 82 34.28 -1.97 -13.55
C ASN A 82 34.89 -1.35 -14.79
N ASN A 83 34.15 -1.37 -15.91
CA ASN A 83 34.60 -0.84 -17.21
C ASN A 83 35.02 0.62 -17.15
N ARG A 84 34.25 1.46 -16.42
CA ARG A 84 34.52 2.89 -16.27
C ARG A 84 35.82 3.19 -15.52
N GLY A 85 36.03 2.52 -14.39
CA GLY A 85 37.23 2.66 -13.58
C GLY A 85 38.48 2.19 -14.30
N ILE A 86 38.42 1.01 -14.92
CA ILE A 86 39.48 0.39 -15.73
C ILE A 86 39.84 1.32 -16.92
N LEU A 87 38.83 1.98 -17.51
CA LEU A 87 39.01 2.94 -18.60
C LEU A 87 39.86 4.16 -18.17
N VAL A 88 39.68 4.67 -16.92
CA VAL A 88 40.48 5.80 -16.37
C VAL A 88 41.96 5.38 -16.32
N ILE A 89 42.21 4.20 -15.72
CA ILE A 89 43.51 3.55 -15.53
C ILE A 89 44.23 3.39 -16.86
N LEU A 90 43.54 2.81 -17.87
CA LEU A 90 44.12 2.56 -19.18
C LEU A 90 44.39 3.84 -19.97
N ILE A 91 43.42 4.78 -20.03
CA ILE A 91 43.60 6.06 -20.72
C ILE A 91 44.81 6.81 -20.12
N TYR A 92 44.90 6.87 -18.78
CA TYR A 92 46.01 7.54 -18.09
C TYR A 92 47.36 6.93 -18.46
N GLU A 93 47.45 5.59 -18.39
CA GLU A 93 48.64 4.80 -18.71
C GLU A 93 49.09 5.03 -20.16
N TYR A 94 48.16 4.95 -21.12
CA TYR A 94 48.49 5.06 -22.54
C TYR A 94 48.60 6.51 -23.03
N VAL A 95 48.34 7.51 -22.17
CA VAL A 95 48.55 8.92 -22.56
C VAL A 95 49.98 9.28 -22.09
N LYS A 96 50.35 8.81 -20.87
CA LYS A 96 51.66 9.03 -20.28
C LYS A 96 52.74 8.04 -20.81
N ASN A 97 54.02 8.37 -20.56
CA ASN A 97 55.16 7.52 -20.89
C ASN A 97 55.73 7.09 -19.53
N ARG A 98 55.26 5.90 -19.08
CA ARG A 98 55.53 5.24 -17.81
C ARG A 98 56.98 5.33 -17.34
N ILE A 100 55.24 5.34 -14.69
CA ILE A 100 54.25 5.91 -13.78
C ILE A 100 54.57 5.39 -12.38
N ASN A 101 54.77 6.31 -11.45
CA ASN A 101 55.06 5.95 -10.07
C ASN A 101 53.77 5.69 -9.28
N SER A 102 53.89 5.06 -8.10
CA SER A 102 52.80 4.69 -7.20
C SER A 102 51.92 5.87 -6.76
N SER A 103 52.53 7.07 -6.58
CA SER A 103 51.86 8.32 -6.19
C SER A 103 50.92 8.80 -7.29
N GLU A 104 51.34 8.60 -8.56
CA GLU A 104 50.57 8.95 -9.76
C GLU A 104 49.46 7.92 -9.96
N TRP A 105 49.70 6.66 -9.57
CA TRP A 105 48.73 5.60 -9.66
C TRP A 105 47.63 5.79 -8.62
N GLU A 106 48.02 6.28 -7.42
CA GLU A 106 47.14 6.59 -6.30
C GLU A 106 46.09 7.64 -6.73
N LYS A 107 46.48 8.63 -7.56
CA LYS A 107 45.58 9.67 -8.06
C LYS A 107 44.65 9.14 -9.17
N ALA A 108 45.18 8.28 -10.09
CA ALA A 108 44.42 7.69 -11.20
C ALA A 108 43.35 6.69 -10.72
N ALA A 109 43.72 5.81 -9.77
CA ALA A 109 42.85 4.82 -9.17
C ALA A 109 41.80 5.49 -8.30
N CYS A 110 42.09 6.69 -7.79
CA CYS A 110 41.14 7.49 -7.01
C CYS A 110 40.00 7.90 -7.95
N LEU A 111 40.36 8.54 -9.07
CA LEU A 111 39.44 8.99 -10.10
C LEU A 111 38.63 7.83 -10.70
N ALA A 112 39.29 6.68 -10.89
CA ALA A 112 38.71 5.43 -11.36
C ALA A 112 37.65 4.91 -10.39
N TRP A 113 37.96 4.90 -9.09
CA TRP A 113 37.01 4.44 -8.08
C TRP A 113 35.86 5.42 -7.88
N CYS A 114 36.09 6.72 -8.11
CA CYS A 114 35.12 7.82 -8.02
C CYS A 114 34.02 7.68 -9.08
N ILE A 115 34.35 7.10 -10.26
CA ILE A 115 33.39 6.85 -11.36
C ILE A 115 32.59 5.57 -11.05
N GLU A 116 33.20 4.64 -10.29
CA GLU A 116 32.56 3.42 -9.81
C GLU A 116 31.62 3.78 -8.67
N ILE A 117 31.97 4.82 -7.86
CA ILE A 117 31.09 5.35 -6.80
C ILE A 117 29.93 6.10 -7.48
N LEU A 118 30.23 6.87 -8.57
CA LEU A 118 29.19 7.58 -9.34
C LEU A 118 28.21 6.59 -9.96
N GLN A 119 28.73 5.47 -10.50
CA GLN A 119 27.91 4.40 -11.06
C GLN A 119 26.94 3.89 -9.95
N ALA A 120 27.47 3.61 -8.76
CA ALA A 120 26.76 3.15 -7.56
C ALA A 120 25.63 4.09 -7.18
N ALA A 121 25.92 5.42 -7.08
CA ALA A 121 24.93 6.46 -6.77
C ALA A 121 23.79 6.42 -7.80
N PHE A 122 24.12 6.49 -9.12
CA PHE A 122 23.17 6.47 -10.23
C PHE A 122 22.33 5.20 -10.29
N LEU A 123 22.93 4.02 -10.01
CA LEU A 123 22.20 2.74 -10.04
C LEU A 123 21.26 2.59 -8.85
N VAL A 124 21.67 3.12 -7.66
CA VAL A 124 20.83 3.08 -6.46
C VAL A 124 19.51 3.88 -6.73
N ALA A 125 19.65 5.10 -7.31
CA ALA A 125 18.56 5.99 -7.70
C ALA A 125 17.75 5.40 -8.89
N ASP A 126 18.45 4.80 -9.85
CA ASP A 126 17.85 4.19 -11.04
C ASP A 126 16.89 3.07 -10.68
N ASP A 127 17.32 2.21 -9.75
CA ASP A 127 16.52 1.07 -9.28
C ASP A 127 15.32 1.51 -8.48
N ILE A 128 15.37 2.66 -7.80
CA ILE A 128 14.19 3.22 -7.14
C ILE A 128 13.20 3.64 -8.28
N MET A 129 13.69 4.41 -9.26
CA MET A 129 12.91 4.96 -10.38
C MET A 129 12.29 3.91 -11.26
N ASP A 130 13.03 2.84 -11.53
CA ASP A 130 12.63 1.73 -12.41
C ASP A 130 12.04 0.54 -11.66
N LYS A 131 11.82 0.66 -10.34
CA LYS A 131 11.28 -0.41 -9.49
C LYS A 131 12.08 -1.69 -9.69
N GLY A 132 13.41 -1.56 -9.62
CA GLY A 132 14.34 -2.67 -9.80
C GLY A 132 14.19 -3.76 -8.76
N GLU A 133 14.43 -5.00 -9.16
CA GLU A 133 14.35 -6.14 -8.26
C GLU A 133 15.76 -6.61 -7.85
N MET A 134 16.62 -6.78 -8.88
CA MET A 134 17.96 -7.29 -8.74
C MET A 134 18.97 -6.36 -9.39
N ARG A 135 20.14 -6.25 -8.76
CA ARG A 135 21.26 -5.47 -9.25
C ARG A 135 22.51 -6.26 -8.91
N ARG A 136 23.28 -6.67 -9.94
CA ARG A 136 24.52 -7.46 -9.80
C ARG A 136 24.28 -8.76 -8.99
N ASN A 137 23.11 -9.40 -9.23
CA ASN A 137 22.63 -10.67 -8.64
C ASN A 137 22.31 -10.60 -7.16
N LYS A 138 22.20 -9.38 -6.63
CA LYS A 138 21.85 -9.12 -5.23
C LYS A 138 20.59 -8.29 -5.32
N TYR A 139 19.82 -8.25 -4.22
CA TYR A 139 18.61 -7.43 -4.20
C TYR A 139 19.05 -5.98 -4.24
N CYS A 140 18.26 -5.12 -4.90
CA CYS A 140 18.54 -3.69 -4.95
C CYS A 140 18.57 -3.16 -3.52
N TRP A 141 19.48 -2.24 -3.25
CA TRP A 141 19.71 -1.61 -1.95
C TRP A 141 18.41 -1.04 -1.31
N TYR A 142 17.58 -0.31 -2.09
CA TYR A 142 16.35 0.32 -1.61
C TYR A 142 15.30 -0.70 -1.15
N LEU A 143 15.41 -1.95 -1.62
CA LEU A 143 14.44 -3.01 -1.27
C LEU A 143 14.68 -3.59 0.13
N LEU A 144 15.92 -3.53 0.62
CA LEU A 144 16.30 -4.04 1.94
C LEU A 144 15.52 -3.32 3.04
N LYS A 145 14.92 -4.11 3.96
CA LYS A 145 14.11 -3.60 5.08
C LYS A 145 14.92 -2.76 6.07
N ASP A 146 16.27 -2.95 6.09
CA ASP A 146 17.18 -2.17 6.93
C ASP A 146 17.53 -0.83 6.26
N VAL A 147 17.21 -0.72 4.97
CA VAL A 147 17.53 0.46 4.17
C VAL A 147 16.25 1.20 3.81
N GLU A 148 15.51 0.69 2.81
CA GLU A 148 14.27 1.26 2.26
C GLU A 148 14.58 2.52 1.44
N THR A 149 13.57 3.07 0.77
CA THR A 149 13.70 4.25 -0.09
C THR A 149 14.20 5.45 0.73
N LYS A 150 13.72 5.62 1.98
CA LYS A 150 14.13 6.73 2.88
CA LYS A 150 14.12 6.73 2.86
C LYS A 150 15.66 6.78 3.05
N ASN A 151 16.34 5.62 3.20
CA ASN A 151 17.78 5.64 3.34
C ASN A 151 18.43 5.71 1.99
N ALA A 152 17.88 5.00 1.02
CA ALA A 152 18.42 4.93 -0.31
C ALA A 152 18.60 6.34 -0.93
N VAL A 153 17.61 7.24 -0.78
CA VAL A 153 17.65 8.63 -1.29
C VAL A 153 18.83 9.40 -0.63
N ASN A 154 18.96 9.27 0.71
CA ASN A 154 20.02 9.91 1.46
C ASN A 154 21.39 9.35 1.08
N ASP A 155 21.46 8.03 0.82
CA ASP A 155 22.65 7.28 0.42
C ASP A 155 23.15 7.63 -0.98
N VAL A 156 22.25 7.97 -1.92
CA VAL A 156 22.59 8.44 -3.28
C VAL A 156 23.43 9.73 -3.12
N LEU A 157 22.95 10.66 -2.26
CA LEU A 157 23.59 11.93 -1.93
C LEU A 157 24.92 11.69 -1.25
N LEU A 158 25.01 10.69 -0.34
CA LEU A 158 26.27 10.38 0.32
C LEU A 158 27.30 9.89 -0.68
N LEU A 159 26.96 8.86 -1.48
CA LEU A 159 27.84 8.30 -2.51
C LEU A 159 28.31 9.38 -3.46
N TYR A 160 27.39 10.23 -3.91
CA TYR A 160 27.71 11.32 -4.82
C TYR A 160 28.70 12.31 -4.21
N ASN A 161 28.49 12.69 -2.96
CA ASN A 161 29.34 13.66 -2.30
C ASN A 161 30.69 13.07 -1.88
N SER A 162 30.78 11.74 -1.65
CA SER A 162 32.03 11.07 -1.26
C SER A 162 33.12 11.21 -2.32
N ILE A 163 32.72 11.26 -3.58
CA ILE A 163 33.54 11.46 -4.76
C ILE A 163 34.42 12.71 -4.56
N TYR A 164 33.75 13.86 -4.36
CA TYR A 164 34.37 15.19 -4.25
C TYR A 164 35.30 15.30 -3.05
N LYS A 165 34.97 14.61 -1.95
CA LYS A 165 35.84 14.52 -0.79
C LYS A 165 37.10 13.72 -1.16
N LEU A 166 36.92 12.58 -1.88
CA LEU A 166 38.03 11.74 -2.31
C LEU A 166 38.93 12.44 -3.31
N ILE A 167 38.36 13.22 -4.28
CA ILE A 167 39.14 13.99 -5.26
C ILE A 167 39.95 15.09 -4.52
N GLU A 168 39.39 15.68 -3.46
CA GLU A 168 40.04 16.70 -2.66
C GLU A 168 41.23 16.10 -1.92
N ILE A 169 41.03 14.94 -1.24
CA ILE A 169 42.07 14.24 -0.49
C ILE A 169 43.28 13.87 -1.37
N TYR A 170 43.03 13.36 -2.59
CA TYR A 170 44.07 12.84 -3.47
C TYR A 170 44.54 13.75 -4.60
N LEU A 171 43.77 14.77 -5.00
CA LEU A 171 44.14 15.62 -6.12
C LEU A 171 43.98 17.13 -5.88
N ARG A 172 43.73 17.58 -4.64
CA ARG A 172 43.56 19.03 -4.42
C ARG A 172 44.74 19.91 -4.92
N ASN A 173 45.98 19.39 -4.89
CA ASN A 173 47.13 20.19 -5.29
C ASN A 173 47.51 20.03 -6.78
N GLU A 174 46.77 19.19 -7.51
CA GLU A 174 46.91 18.99 -8.96
C GLU A 174 46.38 20.22 -9.70
N SER A 175 46.92 20.50 -10.89
CA SER A 175 46.48 21.63 -11.71
C SER A 175 45.14 21.33 -12.38
N CYS A 176 44.83 20.04 -12.61
CA CYS A 176 43.59 19.58 -13.24
C CYS A 176 42.43 19.49 -12.23
N TYR A 177 42.70 19.76 -10.93
CA TYR A 177 41.74 19.65 -9.83
C TYR A 177 40.35 20.25 -10.12
N VAL A 178 40.29 21.54 -10.48
CA VAL A 178 39.03 22.26 -10.76
C VAL A 178 38.39 21.68 -12.03
N ASP A 179 39.23 21.33 -13.02
CA ASP A 179 38.80 20.73 -14.30
C ASP A 179 38.20 19.33 -14.11
N VAL A 180 38.73 18.55 -13.15
CA VAL A 180 38.23 17.21 -12.85
C VAL A 180 36.86 17.30 -12.16
N ILE A 181 36.73 18.15 -11.12
CA ILE A 181 35.46 18.29 -10.40
C ILE A 181 34.37 18.93 -11.33
N ALA A 182 34.75 19.81 -12.25
CA ALA A 182 33.79 20.37 -13.21
C ALA A 182 33.31 19.31 -14.21
N THR A 183 34.18 18.35 -14.60
CA THR A 183 33.84 17.28 -15.55
C THR A 183 32.82 16.32 -14.93
N PHE A 184 33.02 15.98 -13.63
CA PHE A 184 32.13 15.12 -12.85
C PHE A 184 30.76 15.76 -12.72
N ARG A 185 30.71 17.06 -12.33
CA ARG A 185 29.43 17.71 -12.15
CA ARG A 185 29.48 17.83 -12.15
C ARG A 185 28.66 17.91 -13.44
N ASP A 186 29.35 18.19 -14.59
CA ASP A 186 28.68 18.35 -15.89
C ASP A 186 28.21 17.00 -16.45
N ALA A 187 28.98 15.92 -16.23
CA ALA A 187 28.66 14.55 -16.63
C ALA A 187 27.41 14.14 -15.86
N THR A 188 27.40 14.40 -14.52
CA THR A 188 26.28 14.14 -13.62
C THR A 188 25.02 14.92 -14.04
N LEU A 189 25.13 16.26 -14.26
CA LEU A 189 24.00 17.11 -14.72
C LEU A 189 23.36 16.59 -16.02
N LYS A 190 24.17 16.12 -16.96
CA LYS A 190 23.71 15.55 -18.23
C LYS A 190 22.98 14.22 -18.00
N THR A 191 23.49 13.37 -17.09
CA THR A 191 22.89 12.08 -16.71
C THR A 191 21.53 12.31 -16.09
N ILE A 192 21.42 13.30 -15.15
CA ILE A 192 20.16 13.66 -14.46
C ILE A 192 19.06 14.06 -15.47
N ILE A 193 19.43 14.86 -16.51
CA ILE A 193 18.50 15.27 -17.56
C ILE A 193 18.03 14.03 -18.37
N GLY A 194 18.94 13.12 -18.72
CA GLY A 194 18.57 11.91 -19.46
C GLY A 194 17.68 10.99 -18.66
N GLN A 195 17.98 10.87 -17.34
CA GLN A 195 17.17 10.05 -16.41
C GLN A 195 15.76 10.62 -16.29
N HIS A 196 15.64 11.95 -16.32
CA HIS A 196 14.39 12.65 -16.32
C HIS A 196 13.63 12.37 -17.64
N LEU A 197 14.32 12.44 -18.79
CA LEU A 197 13.69 12.16 -20.10
C LEU A 197 13.28 10.70 -20.21
N ASP A 198 14.15 9.77 -19.74
CA ASP A 198 13.86 8.33 -19.73
C ASP A 198 12.57 7.99 -18.97
N THR A 199 12.33 8.72 -17.87
CA THR A 199 11.25 8.58 -16.91
C THR A 199 10.00 9.34 -17.32
N ASN A 200 10.11 10.42 -18.14
CA ASN A 200 8.95 11.25 -18.45
C ASN A 200 8.61 11.44 -19.91
N ILE A 201 9.37 10.85 -20.85
CA ILE A 201 9.14 11.05 -22.29
C ILE A 201 7.68 10.74 -22.76
N PHE A 202 6.98 9.77 -22.12
CA PHE A 202 5.64 9.35 -22.47
C PHE A 202 4.58 9.90 -21.49
N SER A 203 5.00 10.67 -20.46
CA SER A 203 4.14 11.27 -19.43
C SER A 203 3.18 12.32 -20.02
N ASP A 204 1.99 12.43 -19.39
CA ASP A 204 0.89 13.33 -19.80
C ASP A 204 1.30 14.78 -19.85
N LYS A 205 2.14 15.24 -18.90
CA LYS A 205 2.60 16.62 -18.83
C LYS A 205 3.35 17.04 -20.11
N TYR A 206 3.91 16.05 -20.87
CA TYR A 206 4.63 16.25 -22.13
C TYR A 206 3.80 15.88 -23.38
N SER A 207 2.75 15.05 -23.20
CA SER A 207 1.86 14.59 -24.26
C SER A 207 0.43 15.03 -23.99
N GLU A 212 0.12 21.94 -18.91
CA GLU A 212 0.90 22.34 -17.72
C GLU A 212 0.83 21.33 -16.56
N ILE A 213 1.94 21.21 -15.79
CA ILE A 213 2.04 20.32 -14.61
C ILE A 213 0.97 20.74 -13.57
N ASP A 214 0.18 19.77 -13.12
CA ASP A 214 -0.88 20.00 -12.15
C ASP A 214 -0.34 19.91 -10.72
N VAL A 215 -0.21 21.08 -10.08
CA VAL A 215 0.28 21.25 -8.71
C VAL A 215 -0.84 20.96 -7.66
N ASN A 216 -2.05 20.58 -8.12
CA ASN A 216 -3.17 20.27 -7.23
C ASN A 216 -3.56 18.80 -7.24
N ASN A 217 -2.94 18.02 -8.12
CA ASN A 217 -3.22 16.60 -8.21
C ASN A 217 -2.16 15.75 -7.47
N ILE A 218 -2.60 15.12 -6.38
CA ILE A 218 -1.84 14.17 -5.54
C ILE A 218 -2.68 12.89 -5.34
N ASN A 219 -3.89 12.80 -5.98
CA ASN A 219 -4.82 11.69 -5.78
CA ASN A 219 -4.85 11.70 -5.78
C ASN A 219 -5.21 10.91 -7.05
N VAL A 220 -5.16 11.56 -8.23
CA VAL A 220 -5.52 10.96 -9.52
C VAL A 220 -4.25 10.45 -10.24
N PRO A 221 -3.93 9.12 -10.16
CA PRO A 221 -2.70 8.63 -10.79
C PRO A 221 -2.74 8.69 -12.31
N GLU A 222 -1.56 8.82 -12.90
CA GLU A 222 -1.45 8.84 -14.34
C GLU A 222 -1.44 7.41 -14.82
N GLN A 223 -2.20 7.16 -15.88
CA GLN A 223 -2.29 5.87 -16.52
C GLN A 223 -1.18 5.87 -17.57
N PRO A 224 -0.15 5.02 -17.40
CA PRO A 224 0.96 5.00 -18.38
C PRO A 224 0.49 4.57 -19.78
N VAL A 225 0.79 5.41 -20.77
CA VAL A 225 0.46 5.22 -22.20
C VAL A 225 1.70 5.68 -22.99
N ILE A 226 2.01 5.00 -24.12
CA ILE A 226 3.11 5.41 -25.02
C ILE A 226 2.65 6.61 -25.83
N ASP A 227 3.59 7.49 -26.21
CA ASP A 227 3.30 8.64 -27.07
C ASP A 227 4.00 8.31 -28.40
N ILE A 228 3.20 7.99 -29.44
CA ILE A 228 3.66 7.61 -30.78
C ILE A 228 4.53 8.71 -31.41
N ASN A 229 4.31 9.99 -31.05
CA ASN A 229 5.11 11.10 -31.56
C ASN A 229 6.54 11.11 -31.02
N MET A 230 6.81 10.32 -29.95
CA MET A 230 8.11 10.21 -29.31
C MET A 230 8.86 8.95 -29.73
N ILE A 231 8.16 8.04 -30.43
CA ILE A 231 8.75 6.78 -30.86
C ILE A 231 9.52 7.02 -32.19
N ASN A 232 10.75 7.54 -32.05
CA ASN A 232 11.73 7.77 -33.13
C ASN A 232 13.12 7.80 -32.53
N PHE A 233 14.13 7.46 -33.33
CA PHE A 233 15.52 7.39 -32.90
C PHE A 233 16.11 8.74 -32.54
N GLY A 234 15.56 9.83 -33.09
CA GLY A 234 16.00 11.18 -32.80
C GLY A 234 15.89 11.52 -31.32
N VAL A 235 14.69 11.26 -30.77
CA VAL A 235 14.31 11.42 -29.36
C VAL A 235 15.13 10.40 -28.54
N TYR A 236 15.17 9.12 -29.00
CA TYR A 236 15.92 8.03 -28.36
C TYR A 236 17.38 8.40 -28.13
N LYS A 237 18.08 8.91 -29.16
CA LYS A 237 19.49 9.31 -29.09
C LYS A 237 19.68 10.43 -28.08
N ASN A 238 18.74 11.40 -28.00
CA ASN A 238 18.73 12.50 -27.02
C ASN A 238 18.76 11.98 -25.58
N ILE A 239 17.95 10.96 -25.27
CA ILE A 239 17.83 10.33 -23.95
C ILE A 239 19.12 9.57 -23.58
N VAL A 240 19.55 8.63 -24.47
CA VAL A 240 20.67 7.67 -24.27
C VAL A 240 22.08 8.35 -24.22
N ILE A 241 22.24 9.44 -24.98
CA ILE A 241 23.45 10.24 -25.00
C ILE A 241 23.59 10.91 -23.61
N HIS A 242 22.46 11.38 -23.04
CA HIS A 242 22.43 12.03 -21.75
C HIS A 242 22.41 11.06 -20.56
N LYS A 243 21.52 10.07 -20.53
CA LYS A 243 21.49 9.13 -19.40
C LYS A 243 22.70 8.16 -19.30
N THR A 244 23.42 7.88 -20.44
CA THR A 244 24.51 6.88 -20.46
C THR A 244 25.88 7.37 -21.01
N ALA A 245 25.95 8.02 -22.17
CA ALA A 245 27.22 8.35 -22.85
C ALA A 245 28.22 9.23 -22.08
N TYR A 246 27.74 10.26 -21.39
CA TYR A 246 28.55 11.21 -20.65
C TYR A 246 29.22 10.62 -19.40
N TYR A 247 28.47 9.97 -18.50
CA TYR A 247 29.08 9.41 -17.31
C TYR A 247 29.80 8.07 -17.55
N SER A 248 29.38 7.32 -18.59
CA SER A 248 29.93 5.99 -18.85
C SER A 248 31.11 5.98 -19.78
N PHE A 249 31.20 6.94 -20.71
CA PHE A 249 32.33 6.98 -21.63
C PHE A 249 33.09 8.29 -21.55
N PHE A 250 32.43 9.45 -21.73
CA PHE A 250 33.10 10.76 -21.73
C PHE A 250 33.88 11.04 -20.44
N LEU A 251 33.18 10.98 -19.29
CA LEU A 251 33.77 11.24 -17.98
C LEU A 251 35.04 10.36 -17.72
N PRO A 252 35.04 8.98 -17.83
CA PRO A 252 36.29 8.25 -17.53
C PRO A 252 37.47 8.55 -18.48
N ILE A 253 37.20 8.80 -19.80
CA ILE A 253 38.25 9.11 -20.77
C ILE A 253 38.85 10.50 -20.44
N VAL A 254 38.01 11.52 -20.18
CA VAL A 254 38.43 12.89 -19.85
C VAL A 254 39.25 12.91 -18.53
N CYS A 255 38.84 12.11 -17.53
CA CYS A 255 39.55 11.97 -16.25
C CYS A 255 41.02 11.53 -16.49
N GLY A 256 41.20 10.44 -17.25
CA GLY A 256 42.51 9.91 -17.58
C GLY A 256 43.37 10.89 -18.36
N MET A 257 42.75 11.63 -19.30
CA MET A 257 43.37 12.65 -20.15
C MET A 257 43.78 13.92 -19.38
N LEU A 258 42.87 14.45 -18.51
CA LEU A 258 43.16 15.63 -17.69
C LEU A 258 44.29 15.33 -16.72
N LEU A 259 44.28 14.13 -16.10
CA LEU A 259 45.31 13.73 -15.13
C LEU A 259 46.66 13.53 -15.81
N ALA A 260 46.67 13.01 -17.05
CA ALA A 260 47.88 12.79 -17.84
C ALA A 260 48.42 14.09 -18.44
N GLY A 261 47.65 15.17 -18.35
CA GLY A 261 48.07 16.50 -18.77
C GLY A 261 47.68 17.04 -20.13
N ILE A 262 46.66 16.46 -20.79
CA ILE A 262 46.21 16.99 -22.08
C ILE A 262 45.42 18.29 -21.81
N ALA A 263 45.84 19.40 -22.43
CA ALA A 263 45.26 20.74 -22.26
C ALA A 263 43.80 20.79 -22.69
N VAL A 264 42.94 21.32 -21.78
CA VAL A 264 41.48 21.44 -21.93
C VAL A 264 41.06 22.13 -23.25
N ASP A 265 42.00 22.86 -23.88
CA ASP A 265 41.77 23.56 -25.14
C ASP A 265 42.06 22.69 -26.37
N ASN A 266 42.72 21.51 -26.17
CA ASN A 266 43.06 20.56 -27.22
C ASN A 266 41.81 20.02 -27.93
N LEU A 267 41.83 20.03 -29.28
CA LEU A 267 40.74 19.61 -30.16
C LEU A 267 40.38 18.12 -30.05
N ILE A 268 41.30 17.30 -29.45
CA ILE A 268 41.11 15.86 -29.24
C ILE A 268 39.91 15.60 -28.34
N TYR A 269 39.63 16.51 -27.37
CA TYR A 269 38.51 16.43 -26.42
C TYR A 269 37.14 16.42 -27.11
N LYS A 270 36.99 17.12 -28.26
CA LYS A 270 35.74 17.13 -29.02
C LYS A 270 35.58 15.80 -29.75
N LYS A 271 36.71 15.23 -30.26
CA LYS A 271 36.72 13.94 -30.95
C LYS A 271 36.31 12.85 -29.97
N ILE A 272 36.83 12.94 -28.73
CA ILE A 272 36.53 12.03 -27.61
C ILE A 272 35.03 12.13 -27.27
N GLU A 273 34.49 13.35 -27.23
CA GLU A 273 33.09 13.60 -26.95
C GLU A 273 32.22 12.88 -27.95
N ASP A 274 32.57 13.01 -29.25
CA ASP A 274 31.85 12.40 -30.37
C ASP A 274 31.92 10.88 -30.36
N ILE A 275 33.10 10.29 -30.05
CA ILE A 275 33.28 8.82 -29.92
C ILE A 275 32.42 8.29 -28.72
N SER A 276 32.45 9.03 -27.58
CA SER A 276 31.70 8.73 -26.34
C SER A 276 30.17 8.64 -26.61
N MET A 277 29.64 9.52 -27.51
CA MET A 277 28.23 9.59 -27.92
C MET A 277 27.87 8.36 -28.74
N LEU A 278 28.74 7.99 -29.69
CA LEU A 278 28.60 6.79 -30.52
C LEU A 278 28.63 5.53 -29.63
N MET A 279 29.57 5.50 -28.64
CA MET A 279 29.77 4.39 -27.72
C MET A 279 28.64 4.26 -26.71
N GLY A 280 28.13 5.40 -26.24
CA GLY A 280 27.04 5.45 -25.28
C GLY A 280 25.73 4.91 -25.81
N GLU A 281 25.45 5.27 -27.07
CA GLU A 281 24.30 4.89 -27.85
C GLU A 281 24.38 3.38 -28.10
N TYR A 282 25.56 2.89 -28.55
CA TYR A 282 25.89 1.48 -28.82
C TYR A 282 25.68 0.64 -27.54
N PHE A 283 26.21 1.14 -26.39
CA PHE A 283 26.13 0.47 -25.11
C PHE A 283 24.68 0.41 -24.56
N GLN A 284 23.92 1.50 -24.69
CA GLN A 284 22.54 1.55 -24.23
C GLN A 284 21.63 0.65 -25.09
N ILE A 285 21.87 0.59 -26.42
CA ILE A 285 21.06 -0.24 -27.32
C ILE A 285 21.21 -1.72 -26.94
N HIS A 286 22.45 -2.16 -26.66
CA HIS A 286 22.77 -3.49 -26.21
C HIS A 286 22.08 -3.80 -24.88
N ASP A 287 22.02 -2.80 -23.96
CA ASP A 287 21.36 -2.91 -22.65
C ASP A 287 19.84 -3.15 -22.84
N ASP A 288 19.21 -2.37 -23.74
CA ASP A 288 17.80 -2.52 -24.04
C ASP A 288 17.53 -3.86 -24.62
N TYR A 289 18.48 -4.39 -25.43
CA TYR A 289 18.44 -5.71 -26.07
C TYR A 289 18.43 -6.76 -24.98
N LEU A 290 19.36 -6.63 -24.02
CA LEU A 290 19.50 -7.55 -22.89
C LEU A 290 18.28 -7.58 -21.97
N ASP A 291 17.54 -6.44 -21.86
CA ASP A 291 16.33 -6.34 -21.04
C ASP A 291 15.28 -7.35 -21.51
N ILE A 292 15.21 -7.60 -22.83
CA ILE A 292 14.29 -8.56 -23.48
C ILE A 292 14.92 -9.95 -23.64
N PHE A 293 16.14 -10.03 -24.22
CA PHE A 293 16.77 -11.29 -24.60
C PHE A 293 17.88 -11.82 -23.69
N GLY A 294 18.24 -11.08 -22.66
CA GLY A 294 19.28 -11.51 -21.73
C GLY A 294 18.79 -12.47 -20.67
N ASP A 295 19.75 -13.12 -19.99
CA ASP A 295 19.50 -14.04 -18.88
C ASP A 295 19.83 -13.26 -17.60
N SER A 296 18.84 -13.12 -16.67
CA SER A 296 18.97 -12.35 -15.42
C SER A 296 20.08 -12.87 -14.48
N THR A 297 20.48 -14.14 -14.61
CA THR A 297 21.58 -14.71 -13.80
C THR A 297 22.92 -14.21 -14.34
N LYS A 298 22.97 -13.95 -15.66
CA LYS A 298 24.17 -13.46 -16.34
C LYS A 298 24.23 -11.94 -16.27
N THR A 299 23.09 -11.25 -16.52
CA THR A 299 23.02 -9.78 -16.47
C THR A 299 23.08 -9.27 -15.02
N GLY A 300 22.60 -10.07 -14.07
CA GLY A 300 22.57 -9.70 -12.65
C GLY A 300 21.40 -8.82 -12.27
N LYS A 301 20.46 -8.62 -13.21
CA LYS A 301 19.29 -7.76 -13.06
C LYS A 301 18.09 -8.35 -13.81
N VAL A 302 16.86 -7.99 -13.38
CA VAL A 302 15.63 -8.49 -13.99
C VAL A 302 15.08 -7.43 -14.95
N GLY A 303 14.78 -7.85 -16.17
CA GLY A 303 14.19 -7.01 -17.22
C GLY A 303 12.85 -6.40 -16.85
N SER A 304 12.64 -5.10 -17.18
CA SER A 304 11.43 -4.38 -16.81
C SER A 304 11.00 -3.20 -17.73
N ASP A 305 11.68 -2.95 -18.87
CA ASP A 305 11.41 -1.78 -19.76
C ASP A 305 10.01 -1.77 -20.37
N ILE A 306 9.44 -2.96 -20.66
CA ILE A 306 8.10 -3.10 -21.26
C ILE A 306 7.07 -2.60 -20.24
N GLN A 307 7.00 -3.29 -19.10
CA GLN A 307 6.12 -2.98 -17.98
C GLN A 307 6.34 -1.60 -17.40
N ASN A 308 7.60 -1.06 -17.46
CA ASN A 308 7.91 0.28 -16.93
C ASN A 308 7.71 1.37 -17.95
N ASN A 309 7.20 1.01 -19.18
CA ASN A 309 6.82 1.91 -20.27
C ASN A 309 8.00 2.78 -20.76
N LYS A 310 9.13 2.14 -21.06
CA LYS A 310 10.35 2.84 -21.53
C LYS A 310 10.44 2.99 -23.04
N LEU A 311 11.04 4.10 -23.50
CA LEU A 311 11.28 4.31 -24.93
C LEU A 311 12.63 3.61 -25.21
N THR A 312 12.54 2.36 -25.65
CA THR A 312 13.70 1.53 -25.90
C THR A 312 13.97 1.39 -27.39
N TRP A 313 15.16 0.85 -27.74
CA TRP A 313 15.52 0.55 -29.11
C TRP A 313 14.60 -0.55 -29.69
N PRO A 314 14.32 -1.71 -29.01
CA PRO A 314 13.38 -2.70 -29.58
C PRO A 314 11.99 -2.14 -29.91
N LEU A 315 11.46 -1.22 -29.06
CA LEU A 315 10.18 -0.55 -29.28
C LEU A 315 10.20 0.33 -30.56
N ILE A 316 11.27 1.14 -30.76
CA ILE A 316 11.38 1.99 -31.95
C ILE A 316 11.58 1.15 -33.22
N LYS A 317 12.50 0.17 -33.19
CA LYS A 317 12.76 -0.73 -34.32
C LYS A 317 11.49 -1.48 -34.74
N THR A 318 10.69 -2.00 -33.76
CA THR A 318 9.41 -2.69 -34.04
C THR A 318 8.39 -1.72 -34.63
N PHE A 319 8.25 -0.52 -34.07
CA PHE A 319 7.32 0.50 -34.56
C PHE A 319 7.61 0.90 -36.00
N GLU A 320 8.89 0.90 -36.37
CA GLU A 320 9.43 1.24 -37.69
C GLU A 320 9.10 0.16 -38.77
N LEU A 321 9.03 -1.13 -38.37
CA LEU A 321 8.81 -2.29 -39.22
C LEU A 321 7.41 -2.86 -39.21
N CYS A 322 6.64 -2.66 -38.13
CA CYS A 322 5.34 -3.30 -37.95
C CYS A 322 4.16 -2.68 -38.67
N SER A 323 3.10 -3.49 -38.83
CA SER A 323 1.83 -3.14 -39.47
C SER A 323 1.03 -2.23 -38.56
N GLU A 324 0.08 -1.44 -39.13
CA GLU A 324 -0.79 -0.54 -38.38
C GLU A 324 -1.56 -1.32 -37.28
N PRO A 325 -2.15 -2.53 -37.53
CA PRO A 325 -2.78 -3.27 -36.42
C PRO A 325 -1.80 -3.68 -35.31
N ASP A 326 -0.51 -3.90 -35.65
CA ASP A 326 0.50 -4.27 -34.65
C ASP A 326 0.91 -3.04 -33.81
N LYS A 327 0.81 -1.82 -34.40
CA LYS A 327 1.04 -0.57 -33.69
C LYS A 327 -0.04 -0.42 -32.61
N ILE A 328 -1.30 -0.79 -32.95
CA ILE A 328 -2.47 -0.74 -32.07
C ILE A 328 -2.30 -1.74 -30.93
N LYS A 329 -1.75 -2.93 -31.23
CA LYS A 329 -1.44 -3.99 -30.29
C LYS A 329 -0.43 -3.47 -29.25
N ILE A 330 0.61 -2.72 -29.71
CA ILE A 330 1.66 -2.15 -28.85
C ILE A 330 1.07 -1.11 -27.88
N VAL A 331 0.27 -0.17 -28.42
CA VAL A 331 -0.38 0.89 -27.65
C VAL A 331 -1.23 0.26 -26.52
N LYS A 332 -1.98 -0.80 -26.84
CA LYS A 332 -2.86 -1.52 -25.93
C LYS A 332 -2.14 -2.36 -24.86
N ASN A 333 -0.99 -2.96 -25.18
CA ASN A 333 -0.30 -3.87 -24.27
C ASN A 333 1.01 -3.39 -23.60
N TYR A 334 1.64 -2.28 -24.05
CA TYR A 334 2.91 -1.79 -23.48
C TYR A 334 2.66 -1.01 -22.18
N GLY A 335 3.60 -1.09 -21.26
CA GLY A 335 3.55 -0.36 -19.99
C GLY A 335 2.60 -0.94 -18.97
N LYS A 336 2.34 -2.26 -19.09
CA LYS A 336 1.42 -2.97 -18.22
C LYS A 336 2.11 -4.10 -17.51
N ASN A 337 2.09 -4.06 -16.16
CA ASN A 337 2.66 -5.13 -15.33
C ASN A 337 1.61 -6.23 -15.29
N ASN A 338 1.55 -7.01 -16.37
CA ASN A 338 0.59 -8.07 -16.63
C ASN A 338 1.24 -9.00 -17.67
N LEU A 339 1.34 -10.29 -17.33
CA LEU A 339 1.95 -11.34 -18.13
C LEU A 339 1.44 -11.37 -19.57
N ALA A 340 0.11 -11.44 -19.80
CA ALA A 340 -0.46 -11.53 -21.14
C ALA A 340 -0.06 -10.35 -22.00
N CYS A 341 -0.06 -9.14 -21.42
CA CYS A 341 0.32 -7.88 -22.05
C CYS A 341 1.79 -7.86 -22.44
N VAL A 342 2.68 -8.25 -21.53
CA VAL A 342 4.11 -8.29 -21.81
C VAL A 342 4.38 -9.34 -22.90
N LYS A 343 3.70 -10.52 -22.81
CA LYS A 343 3.83 -11.63 -23.77
C LYS A 343 3.52 -11.21 -25.20
N VAL A 344 2.52 -10.33 -25.39
CA VAL A 344 2.16 -9.77 -26.69
C VAL A 344 3.38 -9.03 -27.26
N ILE A 345 3.99 -8.13 -26.47
CA ILE A 345 5.12 -7.31 -26.87
C ILE A 345 6.33 -8.18 -27.19
N ASP A 346 6.60 -9.19 -26.34
CA ASP A 346 7.69 -10.16 -26.49
C ASP A 346 7.52 -10.91 -27.81
N SER A 347 6.29 -11.36 -28.09
CA SER A 347 5.90 -12.10 -29.30
C SER A 347 6.12 -11.21 -30.53
N LEU A 348 5.78 -9.93 -30.44
CA LEU A 348 5.97 -8.98 -31.52
C LEU A 348 7.46 -8.74 -31.78
N TYR A 349 8.30 -8.85 -30.72
CA TYR A 349 9.74 -8.67 -30.86
C TYR A 349 10.36 -9.90 -31.55
N GLU A 350 9.74 -11.09 -31.40
CA GLU A 350 10.16 -12.34 -32.03
C GLU A 350 9.71 -12.30 -33.52
N GLN A 351 8.46 -11.85 -33.75
CA GLN A 351 7.83 -11.71 -35.06
C GLN A 351 8.62 -10.79 -35.99
N TYR A 352 9.05 -9.63 -35.49
CA TYR A 352 9.76 -8.66 -36.31
C TYR A 352 11.27 -8.79 -36.20
N LYS A 353 11.74 -9.96 -35.73
CA LYS A 353 13.14 -10.40 -35.67
C LYS A 353 14.09 -9.33 -35.10
N ILE A 354 13.69 -8.70 -33.96
CA ILE A 354 14.45 -7.66 -33.25
C ILE A 354 15.87 -8.14 -32.88
N ARG A 355 16.05 -9.44 -32.55
CA ARG A 355 17.35 -10.04 -32.24
C ARG A 355 18.29 -9.88 -33.46
N LYS A 356 17.74 -10.12 -34.70
CA LYS A 356 18.48 -10.01 -35.97
C LYS A 356 18.83 -8.54 -36.28
N HIS A 357 17.86 -7.62 -36.13
CA HIS A 357 18.06 -6.19 -36.37
C HIS A 357 19.08 -5.60 -35.42
N TYR A 358 19.10 -6.10 -34.16
CA TYR A 358 20.09 -5.65 -33.18
C TYR A 358 21.49 -6.04 -33.64
N GLU A 359 21.68 -7.32 -34.01
CA GLU A 359 22.95 -7.90 -34.48
C GLU A 359 23.53 -7.11 -35.67
N SER A 360 22.65 -6.66 -36.57
CA SER A 360 22.96 -5.85 -37.75
C SER A 360 23.32 -4.43 -37.31
N TYR A 361 22.66 -3.91 -36.24
CA TYR A 361 22.94 -2.59 -35.69
C TYR A 361 24.36 -2.57 -35.08
N GLU A 362 24.64 -3.55 -34.17
CA GLU A 362 25.90 -3.74 -33.44
C GLU A 362 27.08 -3.76 -34.42
N LYS A 363 26.96 -4.57 -35.48
CA LYS A 363 27.96 -4.74 -36.55
C LYS A 363 28.27 -3.39 -37.21
N ALA A 364 27.21 -2.64 -37.60
CA ALA A 364 27.31 -1.33 -38.25
C ALA A 364 27.78 -0.22 -37.31
N GLN A 365 27.34 -0.26 -36.02
CA GLN A 365 27.74 0.75 -35.02
C GLN A 365 29.18 0.55 -34.58
N LYS A 366 29.63 -0.71 -34.40
CA LYS A 366 31.02 -1.02 -34.06
C LYS A 366 31.98 -0.47 -35.13
N ALA A 367 31.61 -0.59 -36.41
CA ALA A 367 32.38 -0.09 -37.55
C ALA A 367 32.48 1.44 -37.53
N LYS A 368 31.35 2.13 -37.27
CA LYS A 368 31.23 3.59 -37.17
C LYS A 368 32.10 4.12 -36.02
N ILE A 369 32.09 3.42 -34.85
CA ILE A 369 32.92 3.74 -33.68
C ILE A 369 34.41 3.59 -34.04
N LEU A 370 34.82 2.43 -34.62
CA LEU A 370 36.20 2.13 -35.05
C LEU A 370 36.74 3.16 -36.04
N SER A 371 35.90 3.60 -36.98
CA SER A 371 36.24 4.61 -37.98
C SER A 371 36.55 5.97 -37.31
N ALA A 372 35.76 6.36 -36.28
CA ALA A 372 35.93 7.60 -35.51
C ALA A 372 37.18 7.51 -34.62
N ILE A 373 37.46 6.31 -34.03
CA ILE A 373 38.64 6.03 -33.20
C ILE A 373 39.93 6.23 -34.04
N ASN A 374 39.93 5.74 -35.30
CA ASN A 374 41.05 5.84 -36.24
C ASN A 374 41.43 7.28 -36.61
N GLU A 375 40.48 8.24 -36.44
CA GLU A 375 40.64 9.66 -36.73
C GLU A 375 41.22 10.44 -35.52
N LEU A 376 41.53 9.74 -34.42
CA LEU A 376 42.05 10.40 -33.21
C LEU A 376 43.49 10.92 -33.33
N HIS A 377 44.33 10.19 -34.07
CA HIS A 377 45.75 10.51 -34.27
C HIS A 377 46.48 10.55 -32.91
N HIS A 378 46.25 9.50 -32.11
CA HIS A 378 46.81 9.23 -30.80
C HIS A 378 46.77 7.71 -30.64
N GLU A 379 47.90 7.02 -30.89
CA GLU A 379 48.00 5.56 -30.83
C GLU A 379 47.63 4.96 -29.48
N GLY A 380 48.00 5.63 -28.38
CA GLY A 380 47.70 5.17 -27.03
C GLY A 380 46.21 5.06 -26.71
N ILE A 381 45.46 6.17 -26.91
CA ILE A 381 44.02 6.28 -26.70
C ILE A 381 43.27 5.30 -27.63
N GLU A 382 43.72 5.22 -28.91
CA GLU A 382 43.19 4.34 -29.94
C GLU A 382 43.23 2.87 -29.54
N TYR A 383 44.33 2.41 -28.90
CA TYR A 383 44.46 1.03 -28.45
C TYR A 383 43.42 0.76 -27.37
N VAL A 384 43.35 1.63 -26.34
CA VAL A 384 42.45 1.55 -25.18
C VAL A 384 40.97 1.49 -25.62
N LEU A 385 40.56 2.40 -26.52
CA LEU A 385 39.21 2.49 -27.04
C LEU A 385 38.85 1.29 -27.89
N LYS A 386 39.80 0.78 -28.69
CA LYS A 386 39.61 -0.44 -29.50
C LYS A 386 39.44 -1.64 -28.55
N TYR A 387 40.26 -1.71 -27.50
CA TYR A 387 40.24 -2.74 -26.48
C TYR A 387 38.93 -2.69 -25.68
N LEU A 388 38.53 -1.49 -25.20
CA LEU A 388 37.28 -1.25 -24.46
C LEU A 388 36.12 -1.81 -25.24
N LEU A 389 36.05 -1.50 -26.55
CA LEU A 389 35.00 -1.90 -27.48
C LEU A 389 34.84 -3.44 -27.55
N GLU A 390 35.91 -4.17 -27.29
CA GLU A 390 35.93 -5.63 -27.27
C GLU A 390 35.43 -6.22 -25.97
N ILE A 391 35.77 -5.60 -24.83
CA ILE A 391 35.41 -6.08 -23.48
C ILE A 391 34.15 -5.42 -22.89
N LEU A 392 33.62 -4.40 -23.55
CA LEU A 392 32.47 -3.61 -23.12
C LEU A 392 31.29 -4.40 -22.52
N PHE A 393 30.90 -5.50 -23.17
CA PHE A 393 29.76 -6.31 -22.77
C PHE A 393 30.11 -7.39 -21.76
N THR A 394 31.41 -7.76 -21.67
CA THR A 394 31.89 -8.82 -20.78
C THR A 394 32.63 -8.31 -19.55
N GLY A 395 33.40 -7.25 -19.72
CA GLY A 395 34.26 -6.68 -18.69
C GLY A 395 35.66 -7.27 -18.84
N VAL A 396 36.50 -7.08 -17.80
CA VAL A 396 37.88 -7.57 -17.68
C VAL A 396 38.78 -6.85 -18.66
N PHE B 36 16.35 43.10 -2.06
CA PHE B 36 16.72 43.02 -3.46
C PHE B 36 16.98 41.56 -3.88
N PHE B 37 17.65 40.74 -3.01
CA PHE B 37 17.97 39.31 -3.14
C PHE B 37 16.71 38.59 -3.68
N ARG B 38 15.51 38.99 -3.22
CA ARG B 38 14.31 38.30 -3.71
C ARG B 38 14.01 38.58 -5.18
N ASN B 39 14.37 39.78 -5.68
CA ASN B 39 14.18 40.16 -7.08
C ASN B 39 15.14 39.38 -7.97
N MET B 40 16.35 39.14 -7.45
CA MET B 40 17.47 38.44 -8.07
C MET B 40 17.25 36.96 -8.32
N TYR B 41 16.17 36.36 -7.77
CA TYR B 41 15.90 34.92 -7.87
C TYR B 41 15.86 34.44 -9.33
N ASP B 42 15.03 35.12 -10.14
CA ASP B 42 14.78 34.85 -11.55
C ASP B 42 16.08 34.77 -12.32
N LYS B 43 17.03 35.64 -11.99
CA LYS B 43 18.34 35.73 -12.61
C LYS B 43 19.13 34.41 -12.45
N TYR B 44 19.25 33.89 -11.23
CA TYR B 44 20.02 32.66 -10.99
C TYR B 44 19.32 31.43 -11.52
N ARG B 45 18.00 31.36 -11.39
CA ARG B 45 17.20 30.28 -11.94
C ARG B 45 17.33 30.26 -13.47
N ASP B 46 17.09 31.41 -14.13
CA ASP B 46 17.17 31.50 -15.58
C ASP B 46 18.58 31.29 -16.10
N ALA B 47 19.61 31.65 -15.32
CA ALA B 47 20.99 31.37 -15.70
C ALA B 47 21.17 29.85 -15.77
N PHE B 48 20.68 29.11 -14.75
CA PHE B 48 20.79 27.65 -14.74
C PHE B 48 19.93 27.02 -15.81
N LEU B 49 18.69 27.48 -15.99
CA LEU B 49 17.78 26.94 -17.04
C LEU B 49 18.36 27.14 -18.43
N SER B 50 19.09 28.25 -18.63
CA SER B 50 19.77 28.60 -19.87
C SER B 50 20.90 27.61 -20.13
N HIS B 51 21.62 27.19 -19.08
CA HIS B 51 22.69 26.19 -19.18
C HIS B 51 22.14 24.87 -19.76
N LEU B 52 20.97 24.42 -19.27
CA LEU B 52 20.35 23.19 -19.74
C LEU B 52 19.87 23.35 -21.19
N ASN B 53 19.41 24.55 -21.54
CA ASN B 53 18.93 24.88 -22.88
C ASN B 53 20.05 24.82 -23.95
N GLU B 54 21.32 24.75 -23.53
CA GLU B 54 22.48 24.62 -24.39
C GLU B 54 22.77 23.15 -24.75
N TYR B 55 22.10 22.17 -24.07
CA TYR B 55 22.29 20.74 -24.30
C TYR B 55 21.84 20.37 -25.71
N SER B 56 22.44 19.31 -26.30
CA SER B 56 22.09 18.82 -27.64
C SER B 56 20.79 18.01 -27.59
N LEU B 57 19.67 18.74 -27.58
CA LEU B 57 18.33 18.17 -27.49
C LEU B 57 17.44 18.80 -28.55
N GLU B 58 16.39 18.07 -28.99
CA GLU B 58 15.41 18.55 -29.96
C GLU B 58 14.65 19.70 -29.33
N GLU B 59 14.35 20.74 -30.11
CA GLU B 59 13.71 21.98 -29.66
C GLU B 59 12.47 21.75 -28.77
N GLU B 60 11.59 20.81 -29.16
CA GLU B 60 10.36 20.46 -28.42
C GLU B 60 10.73 19.84 -27.05
N ILE B 61 11.78 19.01 -26.99
CA ILE B 61 12.27 18.38 -25.75
C ILE B 61 12.87 19.46 -24.80
N LYS B 62 13.61 20.46 -25.35
CA LYS B 62 14.17 21.59 -24.61
C LYS B 62 13.05 22.42 -23.96
N GLU B 63 11.92 22.60 -24.67
CA GLU B 63 10.73 23.33 -24.22
C GLU B 63 10.09 22.59 -23.03
N HIS B 64 10.04 21.25 -23.10
CA HIS B 64 9.48 20.41 -22.04
C HIS B 64 10.36 20.44 -20.79
N ILE B 65 11.69 20.35 -20.96
CA ILE B 65 12.60 20.35 -19.83
C ILE B 65 12.61 21.74 -19.13
N SER B 66 12.44 22.84 -19.89
CA SER B 66 12.39 24.19 -19.34
C SER B 66 11.16 24.38 -18.44
N LYS B 67 9.99 23.95 -18.94
CA LYS B 67 8.71 24.01 -18.24
C LYS B 67 8.78 23.24 -16.92
N TYR B 68 9.32 22.00 -16.95
CA TYR B 68 9.46 21.14 -15.77
C TYR B 68 10.40 21.72 -14.76
N TYR B 69 11.61 22.10 -15.19
CA TYR B 69 12.62 22.57 -14.26
C TYR B 69 12.36 23.96 -13.70
N LYS B 70 11.69 24.85 -14.45
CA LYS B 70 11.29 26.17 -13.95
C LYS B 70 10.38 25.95 -12.73
N LEU B 71 9.37 25.04 -12.87
CA LEU B 71 8.47 24.69 -11.78
C LEU B 71 9.20 24.03 -10.62
N LEU B 72 10.10 23.05 -10.88
CA LEU B 72 10.90 22.39 -9.82
C LEU B 72 11.59 23.45 -8.92
N PHE B 73 12.17 24.50 -9.52
CA PHE B 73 12.84 25.59 -8.81
C PHE B 73 11.84 26.52 -8.10
N ASP B 74 10.85 27.05 -8.81
CA ASP B 74 9.84 27.97 -8.21
C ASP B 74 9.12 27.33 -7.04
N TYR B 75 8.64 26.10 -7.23
CA TYR B 75 7.87 25.34 -6.25
C TYR B 75 8.66 25.05 -4.97
N ASN B 76 9.96 24.79 -5.08
CA ASN B 76 10.72 24.33 -3.94
C ASN B 76 11.69 25.36 -3.37
N CYS B 77 12.03 26.42 -4.13
CA CYS B 77 12.96 27.45 -3.65
C CYS B 77 12.22 28.63 -3.03
N LEU B 78 10.95 28.82 -3.41
CA LEU B 78 10.13 29.94 -2.94
C LEU B 78 9.09 29.53 -1.86
N GLY B 79 8.69 30.53 -1.08
CA GLY B 79 7.68 30.39 -0.03
C GLY B 79 8.17 30.38 1.40
N GLY B 80 9.49 30.26 1.58
CA GLY B 80 10.10 30.19 2.90
C GLY B 80 10.47 31.54 3.48
N LYS B 81 11.09 31.51 4.66
CA LYS B 81 11.54 32.69 5.39
C LYS B 81 12.76 33.31 4.71
N ASN B 82 13.54 32.47 4.01
CA ASN B 82 14.77 32.79 3.29
C ASN B 82 15.84 33.28 4.26
N ASN B 83 15.80 32.80 5.52
CA ASN B 83 16.75 33.17 6.56
C ASN B 83 18.19 32.91 6.19
N ARG B 84 18.47 31.77 5.54
CA ARG B 84 19.82 31.36 5.12
C ARG B 84 20.41 32.29 4.06
N GLY B 85 19.62 32.60 3.02
CA GLY B 85 20.01 33.50 1.93
C GLY B 85 20.25 34.91 2.41
N ILE B 86 19.32 35.44 3.19
CA ILE B 86 19.37 36.77 3.82
C ILE B 86 20.61 36.88 4.73
N LEU B 87 20.95 35.79 5.46
CA LEU B 87 22.14 35.70 6.33
C LEU B 87 23.44 35.87 5.54
N VAL B 88 23.55 35.31 4.30
CA VAL B 88 24.72 35.46 3.40
C VAL B 88 24.90 36.97 3.09
N ILE B 89 23.83 37.61 2.62
CA ILE B 89 23.71 39.01 2.24
C ILE B 89 24.15 39.93 3.39
N LEU B 90 23.60 39.71 4.61
CA LEU B 90 23.91 40.51 5.79
C LEU B 90 25.33 40.33 6.30
N ILE B 91 25.80 39.06 6.44
CA ILE B 91 27.18 38.78 6.87
C ILE B 91 28.18 39.46 5.91
N TYR B 92 27.95 39.32 4.57
CA TYR B 92 28.83 39.93 3.55
C TYR B 92 28.89 41.45 3.71
N GLU B 93 27.73 42.11 3.82
CA GLU B 93 27.58 43.54 3.99
C GLU B 93 28.29 44.04 5.24
N TYR B 94 28.09 43.38 6.39
CA TYR B 94 28.67 43.81 7.66
C TYR B 94 30.11 43.34 7.89
N VAL B 95 30.69 42.58 6.95
CA VAL B 95 32.11 42.22 7.07
C VAL B 95 32.88 43.28 6.23
N LYS B 96 32.32 43.64 5.05
CA LYS B 96 32.89 44.62 4.12
C LYS B 96 32.57 46.07 4.54
N ASN B 101 29.11 47.26 -4.28
CA ASN B 101 28.54 47.50 -5.61
C ASN B 101 27.67 46.34 -6.11
N SER B 102 26.87 46.56 -7.16
CA SER B 102 25.95 45.60 -7.78
C SER B 102 26.63 44.30 -8.27
N SER B 103 27.89 44.38 -8.74
CA SER B 103 28.69 43.24 -9.22
C SER B 103 29.08 42.30 -8.05
N GLU B 104 29.34 42.91 -6.89
CA GLU B 104 29.69 42.23 -5.65
C GLU B 104 28.42 41.63 -5.05
N TRP B 105 27.27 42.30 -5.28
CA TRP B 105 25.97 41.83 -4.81
CA TRP B 105 25.95 41.90 -4.82
C TRP B 105 25.48 40.67 -5.65
N GLU B 106 25.82 40.65 -6.96
CA GLU B 106 25.51 39.58 -7.90
C GLU B 106 26.17 38.25 -7.42
N LYS B 107 27.39 38.34 -6.86
CA LYS B 107 28.12 37.16 -6.34
C LYS B 107 27.55 36.70 -4.99
N ALA B 108 27.20 37.65 -4.08
CA ALA B 108 26.64 37.37 -2.75
C ALA B 108 25.22 36.76 -2.83
N ALA B 109 24.35 37.33 -3.69
CA ALA B 109 22.99 36.87 -3.91
C ALA B 109 23.00 35.52 -4.63
N CYS B 110 24.09 35.20 -5.36
CA CYS B 110 24.25 33.90 -6.02
C CYS B 110 24.39 32.85 -4.93
N LEU B 111 25.35 33.08 -4.02
CA LEU B 111 25.65 32.21 -2.89
C LEU B 111 24.43 32.07 -1.97
N ALA B 112 23.72 33.17 -1.77
CA ALA B 112 22.51 33.26 -0.96
C ALA B 112 21.40 32.38 -1.58
N TRP B 113 21.19 32.47 -2.91
CA TRP B 113 20.18 31.67 -3.59
C TRP B 113 20.56 30.18 -3.68
N CYS B 114 21.88 29.87 -3.71
CA CYS B 114 22.47 28.53 -3.73
C CYS B 114 22.18 27.77 -2.43
N ILE B 115 22.06 28.48 -1.29
CA ILE B 115 21.73 27.90 0.02
C ILE B 115 20.21 27.66 0.10
N GLU B 116 19.44 28.49 -0.63
CA GLU B 116 18.00 28.37 -0.76
C GLU B 116 17.68 27.20 -1.68
N ILE B 117 18.56 26.94 -2.70
CA ILE B 117 18.46 25.79 -3.60
C ILE B 117 18.84 24.53 -2.80
N LEU B 118 19.89 24.61 -1.97
CA LEU B 118 20.31 23.51 -1.08
C LEU B 118 19.21 23.15 -0.08
N GLN B 119 18.52 24.18 0.47
CA GLN B 119 17.39 23.98 1.37
C GLN B 119 16.30 23.18 0.63
N ALA B 120 15.98 23.58 -0.62
CA ALA B 120 15.01 22.96 -1.52
C ALA B 120 15.34 21.47 -1.74
N ALA B 121 16.62 21.16 -2.07
CA ALA B 121 17.11 19.78 -2.30
C ALA B 121 16.91 18.91 -1.05
N PHE B 122 17.36 19.42 0.12
CA PHE B 122 17.23 18.74 1.41
C PHE B 122 15.79 18.54 1.86
N LEU B 123 14.90 19.55 1.62
CA LEU B 123 13.49 19.43 2.00
C LEU B 123 12.73 18.46 1.09
N VAL B 124 13.04 18.40 -0.23
CA VAL B 124 12.40 17.44 -1.14
C VAL B 124 12.71 16.01 -0.66
N ALA B 125 14.00 15.73 -0.39
CA ALA B 125 14.48 14.45 0.10
C ALA B 125 13.93 14.11 1.49
N ASP B 126 13.89 15.10 2.43
CA ASP B 126 13.38 14.98 3.80
C ASP B 126 11.91 14.59 3.77
N ASP B 127 11.11 15.21 2.89
CA ASP B 127 9.68 14.91 2.80
C ASP B 127 9.45 13.52 2.26
N ILE B 128 10.33 12.98 1.40
CA ILE B 128 10.20 11.58 0.97
C ILE B 128 10.49 10.72 2.23
N MET B 129 11.61 11.01 2.92
CA MET B 129 12.06 10.27 4.10
C MET B 129 11.06 10.31 5.26
N ASP B 130 10.46 11.50 5.52
CA ASP B 130 9.54 11.73 6.61
C ASP B 130 8.10 11.61 6.23
N LYS B 131 7.80 11.06 5.04
CA LYS B 131 6.44 10.87 4.50
C LYS B 131 5.64 12.17 4.69
N GLY B 132 6.23 13.28 4.27
CA GLY B 132 5.63 14.60 4.38
C GLY B 132 4.36 14.75 3.60
N GLU B 133 3.43 15.55 4.10
CA GLU B 133 2.16 15.81 3.42
C GLU B 133 2.17 17.20 2.80
N MET B 134 2.58 18.19 3.60
CA MET B 134 2.59 19.60 3.26
C MET B 134 3.96 20.20 3.51
N ARG B 135 4.37 21.14 2.64
CA ARG B 135 5.62 21.89 2.73
C ARG B 135 5.33 23.31 2.26
N ARG B 136 5.50 24.31 3.15
CA ARG B 136 5.22 25.74 2.86
C ARG B 136 3.77 25.94 2.33
N ASN B 137 2.79 25.20 2.93
CA ASN B 137 1.34 25.22 2.66
C ASN B 137 0.95 24.71 1.28
N LYS B 138 1.87 24.02 0.60
CA LYS B 138 1.64 23.38 -0.68
C LYS B 138 1.92 21.90 -0.43
N TYR B 139 1.41 21.02 -1.31
CA TYR B 139 1.68 19.60 -1.20
C TYR B 139 3.16 19.41 -1.48
N CYS B 140 3.78 18.41 -0.83
CA CYS B 140 5.18 18.07 -1.07
C CYS B 140 5.31 17.65 -2.51
N TRP B 141 6.42 18.03 -3.12
CA TRP B 141 6.77 17.77 -4.51
C TRP B 141 6.61 16.28 -4.92
N TYR B 142 7.13 15.34 -4.09
CA TYR B 142 7.10 13.90 -4.36
C TYR B 142 5.66 13.33 -4.40
N LEU B 143 4.72 14.03 -3.80
CA LEU B 143 3.33 13.56 -3.75
C LEU B 143 2.57 13.83 -5.04
N LEU B 144 2.98 14.85 -5.83
CA LEU B 144 2.33 15.23 -7.08
C LEU B 144 2.40 14.10 -8.06
N LYS B 145 1.25 13.78 -8.70
CA LYS B 145 1.12 12.68 -9.66
C LYS B 145 1.93 12.89 -10.92
N ASP B 146 2.29 14.14 -11.23
CA ASP B 146 3.15 14.47 -12.38
C ASP B 146 4.64 14.33 -12.01
N VAL B 147 4.93 14.19 -10.70
CA VAL B 147 6.29 14.07 -10.21
C VAL B 147 6.52 12.65 -9.70
N GLU B 148 6.02 12.35 -8.49
CA GLU B 148 6.17 11.09 -7.76
C GLU B 148 7.61 10.94 -7.24
N THR B 149 7.86 9.91 -6.43
CA THR B 149 9.17 9.64 -5.82
C THR B 149 10.25 9.45 -6.90
N LYS B 150 9.91 8.74 -8.00
CA LYS B 150 10.83 8.51 -9.12
C LYS B 150 11.44 9.82 -9.65
N ASN B 151 10.64 10.89 -9.82
CA ASN B 151 11.20 12.16 -10.26
C ASN B 151 11.85 12.90 -9.14
N ALA B 152 11.21 12.86 -7.96
CA ALA B 152 11.69 13.58 -6.79
C ALA B 152 13.14 13.23 -6.45
N VAL B 153 13.53 11.92 -6.53
CA VAL B 153 14.89 11.45 -6.23
C VAL B 153 15.90 12.09 -7.23
N ASN B 154 15.52 12.07 -8.51
CA ASN B 154 16.33 12.64 -9.58
C ASN B 154 16.44 14.16 -9.43
N ASP B 155 15.36 14.82 -9.00
CA ASP B 155 15.23 16.27 -8.83
C ASP B 155 16.07 16.79 -7.65
N VAL B 156 16.24 15.98 -6.59
CA VAL B 156 17.09 16.30 -5.45
C VAL B 156 18.55 16.47 -5.97
N LEU B 157 18.99 15.53 -6.83
CA LEU B 157 20.30 15.53 -7.49
C LEU B 157 20.43 16.71 -8.43
N LEU B 158 19.36 17.05 -9.17
CA LEU B 158 19.40 18.22 -10.04
C LEU B 158 19.59 19.50 -9.26
N LEU B 159 18.71 19.75 -8.25
CA LEU B 159 18.80 20.94 -7.37
C LEU B 159 20.17 21.04 -6.75
N TYR B 160 20.70 19.91 -6.22
CA TYR B 160 22.01 19.89 -5.60
C TYR B 160 23.12 20.29 -6.58
N ASN B 161 23.09 19.73 -7.78
CA ASN B 161 24.12 19.98 -8.78
C ASN B 161 24.02 21.38 -9.41
N SER B 162 22.81 21.98 -9.45
CA SER B 162 22.58 23.32 -10.00
C SER B 162 23.40 24.40 -9.27
N ILE B 163 23.59 24.21 -7.95
CA ILE B 163 24.34 25.06 -7.02
C ILE B 163 25.76 25.31 -7.54
N TYR B 164 26.47 24.20 -7.86
CA TYR B 164 27.86 24.21 -8.28
C TYR B 164 28.06 24.80 -9.66
N LYS B 165 27.05 24.64 -10.56
CA LYS B 165 27.06 25.27 -11.87
C LYS B 165 26.90 26.77 -11.66
N LEU B 166 25.98 27.19 -10.76
CA LEU B 166 25.75 28.61 -10.47
C LEU B 166 26.95 29.28 -9.82
N ILE B 167 27.66 28.59 -8.89
CA ILE B 167 28.87 29.13 -8.24
C ILE B 167 29.99 29.29 -9.30
N GLU B 168 30.06 28.36 -10.27
CA GLU B 168 31.03 28.41 -11.35
C GLU B 168 30.77 29.64 -12.24
N ILE B 169 29.51 29.83 -12.67
CA ILE B 169 29.10 30.94 -13.53
C ILE B 169 29.44 32.31 -12.89
N TYR B 170 29.17 32.47 -11.59
CA TYR B 170 29.30 33.76 -10.89
C TYR B 170 30.55 33.99 -10.06
N LEU B 171 31.28 32.92 -9.66
CA LEU B 171 32.44 33.07 -8.79
C LEU B 171 33.67 32.27 -9.23
N ARG B 172 33.69 31.67 -10.44
CA ARG B 172 34.87 30.86 -10.84
C ARG B 172 36.22 31.63 -10.76
N ASN B 173 36.23 32.94 -10.99
CA ASN B 173 37.46 33.74 -10.98
C ASN B 173 37.78 34.36 -9.62
N GLU B 174 36.94 34.12 -8.60
CA GLU B 174 37.14 34.55 -7.22
C GLU B 174 38.20 33.68 -6.58
N SER B 175 38.96 34.23 -5.61
CA SER B 175 40.01 33.47 -4.92
C SER B 175 39.42 32.48 -3.93
N CYS B 176 38.20 32.77 -3.41
CA CYS B 176 37.47 31.94 -2.44
C CYS B 176 36.71 30.80 -3.13
N TYR B 177 36.71 30.74 -4.48
CA TYR B 177 35.98 29.77 -5.29
C TYR B 177 36.07 28.32 -4.78
N VAL B 178 37.28 27.77 -4.62
CA VAL B 178 37.49 26.39 -4.18
C VAL B 178 37.05 26.25 -2.70
N ASP B 179 37.30 27.30 -1.90
CA ASP B 179 36.91 27.35 -0.49
C ASP B 179 35.38 27.38 -0.31
N VAL B 180 34.65 28.01 -1.25
CA VAL B 180 33.19 28.10 -1.24
C VAL B 180 32.60 26.73 -1.61
N ILE B 181 33.13 26.12 -2.72
CA ILE B 181 32.81 24.78 -3.22
C ILE B 181 32.94 23.76 -2.06
N ALA B 182 34.08 23.77 -1.35
CA ALA B 182 34.40 22.89 -0.22
C ALA B 182 33.49 23.09 0.98
N THR B 183 33.03 24.33 1.24
CA THR B 183 32.14 24.66 2.36
C THR B 183 30.76 24.02 2.13
N PHE B 184 30.24 24.14 0.90
CA PHE B 184 28.96 23.57 0.49
C PHE B 184 29.03 22.06 0.58
N ARG B 185 30.13 21.46 0.09
CA ARG B 185 30.31 20.01 0.10
CA ARG B 185 30.35 20.01 0.11
C ARG B 185 30.41 19.44 1.51
N ASP B 186 31.18 20.09 2.39
CA ASP B 186 31.40 19.62 3.76
C ASP B 186 30.13 19.75 4.61
N ALA B 187 29.38 20.86 4.45
CA ALA B 187 28.12 21.12 5.15
C ALA B 187 27.03 20.14 4.63
N THR B 188 27.05 19.82 3.30
CA THR B 188 26.16 18.81 2.69
C THR B 188 26.47 17.40 3.23
N LEU B 189 27.74 17.01 3.31
CA LEU B 189 28.17 15.70 3.84
C LEU B 189 27.75 15.53 5.33
N LYS B 190 27.88 16.60 6.13
CA LYS B 190 27.46 16.61 7.52
C LYS B 190 25.94 16.49 7.67
N THR B 191 25.16 17.15 6.78
CA THR B 191 23.68 17.11 6.77
C THR B 191 23.22 15.70 6.46
N ILE B 192 23.83 15.04 5.45
CA ILE B 192 23.53 13.66 5.02
C ILE B 192 23.71 12.68 6.20
N ILE B 193 24.81 12.82 6.98
CA ILE B 193 25.08 11.98 8.16
C ILE B 193 23.99 12.21 9.23
N GLY B 194 23.62 13.47 9.45
CA GLY B 194 22.59 13.88 10.39
C GLY B 194 21.23 13.31 10.05
N GLN B 195 20.87 13.33 8.76
CA GLN B 195 19.64 12.78 8.18
C GLN B 195 19.59 11.28 8.31
N HIS B 196 20.74 10.62 8.16
CA HIS B 196 20.89 9.19 8.35
C HIS B 196 20.65 8.85 9.85
N LEU B 197 21.25 9.60 10.78
CA LEU B 197 21.07 9.36 12.21
C LEU B 197 19.61 9.62 12.64
N ASP B 198 19.02 10.70 12.16
CA ASP B 198 17.63 11.06 12.42
C ASP B 198 16.64 9.91 12.02
N THR B 199 16.96 9.23 10.91
CA THR B 199 16.21 8.18 10.24
C THR B 199 16.52 6.79 10.80
N ASN B 200 17.69 6.58 11.43
CA ASN B 200 18.07 5.22 11.87
C ASN B 200 18.46 5.04 13.32
N ILE B 201 18.47 6.12 14.13
CA ILE B 201 18.92 6.04 15.53
C ILE B 201 18.21 4.94 16.38
N PHE B 202 16.94 4.61 16.10
CA PHE B 202 16.16 3.61 16.84
C PHE B 202 15.99 2.29 16.07
N SER B 203 16.54 2.21 14.84
CA SER B 203 16.49 1.04 13.94
C SER B 203 17.18 -0.18 14.56
N ASP B 204 16.66 -1.37 14.19
CA ASP B 204 17.11 -2.67 14.67
C ASP B 204 18.59 -2.92 14.41
N LYS B 205 19.12 -2.50 13.25
CA LYS B 205 20.53 -2.67 12.87
C LYS B 205 21.48 -2.00 13.86
N TYR B 206 21.00 -0.98 14.61
CA TYR B 206 21.77 -0.24 15.63
C TYR B 206 21.43 -0.68 17.07
N SER B 207 20.37 -1.46 17.25
CA SER B 207 19.87 -1.96 18.54
C SER B 207 20.13 -3.47 18.67
N HIS B 210 24.99 -6.57 18.36
CA HIS B 210 26.17 -7.21 17.78
C HIS B 210 26.01 -7.56 16.30
N ARG B 211 24.74 -7.73 15.82
CA ARG B 211 24.45 -8.16 14.46
C ARG B 211 24.34 -7.03 13.41
N GLU B 212 24.63 -7.46 12.18
CA GLU B 212 24.79 -6.75 10.92
C GLU B 212 23.50 -6.58 10.10
N ILE B 213 23.53 -5.62 9.13
CA ILE B 213 22.43 -5.30 8.21
C ILE B 213 22.10 -6.55 7.38
N ASP B 214 20.82 -6.92 7.34
CA ASP B 214 20.35 -8.10 6.61
C ASP B 214 20.09 -7.75 5.14
N VAL B 215 21.01 -8.22 4.28
CA VAL B 215 20.99 -8.02 2.82
C VAL B 215 20.07 -9.05 2.14
N ASN B 216 19.37 -9.90 2.92
CA ASN B 216 18.46 -10.92 2.39
C ASN B 216 17.02 -10.66 2.77
N ASN B 217 16.79 -9.63 3.58
CA ASN B 217 15.43 -9.28 3.99
C ASN B 217 14.89 -8.10 3.17
N ILE B 218 13.90 -8.40 2.30
CA ILE B 218 13.17 -7.44 1.47
C ILE B 218 11.66 -7.59 1.69
N ASN B 219 11.24 -8.50 2.60
CA ASN B 219 9.82 -8.81 2.82
C ASN B 219 9.29 -8.66 4.25
N VAL B 220 10.17 -8.78 5.27
CA VAL B 220 9.79 -8.69 6.69
C VAL B 220 10.03 -7.23 7.19
N PRO B 221 8.97 -6.39 7.22
CA PRO B 221 9.16 -5.00 7.65
C PRO B 221 9.59 -4.85 9.10
N GLU B 222 10.37 -3.80 9.38
CA GLU B 222 10.81 -3.53 10.73
C GLU B 222 9.66 -2.89 11.46
N GLN B 223 9.43 -3.31 12.70
CA GLN B 223 8.42 -2.70 13.53
C GLN B 223 9.13 -1.62 14.32
N PRO B 224 8.82 -0.34 14.06
CA PRO B 224 9.54 0.74 14.75
C PRO B 224 9.28 0.72 16.24
N VAL B 225 10.37 0.68 17.02
CA VAL B 225 10.39 0.74 18.48
C VAL B 225 11.53 1.69 18.89
N ILE B 226 11.34 2.46 19.97
CA ILE B 226 12.36 3.37 20.49
C ILE B 226 13.45 2.55 21.17
N ASP B 227 14.67 3.11 21.20
CA ASP B 227 15.81 2.51 21.90
C ASP B 227 16.09 3.46 23.05
N ILE B 228 15.76 3.04 24.28
CA ILE B 228 15.92 3.81 25.51
C ILE B 228 17.37 4.24 25.72
N ASN B 229 18.35 3.45 25.24
CA ASN B 229 19.77 3.79 25.36
C ASN B 229 20.17 5.01 24.52
N MET B 230 19.30 5.41 23.55
CA MET B 230 19.51 6.54 22.65
C MET B 230 18.76 7.79 23.09
N ILE B 231 17.87 7.63 24.08
CA ILE B 231 17.05 8.75 24.55
C ILE B 231 17.85 9.55 25.60
N ASN B 232 18.73 10.43 25.09
CA ASN B 232 19.56 11.36 25.84
C ASN B 232 19.94 12.52 24.94
N PHE B 233 20.20 13.70 25.54
CA PHE B 233 20.51 14.92 24.84
CA PHE B 233 20.53 14.92 24.83
C PHE B 233 21.87 14.85 24.12
N GLY B 234 22.77 13.99 24.60
CA GLY B 234 24.09 13.80 24.02
C GLY B 234 23.99 13.32 22.57
N VAL B 235 23.19 12.27 22.36
CA VAL B 235 22.86 11.66 21.08
C VAL B 235 22.05 12.69 20.25
N TYR B 236 21.03 13.31 20.87
CA TYR B 236 20.19 14.33 20.24
C TYR B 236 21.01 15.47 19.64
N LYS B 237 21.96 16.06 20.39
CA LYS B 237 22.84 17.14 19.93
C LYS B 237 23.68 16.68 18.75
N ASN B 238 24.17 15.42 18.75
CA ASN B 238 24.93 14.82 17.65
C ASN B 238 24.14 14.84 16.32
N ILE B 239 22.83 14.48 16.38
CA ILE B 239 21.94 14.41 15.22
C ILE B 239 21.65 15.80 14.66
N VAL B 240 21.28 16.69 15.55
CA VAL B 240 20.79 18.05 15.37
C VAL B 240 21.87 19.00 14.89
N ILE B 241 23.13 18.82 15.33
CA ILE B 241 24.21 19.68 14.83
C ILE B 241 24.51 19.27 13.35
N HIS B 242 24.35 17.98 13.05
CA HIS B 242 24.63 17.48 11.73
C HIS B 242 23.45 17.72 10.74
N LYS B 243 22.20 17.39 11.10
CA LYS B 243 21.12 17.56 10.13
C LYS B 243 20.62 19.00 9.94
N THR B 244 20.99 19.97 10.82
CA THR B 244 20.51 21.34 10.73
C THR B 244 21.60 22.45 10.87
N ALA B 245 22.47 22.42 11.90
CA ALA B 245 23.41 23.51 12.19
C ALA B 245 24.37 23.89 11.07
N TYR B 246 24.98 22.89 10.41
CA TYR B 246 25.97 23.10 9.35
C TYR B 246 25.42 23.76 8.12
N TYR B 247 24.29 23.27 7.58
CA TYR B 247 23.77 23.88 6.35
C TYR B 247 22.91 25.11 6.65
N SER B 248 22.30 25.20 7.86
CA SER B 248 21.38 26.29 8.22
C SER B 248 22.06 27.51 8.84
N PHE B 249 23.22 27.32 9.45
CA PHE B 249 23.89 28.43 10.12
C PHE B 249 25.38 28.57 9.72
N PHE B 250 26.16 27.48 9.82
CA PHE B 250 27.58 27.52 9.48
C PHE B 250 27.81 27.92 8.02
N LEU B 251 27.21 27.18 7.06
CA LEU B 251 27.35 27.42 5.63
C LEU B 251 26.96 28.87 5.24
N PRO B 252 25.77 29.46 5.57
CA PRO B 252 25.52 30.86 5.14
C PRO B 252 26.51 31.91 5.73
N ILE B 253 26.93 31.76 7.01
CA ILE B 253 27.86 32.69 7.66
C ILE B 253 29.24 32.59 6.98
N VAL B 254 29.76 31.37 6.77
CA VAL B 254 31.07 31.11 6.12
C VAL B 254 31.08 31.66 4.67
N CYS B 255 29.97 31.50 3.93
CA CYS B 255 29.82 32.02 2.56
C CYS B 255 30.05 33.54 2.52
N GLY B 256 29.34 34.28 3.37
CA GLY B 256 29.44 35.72 3.50
C GLY B 256 30.83 36.19 3.91
N MET B 257 31.48 35.44 4.83
CA MET B 257 32.84 35.68 5.35
C MET B 257 33.93 35.40 4.32
N LEU B 258 33.86 34.24 3.60
CA LEU B 258 34.82 33.88 2.56
C LEU B 258 34.77 34.89 1.42
N LEU B 259 33.56 35.30 1.01
CA LEU B 259 33.36 36.23 -0.09
C LEU B 259 33.86 37.62 0.28
N ALA B 260 33.69 38.02 1.57
CA ALA B 260 34.16 39.31 2.06
C ALA B 260 35.69 39.33 2.32
N GLY B 261 36.34 38.17 2.22
CA GLY B 261 37.79 38.03 2.33
C GLY B 261 38.42 37.61 3.64
N ILE B 262 37.65 37.05 4.60
CA ILE B 262 38.27 36.59 5.86
C ILE B 262 39.03 35.28 5.57
N ALA B 263 40.34 35.23 5.89
CA ALA B 263 41.20 34.07 5.61
C ALA B 263 40.79 32.85 6.42
N ASN B 266 41.92 32.00 9.81
CA ASN B 266 41.47 32.88 10.90
C ASN B 266 40.69 32.10 11.96
N LEU B 267 41.05 32.30 13.25
CA LEU B 267 40.45 31.60 14.39
C LEU B 267 38.96 31.97 14.65
N ILE B 268 38.45 33.04 14.00
CA ILE B 268 37.05 33.49 14.08
C ILE B 268 36.11 32.40 13.52
N TYR B 269 36.58 31.63 12.51
CA TYR B 269 35.83 30.53 11.88
C TYR B 269 35.46 29.42 12.86
N LYS B 270 36.30 29.15 13.87
CA LYS B 270 36.00 28.13 14.89
C LYS B 270 34.94 28.67 15.86
N LYS B 271 34.99 29.98 16.18
CA LYS B 271 34.02 30.65 17.06
C LYS B 271 32.65 30.63 16.37
N ILE B 272 32.63 30.89 15.04
CA ILE B 272 31.44 30.87 14.18
C ILE B 272 30.86 29.44 14.15
N GLU B 273 31.73 28.43 14.04
CA GLU B 273 31.32 27.04 14.04
C GLU B 273 30.59 26.72 15.33
N ASP B 274 31.15 27.13 16.48
CA ASP B 274 30.57 26.90 17.81
C ASP B 274 29.23 27.63 18.02
N ILE B 275 29.10 28.88 17.54
CA ILE B 275 27.83 29.64 17.61
C ILE B 275 26.75 28.94 16.74
N SER B 276 27.14 28.49 15.52
CA SER B 276 26.31 27.80 14.54
C SER B 276 25.68 26.52 15.12
N MET B 277 26.47 25.79 15.96
CA MET B 277 26.08 24.54 16.67
C MET B 277 25.03 24.85 17.71
N LEU B 278 25.27 25.93 18.51
CA LEU B 278 24.34 26.44 19.53
C LEU B 278 23.01 26.89 18.85
N MET B 279 23.13 27.57 17.69
CA MET B 279 22.01 28.09 16.91
C MET B 279 21.21 27.00 16.21
N GLY B 280 21.87 25.98 15.69
CA GLY B 280 21.21 24.86 15.03
C GLY B 280 20.40 24.01 15.99
N GLU B 281 20.99 23.77 17.16
CA GLU B 281 20.38 23.04 18.27
C GLU B 281 19.13 23.78 18.72
N TYR B 282 19.25 25.11 18.95
CA TYR B 282 18.19 26.02 19.36
C TYR B 282 17.05 26.00 18.30
N PHE B 283 17.42 26.09 17.00
CA PHE B 283 16.50 26.12 15.87
C PHE B 283 15.77 24.78 15.68
N GLN B 284 16.49 23.65 15.84
CA GLN B 284 15.90 22.33 15.72
C GLN B 284 14.96 22.01 16.88
N ILE B 285 15.31 22.44 18.11
CA ILE B 285 14.47 22.20 19.29
C ILE B 285 13.13 22.90 19.11
N HIS B 286 13.13 24.16 18.61
CA HIS B 286 11.94 24.94 18.28
C HIS B 286 11.10 24.24 17.22
N ASP B 287 11.76 23.63 16.20
CA ASP B 287 11.12 22.88 15.12
C ASP B 287 10.39 21.65 15.68
N ASP B 288 11.06 20.89 16.56
CA ASP B 288 10.50 19.72 17.24
C ASP B 288 9.31 20.13 18.10
N TYR B 289 9.39 21.33 18.70
CA TYR B 289 8.32 21.93 19.50
C TYR B 289 7.13 22.18 18.60
N LEU B 290 7.36 22.80 17.43
CA LEU B 290 6.33 23.12 16.47
C LEU B 290 5.64 21.90 15.89
N ASP B 291 6.37 20.77 15.78
CA ASP B 291 5.82 19.53 15.23
C ASP B 291 4.65 19.03 16.10
N ILE B 292 4.72 19.28 17.43
CA ILE B 292 3.70 18.90 18.41
C ILE B 292 2.69 20.03 18.63
N PHE B 293 3.18 21.24 18.93
CA PHE B 293 2.37 22.37 19.35
C PHE B 293 2.06 23.45 18.31
N GLY B 294 2.63 23.34 17.13
CA GLY B 294 2.39 24.32 16.09
C GLY B 294 1.09 24.09 15.33
N ASP B 295 0.68 25.10 14.58
CA ASP B 295 -0.51 25.08 13.72
C ASP B 295 0.03 24.87 12.30
N SER B 296 -0.39 23.79 11.62
CA SER B 296 0.05 23.41 10.27
C SER B 296 -0.25 24.48 9.18
N THR B 297 -1.25 25.36 9.42
CA THR B 297 -1.60 26.45 8.50
C THR B 297 -0.53 27.57 8.63
N LYS B 298 0.04 27.71 9.85
CA LYS B 298 1.07 28.70 10.16
C LYS B 298 2.45 28.15 9.84
N THR B 299 2.72 26.87 10.20
CA THR B 299 4.02 26.25 9.92
C THR B 299 4.17 25.89 8.44
N GLY B 300 3.06 25.65 7.77
CA GLY B 300 3.06 25.25 6.37
C GLY B 300 3.32 23.78 6.13
N LYS B 301 3.38 22.99 7.21
CA LYS B 301 3.70 21.56 7.19
C LYS B 301 2.94 20.79 8.27
N VAL B 302 2.70 19.49 8.05
CA VAL B 302 1.96 18.63 8.99
C VAL B 302 2.94 17.83 9.86
N GLY B 303 2.79 17.94 11.18
CA GLY B 303 3.55 17.25 12.21
C GLY B 303 3.47 15.73 12.11
N SER B 304 4.63 15.08 12.24
CA SER B 304 4.75 13.63 12.05
C SER B 304 5.82 12.92 12.89
N ASP B 305 6.41 13.57 13.90
CA ASP B 305 7.52 12.95 14.60
C ASP B 305 7.21 11.75 15.49
N ILE B 306 6.03 11.74 16.13
CA ILE B 306 5.67 10.64 17.03
C ILE B 306 5.49 9.36 16.22
N GLN B 307 4.74 9.46 15.11
CA GLN B 307 4.47 8.31 14.23
C GLN B 307 5.68 7.89 13.43
N ASN B 308 6.62 8.82 13.13
CA ASN B 308 7.84 8.48 12.38
C ASN B 308 9.01 8.01 13.26
N ASN B 309 8.75 7.81 14.58
CA ASN B 309 9.73 7.31 15.55
C ASN B 309 10.98 8.18 15.58
N LYS B 310 10.79 9.52 15.68
CA LYS B 310 11.94 10.42 15.74
C LYS B 310 12.44 10.61 17.17
N LEU B 311 13.76 10.80 17.33
CA LEU B 311 14.35 11.13 18.62
C LEU B 311 14.27 12.68 18.70
N THR B 312 13.24 13.16 19.40
CA THR B 312 12.95 14.58 19.51
C THR B 312 13.31 15.14 20.88
N TRP B 313 13.36 16.46 20.98
CA TRP B 313 13.56 17.14 22.24
C TRP B 313 12.35 16.86 23.17
N PRO B 314 11.05 16.96 22.73
CA PRO B 314 9.95 16.64 23.65
C PRO B 314 10.01 15.21 24.21
N LEU B 315 10.45 14.24 23.38
CA LEU B 315 10.64 12.86 23.80
C LEU B 315 11.67 12.82 24.94
N ILE B 316 12.89 13.33 24.71
CA ILE B 316 13.97 13.27 25.71
C ILE B 316 13.59 14.00 27.02
N LYS B 317 13.02 15.23 26.92
CA LYS B 317 12.57 16.00 28.06
C LYS B 317 11.51 15.23 28.89
N THR B 318 10.53 14.57 28.22
CA THR B 318 9.51 13.73 28.86
C THR B 318 10.16 12.52 29.54
N PHE B 319 11.07 11.80 28.84
CA PHE B 319 11.77 10.63 29.40
C PHE B 319 12.54 10.97 30.67
N GLU B 320 13.11 12.17 30.72
CA GLU B 320 13.88 12.74 31.81
C GLU B 320 13.03 13.04 33.08
N LEU B 321 11.74 13.43 32.89
CA LEU B 321 10.82 13.85 33.95
C LEU B 321 9.77 12.82 34.36
N CYS B 322 9.43 11.86 33.46
CA CYS B 322 8.32 10.93 33.67
C CYS B 322 8.62 9.73 34.58
N SER B 323 7.52 9.09 35.05
CA SER B 323 7.51 7.92 35.90
C SER B 323 7.85 6.68 35.10
N GLU B 324 8.35 5.60 35.77
CA GLU B 324 8.66 4.32 35.11
C GLU B 324 7.43 3.76 34.34
N PRO B 325 6.18 3.77 34.88
CA PRO B 325 5.05 3.33 34.05
C PRO B 325 4.80 4.20 32.81
N ASP B 326 5.16 5.49 32.87
CA ASP B 326 4.98 6.39 31.73
C ASP B 326 6.06 6.14 30.66
N LYS B 327 7.25 5.66 31.09
CA LYS B 327 8.32 5.24 30.19
C LYS B 327 7.84 4.03 29.40
N ILE B 328 7.12 3.10 30.06
CA ILE B 328 6.54 1.88 29.47
C ILE B 328 5.45 2.24 28.47
N LYS B 329 4.64 3.26 28.79
CA LYS B 329 3.58 3.81 27.94
C LYS B 329 4.22 4.35 26.66
N ILE B 330 5.38 5.04 26.75
CA ILE B 330 6.09 5.63 25.61
C ILE B 330 6.62 4.54 24.70
N VAL B 331 7.30 3.52 25.26
CA VAL B 331 7.86 2.37 24.54
C VAL B 331 6.74 1.67 23.74
N LYS B 332 5.58 1.47 24.35
CA LYS B 332 4.43 0.81 23.75
C LYS B 332 3.73 1.63 22.64
N ASN B 333 3.67 2.97 22.77
CA ASN B 333 2.92 3.83 21.86
C ASN B 333 3.73 4.73 20.89
N TYR B 334 5.04 4.94 21.12
CA TYR B 334 5.86 5.79 20.21
C TYR B 334 6.26 5.04 18.93
N GLY B 335 6.37 5.78 17.82
CA GLY B 335 6.75 5.23 16.52
C GLY B 335 5.64 4.44 15.86
N LYS B 336 4.38 4.81 16.13
CA LYS B 336 3.25 4.09 15.56
C LYS B 336 2.34 5.04 14.84
N ASN B 337 2.12 4.80 13.54
CA ASN B 337 1.19 5.58 12.72
C ASN B 337 -0.21 5.02 13.06
N ASN B 338 -0.74 5.48 14.20
CA ASN B 338 -2.01 5.05 14.79
C ASN B 338 -2.44 6.15 15.77
N LEU B 339 -3.66 6.67 15.58
CA LEU B 339 -4.20 7.77 16.37
C LEU B 339 -4.14 7.57 17.88
N ALA B 340 -4.67 6.45 18.38
CA ALA B 340 -4.70 6.17 19.82
C ALA B 340 -3.31 6.20 20.44
N CYS B 341 -2.32 5.66 19.71
CA CYS B 341 -0.90 5.59 20.08
C CYS B 341 -0.27 6.98 20.14
N VAL B 342 -0.47 7.83 19.10
CA VAL B 342 0.05 9.18 19.09
C VAL B 342 -0.67 10.05 20.15
N LYS B 343 -1.97 9.79 20.43
CA LYS B 343 -2.73 10.51 21.45
C LYS B 343 -2.14 10.29 22.83
N VAL B 344 -1.72 9.05 23.16
CA VAL B 344 -1.10 8.71 24.43
C VAL B 344 0.14 9.58 24.63
N ILE B 345 1.06 9.57 23.62
CA ILE B 345 2.31 10.33 23.61
C ILE B 345 2.03 11.85 23.79
N ASP B 346 1.10 12.40 22.99
CA ASP B 346 0.66 13.79 22.99
C ASP B 346 0.10 14.21 24.38
N SER B 347 -0.71 13.33 24.99
CA SER B 347 -1.27 13.50 26.32
C SER B 347 -0.15 13.54 27.38
N LEU B 348 0.86 12.70 27.23
CA LEU B 348 2.04 12.68 28.10
C LEU B 348 2.84 13.99 27.94
N TYR B 349 2.89 14.58 26.73
CA TYR B 349 3.57 15.87 26.50
C TYR B 349 2.81 17.04 27.18
N GLU B 350 1.48 16.92 27.33
CA GLU B 350 0.65 17.92 28.03
C GLU B 350 0.85 17.73 29.57
N GLN B 351 0.84 16.47 30.03
CA GLN B 351 0.98 16.07 31.42
C GLN B 351 2.30 16.55 32.02
N TYR B 352 3.42 16.39 31.27
CA TYR B 352 4.74 16.78 31.77
C TYR B 352 5.16 18.18 31.32
N LYS B 353 4.17 19.00 30.93
CA LYS B 353 4.29 20.43 30.61
C LYS B 353 5.48 20.79 29.69
N ILE B 354 5.66 20.00 28.62
CA ILE B 354 6.71 20.16 27.60
C ILE B 354 6.72 21.59 26.98
N ARG B 355 5.53 22.21 26.80
CA ARG B 355 5.40 23.58 26.30
C ARG B 355 6.14 24.56 27.23
N LYS B 356 6.00 24.36 28.56
CA LYS B 356 6.62 25.17 29.60
C LYS B 356 8.14 24.99 29.62
N HIS B 357 8.61 23.71 29.57
CA HIS B 357 10.03 23.35 29.55
C HIS B 357 10.72 23.88 28.31
N TYR B 358 10.00 23.91 27.17
CA TYR B 358 10.56 24.45 25.94
C TYR B 358 10.82 25.95 26.11
N GLU B 359 9.80 26.70 26.60
CA GLU B 359 9.85 28.16 26.81
C GLU B 359 11.06 28.56 27.69
N SER B 360 11.32 27.74 28.72
CA SER B 360 12.44 27.88 29.64
C SER B 360 13.76 27.55 28.93
N TYR B 361 13.76 26.57 28.01
CA TYR B 361 14.93 26.18 27.22
C TYR B 361 15.34 27.33 26.30
N GLU B 362 14.37 27.84 25.50
CA GLU B 362 14.51 28.93 24.52
C GLU B 362 15.18 30.15 25.18
N LYS B 363 14.64 30.55 26.36
CA LYS B 363 15.12 31.66 27.18
C LYS B 363 16.60 31.48 27.55
N ALA B 364 16.96 30.27 28.04
CA ALA B 364 18.30 29.92 28.47
C ALA B 364 19.26 29.71 27.30
N GLN B 365 18.78 29.16 26.18
CA GLN B 365 19.62 28.91 24.99
C GLN B 365 19.89 30.22 24.25
N LYS B 366 18.89 31.13 24.16
CA LYS B 366 19.09 32.45 23.53
C LYS B 366 20.20 33.23 24.27
N ALA B 367 20.25 33.12 25.61
CA ALA B 367 21.24 33.77 26.46
C ALA B 367 22.62 33.21 26.21
N LYS B 368 22.73 31.85 26.10
CA LYS B 368 23.97 31.12 25.82
C LYS B 368 24.53 31.49 24.45
N ILE B 369 23.65 31.61 23.42
CA ILE B 369 23.99 32.03 22.05
C ILE B 369 24.53 33.49 22.07
N LEU B 370 23.78 34.43 22.72
CA LEU B 370 24.14 35.85 22.85
C LEU B 370 25.49 36.04 23.55
N SER B 371 25.76 35.24 24.59
CA SER B 371 27.00 35.25 25.33
C SER B 371 28.20 34.84 24.44
N ALA B 372 28.01 33.82 23.57
CA ALA B 372 29.00 33.32 22.62
C ALA B 372 29.24 34.35 21.49
N ILE B 373 28.15 35.03 21.02
CA ILE B 373 28.18 36.08 19.98
C ILE B 373 29.06 37.26 20.50
N ASN B 374 28.90 37.64 21.78
CA ASN B 374 29.64 38.75 22.41
C ASN B 374 31.16 38.51 22.48
N GLU B 375 31.58 37.23 22.41
CA GLU B 375 32.99 36.78 22.46
C GLU B 375 33.66 36.77 21.05
N LEU B 376 32.89 37.13 20.03
CA LEU B 376 33.33 37.15 18.64
C LEU B 376 34.41 38.19 18.34
N HIS B 377 34.28 39.41 18.92
CA HIS B 377 35.15 40.57 18.76
C HIS B 377 35.20 41.01 17.28
N HIS B 378 33.99 41.20 16.71
CA HIS B 378 33.69 41.66 15.37
C HIS B 378 32.29 42.24 15.45
N GLU B 379 32.17 43.56 15.56
CA GLU B 379 30.90 44.28 15.68
C GLU B 379 29.90 44.01 14.56
N GLY B 380 30.38 43.93 13.31
CA GLY B 380 29.54 43.67 12.14
C GLY B 380 28.79 42.34 12.17
N ILE B 381 29.53 41.24 12.38
CA ILE B 381 29.01 39.88 12.47
C ILE B 381 28.06 39.77 13.67
N GLU B 382 28.46 40.36 14.82
CA GLU B 382 27.71 40.41 16.07
C GLU B 382 26.32 41.04 15.89
N TYR B 383 26.21 42.14 15.09
CA TYR B 383 24.92 42.79 14.84
C TYR B 383 24.00 41.84 14.08
N VAL B 384 24.51 41.26 12.98
CA VAL B 384 23.79 40.33 12.09
C VAL B 384 23.27 39.10 12.85
N LEU B 385 24.14 38.45 13.64
CA LEU B 385 23.81 37.28 14.44
C LEU B 385 22.80 37.59 15.53
N LYS B 386 22.91 38.79 16.17
CA LYS B 386 21.95 39.24 17.18
C LYS B 386 20.59 39.47 16.50
N TYR B 387 20.59 40.09 15.30
CA TYR B 387 19.41 40.37 14.49
C TYR B 387 18.76 39.06 13.99
N LEU B 388 19.57 38.13 13.45
CA LEU B 388 19.11 36.82 12.97
C LEU B 388 18.34 36.10 14.07
N LEU B 389 18.92 36.10 15.29
CA LEU B 389 18.36 35.47 16.49
C LEU B 389 16.96 35.98 16.83
N GLU B 390 16.64 37.23 16.45
CA GLU B 390 15.35 37.87 16.68
C GLU B 390 14.32 37.48 15.65
N ILE B 391 14.73 37.35 14.36
CA ILE B 391 13.84 37.03 13.23
C ILE B 391 13.80 35.53 12.87
N LEU B 392 14.66 34.73 13.46
CA LEU B 392 14.85 33.30 13.18
C LEU B 392 13.56 32.48 12.97
N PHE B 393 12.57 32.67 13.84
CA PHE B 393 11.33 31.92 13.82
C PHE B 393 10.26 32.54 12.95
N THR B 394 10.41 33.85 12.64
CA THR B 394 9.43 34.59 11.83
C THR B 394 9.89 34.88 10.39
N GLY B 395 11.18 35.14 10.23
CA GLY B 395 11.78 35.52 8.96
C GLY B 395 11.82 37.03 8.87
N VAL B 396 12.06 37.55 7.64
CA VAL B 396 12.14 38.96 7.26
C VAL B 396 13.35 39.63 7.93
N LEU C 34 -37.16 -21.14 -19.68
CA LEU C 34 -35.82 -20.61 -19.91
C LEU C 34 -35.86 -19.17 -20.39
N ALA C 35 -36.90 -18.79 -21.13
CA ALA C 35 -37.13 -17.41 -21.61
C ALA C 35 -37.72 -16.63 -20.44
N PHE C 36 -38.59 -17.31 -19.66
CA PHE C 36 -39.26 -16.85 -18.44
C PHE C 36 -38.16 -16.41 -17.45
N PHE C 37 -37.08 -17.22 -17.31
CA PHE C 37 -35.93 -16.98 -16.42
C PHE C 37 -35.24 -15.66 -16.70
N ARG C 38 -34.81 -15.43 -17.94
CA ARG C 38 -34.10 -14.24 -18.38
C ARG C 38 -34.91 -12.98 -18.07
N ASN C 39 -36.20 -12.99 -18.43
CA ASN C 39 -37.15 -11.90 -18.30
C ASN C 39 -37.64 -11.67 -16.87
N MET C 40 -37.62 -12.71 -16.05
CA MET C 40 -38.12 -12.62 -14.69
C MET C 40 -37.10 -12.16 -13.66
N TYR C 41 -35.85 -11.80 -14.08
CA TYR C 41 -34.81 -11.29 -13.18
C TYR C 41 -35.31 -10.09 -12.35
N ASP C 42 -35.83 -9.06 -13.06
CA ASP C 42 -36.35 -7.80 -12.52
C ASP C 42 -37.38 -8.07 -11.44
N LYS C 43 -38.22 -9.10 -11.64
CA LYS C 43 -39.27 -9.50 -10.72
C LYS C 43 -38.70 -9.89 -9.35
N TYR C 44 -37.69 -10.76 -9.30
CA TYR C 44 -37.10 -11.23 -8.04
C TYR C 44 -36.27 -10.14 -7.36
N ARG C 45 -35.48 -9.37 -8.12
CA ARG C 45 -34.71 -8.21 -7.61
C ARG C 45 -35.68 -7.16 -7.02
N ASP C 46 -36.73 -6.77 -7.78
CA ASP C 46 -37.70 -5.78 -7.31
C ASP C 46 -38.54 -6.29 -6.16
N ALA C 47 -38.78 -7.60 -6.07
CA ALA C 47 -39.50 -8.17 -4.94
C ALA C 47 -38.65 -7.95 -3.68
N PHE C 48 -37.33 -8.27 -3.75
CA PHE C 48 -36.44 -8.07 -2.62
C PHE C 48 -36.25 -6.59 -2.30
N LEU C 49 -36.00 -5.75 -3.30
CA LEU C 49 -35.89 -4.31 -3.14
C LEU C 49 -37.09 -3.76 -2.38
N SER C 50 -38.31 -4.16 -2.79
CA SER C 50 -39.62 -3.82 -2.21
C SER C 50 -39.70 -4.18 -0.74
N HIS C 51 -39.15 -5.34 -0.36
CA HIS C 51 -39.08 -5.78 1.03
C HIS C 51 -38.30 -4.75 1.89
N LEU C 52 -37.14 -4.27 1.41
CA LEU C 52 -36.33 -3.28 2.14
C LEU C 52 -37.08 -1.93 2.20
N ASN C 53 -37.83 -1.60 1.14
CA ASN C 53 -38.60 -0.37 1.04
C ASN C 53 -39.76 -0.30 2.08
N GLU C 54 -40.07 -1.42 2.74
CA GLU C 54 -41.06 -1.52 3.83
C GLU C 54 -40.45 -1.19 5.21
N TYR C 55 -39.09 -1.09 5.30
CA TYR C 55 -38.36 -0.76 6.54
C TYR C 55 -38.74 0.65 7.03
N SER C 56 -38.66 0.88 8.36
CA SER C 56 -38.96 2.18 8.97
C SER C 56 -37.76 3.13 8.76
N LEU C 57 -37.70 3.71 7.55
CA LEU C 57 -36.63 4.63 7.16
C LEU C 57 -37.23 5.86 6.51
N GLU C 58 -36.52 6.99 6.57
CA GLU C 58 -36.94 8.26 5.96
C GLU C 58 -36.92 8.08 4.46
N GLU C 59 -37.93 8.64 3.77
CA GLU C 59 -38.14 8.51 2.32
C GLU C 59 -36.87 8.71 1.47
N GLU C 60 -36.05 9.74 1.78
CA GLU C 60 -34.80 10.04 1.08
C GLU C 60 -33.76 8.93 1.30
N ILE C 61 -33.72 8.35 2.52
CA ILE C 61 -32.81 7.25 2.86
C ILE C 61 -33.22 5.96 2.12
N LYS C 62 -34.56 5.69 1.98
CA LYS C 62 -35.13 4.57 1.21
C LYS C 62 -34.73 4.67 -0.26
N GLU C 63 -34.73 5.89 -0.80
CA GLU C 63 -34.35 6.18 -2.19
C GLU C 63 -32.86 5.86 -2.41
N HIS C 64 -32.01 6.19 -1.43
CA HIS C 64 -30.58 5.92 -1.50
C HIS C 64 -30.29 4.43 -1.44
N ILE C 65 -30.97 3.71 -0.54
CA ILE C 65 -30.76 2.29 -0.38
C ILE C 65 -31.24 1.52 -1.64
N SER C 66 -32.32 1.98 -2.28
CA SER C 66 -32.86 1.37 -3.53
C SER C 66 -31.87 1.49 -4.68
N LYS C 67 -31.30 2.70 -4.88
CA LYS C 67 -30.31 3.01 -5.90
C LYS C 67 -29.05 2.12 -5.73
N TYR C 68 -28.55 2.02 -4.49
CA TYR C 68 -27.37 1.21 -4.17
C TYR C 68 -27.61 -0.26 -4.39
N TYR C 69 -28.70 -0.80 -3.82
CA TYR C 69 -28.95 -2.24 -3.90
C TYR C 69 -29.40 -2.73 -5.28
N LYS C 70 -30.08 -1.89 -6.06
CA LYS C 70 -30.44 -2.24 -7.44
C LYS C 70 -29.13 -2.52 -8.21
N LEU C 71 -28.15 -1.59 -8.07
CA LEU C 71 -26.84 -1.73 -8.70
C LEU C 71 -26.09 -2.95 -8.17
N LEU C 72 -26.09 -3.20 -6.84
CA LEU C 72 -25.39 -4.36 -6.26
C LEU C 72 -25.86 -5.67 -6.95
N PHE C 73 -27.18 -5.80 -7.14
CA PHE C 73 -27.80 -6.96 -7.78
C PHE C 73 -27.49 -7.01 -9.28
N ASP C 74 -27.77 -5.93 -10.04
CA ASP C 74 -27.52 -5.87 -11.49
C ASP C 74 -26.05 -6.14 -11.83
N TYR C 75 -25.15 -5.46 -11.14
CA TYR C 75 -23.71 -5.55 -11.37
C TYR C 75 -23.14 -6.94 -11.12
N ASN C 76 -23.65 -7.65 -10.10
CA ASN C 76 -23.06 -8.90 -9.69
C ASN C 76 -23.88 -10.15 -10.06
N CYS C 77 -25.17 -10.00 -10.40
CA CYS C 77 -26.03 -11.16 -10.79
C CYS C 77 -26.07 -11.36 -12.29
N LEU C 78 -25.81 -10.29 -13.06
CA LEU C 78 -25.86 -10.30 -14.51
C LEU C 78 -24.48 -10.34 -15.17
N GLY C 79 -24.46 -10.81 -16.43
CA GLY C 79 -23.27 -10.88 -17.25
C GLY C 79 -22.63 -12.26 -17.41
N GLY C 80 -23.07 -13.23 -16.61
CA GLY C 80 -22.56 -14.59 -16.66
C GLY C 80 -23.29 -15.50 -17.63
N LYS C 81 -22.87 -16.77 -17.65
CA LYS C 81 -23.43 -17.81 -18.50
CA LYS C 81 -23.41 -17.84 -18.48
C LYS C 81 -24.82 -18.22 -18.00
N ASN C 82 -25.06 -18.06 -16.68
CA ASN C 82 -26.29 -18.39 -15.96
C ASN C 82 -26.55 -19.88 -16.00
N ASN C 83 -25.49 -20.69 -16.10
CA ASN C 83 -25.57 -22.16 -16.17
C ASN C 83 -26.32 -22.77 -15.00
N ARG C 84 -26.08 -22.27 -13.77
CA ARG C 84 -26.71 -22.75 -12.53
C ARG C 84 -28.23 -22.52 -12.51
N GLY C 85 -28.68 -21.30 -12.84
CA GLY C 85 -30.09 -20.95 -12.89
C GLY C 85 -30.85 -21.71 -13.97
N ILE C 86 -30.26 -21.75 -15.18
CA ILE C 86 -30.78 -22.48 -16.35
C ILE C 86 -30.91 -23.99 -16.01
N LEU C 87 -29.95 -24.53 -15.23
CA LEU C 87 -29.96 -25.92 -14.76
C LEU C 87 -31.18 -26.19 -13.87
N VAL C 88 -31.59 -25.25 -12.99
CA VAL C 88 -32.77 -25.39 -12.11
C VAL C 88 -34.02 -25.54 -12.99
N ILE C 89 -34.19 -24.61 -13.95
CA ILE C 89 -35.27 -24.50 -14.91
C ILE C 89 -35.41 -25.80 -15.72
N LEU C 90 -34.28 -26.30 -16.28
CA LEU C 90 -34.26 -27.53 -17.09
C LEU C 90 -34.55 -28.78 -16.29
N ILE C 91 -33.89 -28.96 -15.12
CA ILE C 91 -34.13 -30.13 -14.25
C ILE C 91 -35.61 -30.17 -13.85
N TYR C 92 -36.18 -29.03 -13.42
CA TYR C 92 -37.59 -28.93 -13.03
C TYR C 92 -38.52 -29.35 -14.16
N GLU C 93 -38.32 -28.79 -15.36
CA GLU C 93 -39.08 -29.06 -16.56
C GLU C 93 -39.03 -30.53 -16.95
N TYR C 94 -37.83 -31.14 -16.98
CA TYR C 94 -37.65 -32.52 -17.41
C TYR C 94 -37.93 -33.55 -16.30
N VAL C 95 -38.26 -33.12 -15.06
CA VAL C 95 -38.68 -34.05 -14.02
C VAL C 95 -40.22 -34.12 -14.07
N LYS C 96 -40.85 -32.94 -14.25
CA LYS C 96 -42.31 -32.80 -14.37
C LYS C 96 -42.86 -33.12 -15.78
N ASN C 97 -44.19 -33.29 -15.90
CA ASN C 97 -44.94 -33.49 -17.15
C ASN C 97 -46.42 -33.24 -16.92
N ILE C 100 -46.54 -27.35 -17.25
CA ILE C 100 -46.11 -26.45 -16.17
C ILE C 100 -46.76 -25.07 -16.36
N ASN C 101 -47.49 -24.64 -15.33
CA ASN C 101 -48.15 -23.34 -15.34
C ASN C 101 -47.21 -22.23 -14.90
N SER C 102 -47.59 -20.96 -15.14
CA SER C 102 -46.82 -19.75 -14.83
C SER C 102 -46.49 -19.60 -13.32
N SER C 103 -47.39 -20.07 -12.43
CA SER C 103 -47.24 -20.04 -10.97
C SER C 103 -46.12 -20.99 -10.52
N GLU C 104 -46.00 -22.13 -11.21
CA GLU C 104 -44.98 -23.15 -10.99
C GLU C 104 -43.65 -22.67 -11.55
N TRP C 105 -43.70 -21.88 -12.65
CA TRP C 105 -42.51 -21.30 -13.28
C TRP C 105 -41.95 -20.19 -12.41
N GLU C 106 -42.84 -19.42 -11.75
CA GLU C 106 -42.51 -18.34 -10.83
C GLU C 106 -41.67 -18.87 -9.65
N LYS C 107 -41.98 -20.08 -9.15
CA LYS C 107 -41.25 -20.72 -8.07
C LYS C 107 -39.90 -21.27 -8.53
N ALA C 108 -39.84 -21.89 -9.74
CA ALA C 108 -38.60 -22.45 -10.32
C ALA C 108 -37.58 -21.37 -10.68
N ALA C 109 -38.02 -20.28 -11.33
CA ALA C 109 -37.20 -19.16 -11.72
C ALA C 109 -36.72 -18.38 -10.49
N CYS C 110 -37.46 -18.49 -9.37
CA CYS C 110 -37.07 -17.88 -8.10
C CYS C 110 -35.81 -18.58 -7.61
N LEU C 111 -35.90 -19.92 -7.50
CA LEU C 111 -34.82 -20.80 -7.08
C LEU C 111 -33.59 -20.66 -8.00
N ALA C 112 -33.85 -20.55 -9.29
CA ALA C 112 -32.86 -20.37 -10.34
C ALA C 112 -32.10 -19.05 -10.14
N TRP C 113 -32.83 -17.95 -9.88
CA TRP C 113 -32.21 -16.65 -9.64
C TRP C 113 -31.48 -16.57 -8.31
N CYS C 114 -31.94 -17.36 -7.30
CA CYS C 114 -31.36 -17.47 -5.95
C CYS C 114 -29.96 -18.09 -6.00
N ILE C 115 -29.69 -18.99 -6.97
CA ILE C 115 -28.39 -19.64 -7.16
C ILE C 115 -27.46 -18.67 -7.91
N GLU C 116 -28.05 -17.78 -8.73
CA GLU C 116 -27.35 -16.73 -9.45
C GLU C 116 -26.97 -15.63 -8.47
N ILE C 117 -27.83 -15.41 -7.43
CA ILE C 117 -27.56 -14.45 -6.33
C ILE C 117 -26.44 -15.07 -5.44
N LEU C 118 -26.51 -16.39 -5.18
CA LEU C 118 -25.48 -17.10 -4.41
C LEU C 118 -24.14 -17.05 -5.13
N GLN C 119 -24.15 -17.20 -6.46
CA GLN C 119 -22.95 -17.11 -7.29
C GLN C 119 -22.34 -15.70 -7.09
N ALA C 120 -23.19 -14.64 -7.16
CA ALA C 120 -22.85 -13.22 -6.98
C ALA C 120 -22.15 -13.00 -5.63
N ALA C 121 -22.77 -13.46 -4.51
CA ALA C 121 -22.19 -13.36 -3.16
C ALA C 121 -20.80 -14.01 -3.14
N PHE C 122 -20.70 -15.30 -3.53
CA PHE C 122 -19.46 -16.05 -3.54
C PHE C 122 -18.37 -15.40 -4.37
N LEU C 123 -18.73 -14.85 -5.58
CA LEU C 123 -17.74 -14.21 -6.45
C LEU C 123 -17.26 -12.88 -5.87
N VAL C 124 -18.16 -12.11 -5.19
CA VAL C 124 -17.79 -10.83 -4.56
C VAL C 124 -16.72 -11.10 -3.51
N ALA C 125 -17.00 -12.06 -2.62
CA ALA C 125 -16.09 -12.51 -1.54
C ALA C 125 -14.82 -13.14 -2.12
N ASP C 126 -14.95 -13.94 -3.17
CA ASP C 126 -13.83 -14.60 -3.86
C ASP C 126 -12.85 -13.60 -4.41
N ASP C 127 -13.33 -12.54 -5.07
CA ASP C 127 -12.49 -11.51 -5.66
C ASP C 127 -11.80 -10.68 -4.59
N ILE C 128 -12.38 -10.54 -3.40
CA ILE C 128 -11.67 -9.89 -2.28
C ILE C 128 -10.51 -10.84 -1.90
N MET C 129 -10.86 -12.12 -1.64
CA MET C 129 -9.92 -13.16 -1.20
C MET C 129 -8.77 -13.36 -2.18
N ASP C 130 -9.08 -13.38 -3.49
CA ASP C 130 -8.13 -13.64 -4.57
C ASP C 130 -7.58 -12.39 -5.26
N LYS C 131 -7.78 -11.20 -4.64
CA LYS C 131 -7.31 -9.90 -5.13
C LYS C 131 -7.63 -9.76 -6.63
N GLY C 132 -8.90 -10.03 -6.97
CA GLY C 132 -9.40 -9.98 -8.33
C GLY C 132 -9.34 -8.59 -8.92
N GLU C 133 -9.11 -8.49 -10.22
CA GLU C 133 -9.08 -7.22 -10.94
C GLU C 133 -10.35 -7.03 -11.75
N MET C 134 -10.73 -8.08 -12.52
CA MET C 134 -11.85 -8.08 -13.44
C MET C 134 -12.75 -9.26 -13.18
N ARG C 135 -14.06 -9.05 -13.31
CA ARG C 135 -15.10 -10.07 -13.17
C ARG C 135 -16.15 -9.77 -14.23
N ARG C 136 -16.38 -10.71 -15.17
CA ARG C 136 -17.34 -10.58 -16.27
C ARG C 136 -17.09 -9.29 -17.10
N ASN C 137 -15.77 -8.97 -17.32
CA ASN C 137 -15.22 -7.83 -18.09
C ASN C 137 -15.49 -6.47 -17.48
N LYS C 138 -15.92 -6.45 -16.21
CA LYS C 138 -16.15 -5.23 -15.44
C LYS C 138 -15.18 -5.31 -14.27
N TYR C 139 -14.88 -4.17 -13.62
CA TYR C 139 -14.02 -4.19 -12.45
C TYR C 139 -14.77 -4.91 -11.34
N CYS C 140 -14.04 -5.63 -10.49
CA CYS C 140 -14.62 -6.29 -9.32
C CYS C 140 -15.29 -5.24 -8.45
N TRP C 141 -16.43 -5.58 -7.89
CA TRP C 141 -17.25 -4.72 -7.02
C TRP C 141 -16.44 -4.06 -5.87
N TYR C 142 -15.61 -4.86 -5.13
CA TYR C 142 -14.83 -4.37 -4.00
C TYR C 142 -13.78 -3.31 -4.39
N LEU C 143 -13.40 -3.26 -5.66
CA LEU C 143 -12.40 -2.31 -6.15
C LEU C 143 -12.96 -0.92 -6.33
N LEU C 144 -14.26 -0.79 -6.59
CA LEU C 144 -14.93 0.50 -6.81
C LEU C 144 -14.79 1.39 -5.58
N LYS C 145 -14.37 2.65 -5.80
CA LYS C 145 -14.15 3.65 -4.74
C LYS C 145 -15.45 4.03 -4.00
N ASP C 146 -16.61 3.81 -4.64
CA ASP C 146 -17.91 4.03 -4.02
C ASP C 146 -18.35 2.82 -3.16
N VAL C 147 -17.64 1.70 -3.32
CA VAL C 147 -17.95 0.47 -2.62
C VAL C 147 -16.84 0.18 -1.60
N GLU C 148 -15.70 -0.36 -2.07
CA GLU C 148 -14.53 -0.76 -1.30
C GLU C 148 -14.83 -2.06 -0.53
N THR C 149 -13.82 -2.62 0.13
CA THR C 149 -13.94 -3.86 0.89
C THR C 149 -14.97 -3.73 2.02
N LYS C 150 -15.01 -2.56 2.71
CA LYS C 150 -15.97 -2.30 3.78
C LYS C 150 -17.42 -2.52 3.33
N ASN C 151 -17.81 -2.08 2.12
CA ASN C 151 -19.17 -2.33 1.65
C ASN C 151 -19.29 -3.72 1.09
N ALA C 152 -18.27 -4.17 0.37
CA ALA C 152 -18.27 -5.47 -0.26
C ALA C 152 -18.55 -6.61 0.76
N VAL C 153 -17.92 -6.58 1.98
CA VAL C 153 -18.14 -7.59 3.05
CA VAL C 153 -18.15 -7.60 3.02
C VAL C 153 -19.63 -7.59 3.46
N ASN C 154 -20.20 -6.38 3.66
CA ASN C 154 -21.58 -6.22 4.07
C ASN C 154 -22.53 -6.68 2.97
N ASP C 155 -22.17 -6.41 1.70
CA ASP C 155 -22.92 -6.74 0.49
C ASP C 155 -22.97 -8.25 0.22
N VAL C 156 -21.90 -9.00 0.57
CA VAL C 156 -21.84 -10.47 0.47
C VAL C 156 -22.96 -11.05 1.36
N LEU C 157 -23.06 -10.52 2.60
CA LEU C 157 -24.09 -10.88 3.59
C LEU C 157 -25.46 -10.49 3.11
N LEU C 158 -25.61 -9.32 2.45
CA LEU C 158 -26.90 -8.91 1.92
C LEU C 158 -27.38 -9.85 0.83
N LEU C 159 -26.53 -10.09 -0.19
CA LEU C 159 -26.83 -11.00 -1.30
C LEU C 159 -27.19 -12.37 -0.77
N TYR C 160 -26.39 -12.89 0.18
CA TYR C 160 -26.64 -14.19 0.77
C TYR C 160 -28.01 -14.27 1.47
N ASN C 161 -28.34 -13.24 2.27
CA ASN C 161 -29.58 -13.23 3.01
C ASN C 161 -30.81 -12.97 2.14
N SER C 162 -30.65 -12.26 0.99
CA SER C 162 -31.74 -11.96 0.07
C SER C 162 -32.39 -13.23 -0.50
N ILE C 163 -31.58 -14.28 -0.65
CA ILE C 163 -31.93 -15.59 -1.15
C ILE C 163 -33.11 -16.18 -0.34
N TYR C 164 -32.92 -16.22 1.00
CA TYR C 164 -33.83 -16.79 1.99
C TYR C 164 -35.10 -15.99 2.11
N LYS C 165 -35.04 -14.66 1.92
CA LYS C 165 -36.22 -13.81 1.87
C LYS C 165 -37.01 -14.13 0.60
N LEU C 166 -36.31 -14.27 -0.55
CA LEU C 166 -36.95 -14.59 -1.83
C LEU C 166 -37.58 -15.98 -1.81
N ILE C 167 -36.92 -17.00 -1.21
CA ILE C 167 -37.46 -18.36 -1.10
C ILE C 167 -38.73 -18.33 -0.19
N GLU C 168 -38.74 -17.48 0.85
CA GLU C 168 -39.87 -17.32 1.75
C GLU C 168 -41.05 -16.71 1.00
N ILE C 169 -40.82 -15.61 0.24
CA ILE C 169 -41.85 -14.92 -0.55
C ILE C 169 -42.53 -15.86 -1.56
N TYR C 170 -41.74 -16.68 -2.27
CA TYR C 170 -42.24 -17.51 -3.37
C TYR C 170 -42.50 -18.97 -3.06
N LEU C 171 -41.92 -19.54 -1.99
CA LEU C 171 -42.08 -20.96 -1.70
C LEU C 171 -42.39 -21.28 -0.23
N ARG C 172 -42.73 -20.32 0.63
CA ARG C 172 -42.99 -20.64 2.04
C ARG C 172 -44.10 -21.71 2.25
N ASN C 173 -45.10 -21.78 1.36
CA ASN C 173 -46.20 -22.74 1.51
C ASN C 173 -45.96 -24.08 0.81
N GLU C 174 -44.82 -24.22 0.12
CA GLU C 174 -44.39 -25.46 -0.54
C GLU C 174 -43.95 -26.47 0.49
N SER C 175 -44.11 -27.77 0.20
CA SER C 175 -43.72 -28.83 1.13
C SER C 175 -42.21 -29.00 1.17
N CYS C 176 -41.52 -28.64 0.07
CA CYS C 176 -40.06 -28.73 -0.06
C CYS C 176 -39.35 -27.52 0.56
N TYR C 177 -40.10 -26.52 1.08
CA TYR C 177 -39.57 -25.27 1.63
C TYR C 177 -38.38 -25.44 2.58
N VAL C 178 -38.53 -26.25 3.64
CA VAL C 178 -37.47 -26.47 4.64
C VAL C 178 -36.31 -27.25 4.00
N ASP C 179 -36.62 -28.19 3.08
CA ASP C 179 -35.64 -28.98 2.34
C ASP C 179 -34.82 -28.12 1.36
N VAL C 180 -35.43 -27.08 0.78
CA VAL C 180 -34.76 -26.17 -0.14
C VAL C 180 -33.81 -25.26 0.63
N ILE C 181 -34.27 -24.65 1.74
CA ILE C 181 -33.41 -23.74 2.53
C ILE C 181 -32.24 -24.54 3.21
N ALA C 182 -32.47 -25.81 3.60
CA ALA C 182 -31.40 -26.69 4.12
C ALA C 182 -30.38 -27.06 3.04
N THR C 183 -30.81 -27.20 1.77
CA THR C 183 -29.92 -27.55 0.65
C THR C 183 -28.99 -26.37 0.34
N PHE C 184 -29.53 -25.12 0.34
CA PHE C 184 -28.79 -23.87 0.14
C PHE C 184 -27.77 -23.70 1.27
N ARG C 185 -28.22 -23.85 2.53
CA ARG C 185 -27.36 -23.70 3.69
CA ARG C 185 -27.36 -23.70 3.70
C ARG C 185 -26.22 -24.70 3.69
N ASP C 186 -26.52 -25.98 3.35
CA ASP C 186 -25.52 -27.05 3.36
C ASP C 186 -24.49 -26.94 2.26
N ALA C 187 -24.93 -26.55 1.05
CA ALA C 187 -24.07 -26.34 -0.10
C ALA C 187 -23.17 -25.11 0.18
N THR C 188 -23.73 -24.04 0.84
CA THR C 188 -22.99 -22.83 1.23
C THR C 188 -21.89 -23.19 2.24
N LEU C 189 -22.26 -23.93 3.28
CA LEU C 189 -21.35 -24.43 4.32
CA LEU C 189 -21.32 -24.38 4.30
C LEU C 189 -20.15 -25.18 3.70
N LYS C 190 -20.44 -26.05 2.71
CA LYS C 190 -19.42 -26.83 2.01
C LYS C 190 -18.51 -25.93 1.15
N THR C 191 -19.09 -24.89 0.50
CA THR C 191 -18.35 -23.92 -0.33
C THR C 191 -17.38 -23.14 0.52
N ILE C 192 -17.85 -22.65 1.70
CA ILE C 192 -17.06 -21.88 2.67
C ILE C 192 -15.81 -22.69 3.13
N ILE C 193 -15.98 -24.00 3.44
CA ILE C 193 -14.86 -24.89 3.83
C ILE C 193 -13.86 -25.02 2.67
N GLY C 194 -14.37 -25.21 1.44
CA GLY C 194 -13.58 -25.28 0.20
C GLY C 194 -12.75 -24.03 -0.05
N GLN C 195 -13.38 -22.85 0.14
CA GLN C 195 -12.75 -21.54 -0.02
C GLN C 195 -11.68 -21.32 1.02
N HIS C 196 -11.89 -21.83 2.23
CA HIS C 196 -10.91 -21.79 3.30
C HIS C 196 -9.71 -22.65 2.93
N LEU C 197 -9.93 -23.88 2.42
CA LEU C 197 -8.83 -24.76 2.02
C LEU C 197 -8.06 -24.19 0.83
N ASP C 198 -8.77 -23.65 -0.16
CA ASP C 198 -8.18 -23.01 -1.34
C ASP C 198 -7.19 -21.86 -0.95
N THR C 199 -7.57 -21.12 0.10
CA THR C 199 -6.90 -19.94 0.64
C THR C 199 -5.81 -20.30 1.65
N ASN C 200 -5.87 -21.48 2.32
CA ASN C 200 -4.92 -21.79 3.38
C ASN C 200 -4.13 -23.09 3.23
N ILE C 201 -4.35 -23.88 2.17
CA ILE C 201 -3.69 -25.18 2.03
C ILE C 201 -2.13 -25.15 2.14
N PHE C 202 -1.46 -24.03 1.71
CA PHE C 202 -0.02 -23.87 1.73
C PHE C 202 0.47 -22.95 2.87
N SER C 203 -0.48 -22.40 3.68
CA SER C 203 -0.23 -21.50 4.82
C SER C 203 0.59 -22.17 5.92
N ASP C 204 1.38 -21.34 6.62
CA ASP C 204 2.31 -21.75 7.69
C ASP C 204 1.62 -22.48 8.82
N LYS C 205 0.42 -22.03 9.20
CA LYS C 205 -0.37 -22.63 10.29
C LYS C 205 -0.68 -24.12 10.02
N TYR C 206 -0.67 -24.54 8.73
CA TYR C 206 -0.92 -25.93 8.29
C TYR C 206 0.36 -26.69 7.92
N SER C 207 1.49 -25.98 7.79
CA SER C 207 2.81 -26.50 7.43
C SER C 207 3.74 -26.52 8.65
N GLU C 212 0.72 -24.11 15.88
CA GLU C 212 -0.53 -23.44 16.30
C GLU C 212 -0.68 -22.02 15.77
N ILE C 213 -1.94 -21.58 15.52
CA ILE C 213 -2.27 -20.23 15.03
C ILE C 213 -1.77 -19.18 16.05
N ASP C 214 -1.00 -18.20 15.55
CA ASP C 214 -0.43 -17.16 16.40
C ASP C 214 -1.40 -15.99 16.54
N VAL C 215 -2.03 -15.89 17.71
CA VAL C 215 -2.98 -14.85 18.09
C VAL C 215 -2.26 -13.55 18.54
N ASN C 216 -0.91 -13.54 18.51
CA ASN C 216 -0.12 -12.36 18.90
C ASN C 216 0.61 -11.72 17.72
N ASN C 217 0.54 -12.35 16.54
CA ASN C 217 1.18 -11.83 15.35
C ASN C 217 0.18 -11.10 14.46
N ILE C 218 0.35 -9.76 14.37
CA ILE C 218 -0.41 -8.86 13.50
C ILE C 218 0.54 -8.00 12.66
N ASN C 219 1.88 -8.22 12.80
CA ASN C 219 2.91 -7.39 12.15
C ASN C 219 3.93 -8.12 11.28
N VAL C 220 4.15 -9.43 11.51
CA VAL C 220 5.13 -10.23 10.75
C VAL C 220 4.39 -10.98 9.62
N PRO C 221 4.42 -10.46 8.37
CA PRO C 221 3.71 -11.12 7.27
C PRO C 221 4.25 -12.49 6.92
N GLU C 222 3.35 -13.35 6.45
CA GLU C 222 3.71 -14.67 6.01
C GLU C 222 4.25 -14.57 4.60
N GLN C 223 5.35 -15.27 4.36
CA GLN C 223 5.96 -15.33 3.06
C GLN C 223 5.32 -16.53 2.37
N PRO C 224 4.51 -16.33 1.32
CA PRO C 224 3.86 -17.47 0.68
C PRO C 224 4.86 -18.41 0.01
N VAL C 225 4.76 -19.69 0.36
CA VAL C 225 5.56 -20.79 -0.18
C VAL C 225 4.63 -22.00 -0.34
N ILE C 226 4.86 -22.82 -1.40
CA ILE C 226 4.10 -24.04 -1.64
C ILE C 226 4.52 -25.12 -0.62
N ASP C 227 3.61 -26.02 -0.28
CA ASP C 227 3.86 -27.16 0.59
C ASP C 227 3.76 -28.38 -0.32
N ILE C 228 4.92 -28.98 -0.63
CA ILE C 228 5.07 -30.15 -1.52
C ILE C 228 4.23 -31.33 -1.03
N ASN C 229 4.00 -31.45 0.29
CA ASN C 229 3.17 -32.53 0.85
C ASN C 229 1.69 -32.41 0.48
N MET C 230 1.26 -31.21 0.01
CA MET C 230 -0.12 -30.91 -0.38
C MET C 230 -0.32 -30.98 -1.89
N ILE C 231 0.79 -31.08 -2.64
CA ILE C 231 0.73 -31.12 -4.10
C ILE C 231 0.44 -32.56 -4.56
N ASN C 232 -0.85 -32.92 -4.49
CA ASN C 232 -1.43 -34.19 -4.95
C ASN C 232 -2.90 -33.98 -5.26
N PHE C 233 -3.43 -34.82 -6.16
CA PHE C 233 -4.80 -34.73 -6.63
CA PHE C 233 -4.81 -34.73 -6.62
C PHE C 233 -5.82 -35.08 -5.54
N GLY C 234 -5.40 -35.85 -4.54
CA GLY C 234 -6.25 -36.24 -3.42
C GLY C 234 -6.75 -35.04 -2.64
N VAL C 235 -5.80 -34.17 -2.26
CA VAL C 235 -5.98 -32.88 -1.58
C VAL C 235 -6.76 -31.94 -2.53
N TYR C 236 -6.31 -31.85 -3.81
CA TYR C 236 -6.95 -31.02 -4.85
C TYR C 236 -8.44 -31.32 -4.99
N LYS C 237 -8.84 -32.61 -5.10
CA LYS C 237 -10.24 -33.03 -5.23
C LYS C 237 -11.04 -32.62 -3.99
N ASN C 238 -10.43 -32.70 -2.78
CA ASN C 238 -11.06 -32.27 -1.52
C ASN C 238 -11.47 -30.79 -1.55
N ILE C 239 -10.58 -29.92 -2.07
CA ILE C 239 -10.78 -28.48 -2.18
C ILE C 239 -11.88 -28.14 -3.20
N VAL C 240 -11.74 -28.69 -4.44
CA VAL C 240 -12.57 -28.41 -5.62
C VAL C 240 -14.01 -28.95 -5.53
N ILE C 241 -14.19 -30.10 -4.85
CA ILE C 241 -15.46 -30.73 -4.58
C ILE C 241 -16.24 -29.78 -3.64
N HIS C 242 -15.55 -29.19 -2.67
CA HIS C 242 -16.15 -28.29 -1.70
C HIS C 242 -16.31 -26.85 -2.23
N LYS C 243 -15.28 -26.23 -2.82
CA LYS C 243 -15.43 -24.84 -3.28
C LYS C 243 -16.29 -24.68 -4.55
N THR C 244 -16.47 -25.74 -5.36
CA THR C 244 -17.20 -25.63 -6.62
C THR C 244 -18.41 -26.57 -6.78
N ALA C 245 -18.20 -27.89 -6.73
CA ALA C 245 -19.18 -28.95 -7.04
C ALA C 245 -20.56 -28.81 -6.38
N TYR C 246 -20.62 -28.54 -5.06
CA TYR C 246 -21.85 -28.43 -4.27
C TYR C 246 -22.75 -27.27 -4.67
N TYR C 247 -22.22 -26.04 -4.74
CA TYR C 247 -23.05 -24.91 -5.10
C TYR C 247 -23.27 -24.78 -6.63
N SER C 248 -22.33 -25.30 -7.44
CA SER C 248 -22.37 -25.16 -8.91
C SER C 248 -23.11 -26.27 -9.62
N PHE C 249 -23.14 -27.47 -9.04
CA PHE C 249 -23.81 -28.59 -9.65
C PHE C 249 -24.88 -29.22 -8.75
N PHE C 250 -24.53 -29.65 -7.53
CA PHE C 250 -25.46 -30.33 -6.62
C PHE C 250 -26.68 -29.48 -6.28
N LEU C 251 -26.46 -28.27 -5.73
CA LEU C 251 -27.52 -27.35 -5.33
C LEU C 251 -28.51 -27.09 -6.49
N PRO C 252 -28.12 -26.72 -7.74
CA PRO C 252 -29.15 -26.44 -8.75
C PRO C 252 -29.99 -27.67 -9.15
N ILE C 253 -29.34 -28.84 -9.28
CA ILE C 253 -30.04 -30.08 -9.65
C ILE C 253 -31.05 -30.48 -8.54
N VAL C 254 -30.62 -30.44 -7.26
CA VAL C 254 -31.46 -30.78 -6.09
C VAL C 254 -32.66 -29.80 -5.98
N CYS C 255 -32.46 -28.50 -6.27
CA CYS C 255 -33.52 -27.48 -6.27
C CYS C 255 -34.64 -27.87 -7.23
N GLY C 256 -34.27 -28.16 -8.50
CA GLY C 256 -35.21 -28.57 -9.53
C GLY C 256 -35.95 -29.85 -9.20
N MET C 257 -35.25 -30.83 -8.60
CA MET C 257 -35.76 -32.13 -8.16
C MET C 257 -36.71 -32.04 -6.97
N LEU C 258 -36.33 -31.26 -5.92
CA LEU C 258 -37.18 -31.07 -4.73
C LEU C 258 -38.47 -30.36 -5.11
N LEU C 259 -38.38 -29.34 -5.99
CA LEU C 259 -39.53 -28.56 -6.42
C LEU C 259 -40.47 -29.41 -7.28
N ALA C 260 -39.91 -30.31 -8.11
CA ALA C 260 -40.69 -31.22 -8.97
C ALA C 260 -41.28 -32.40 -8.18
N GLY C 261 -40.89 -32.54 -6.92
CA GLY C 261 -41.45 -33.55 -6.03
C GLY C 261 -40.74 -34.86 -5.81
N ILE C 262 -39.44 -34.98 -6.16
CA ILE C 262 -38.72 -36.22 -5.91
C ILE C 262 -38.41 -36.29 -4.40
N ALA C 263 -38.85 -37.38 -3.75
CA ALA C 263 -38.72 -37.60 -2.31
C ALA C 263 -37.27 -37.64 -1.86
N VAL C 264 -36.95 -36.85 -0.82
CA VAL C 264 -35.61 -36.67 -0.22
C VAL C 264 -34.93 -38.02 0.14
N ASP C 265 -35.74 -39.09 0.26
CA ASP C 265 -35.26 -40.44 0.60
C ASP C 265 -34.86 -41.25 -0.64
N ASN C 266 -35.25 -40.78 -1.85
CA ASN C 266 -34.95 -41.43 -3.13
C ASN C 266 -33.44 -41.54 -3.36
N LEU C 267 -33.00 -42.75 -3.75
CA LEU C 267 -31.59 -43.10 -3.98
C LEU C 267 -30.95 -42.34 -5.15
N ILE C 268 -31.76 -41.71 -6.02
CA ILE C 268 -31.32 -40.90 -7.17
C ILE C 268 -30.49 -39.71 -6.70
N TYR C 269 -30.80 -39.15 -5.52
CA TYR C 269 -30.10 -38.02 -4.91
C TYR C 269 -28.62 -38.30 -4.64
N LYS C 270 -28.26 -39.56 -4.30
CA LYS C 270 -26.87 -39.93 -4.06
C LYS C 270 -26.13 -40.03 -5.39
N LYS C 271 -26.82 -40.53 -6.44
CA LYS C 271 -26.28 -40.65 -7.80
C LYS C 271 -25.98 -39.26 -8.33
N ILE C 272 -26.91 -38.31 -8.09
CA ILE C 272 -26.82 -36.88 -8.46
C ILE C 272 -25.61 -36.24 -7.72
N GLU C 273 -25.44 -36.58 -6.44
CA GLU C 273 -24.34 -36.08 -5.64
C GLU C 273 -23.02 -36.48 -6.26
N ASP C 274 -22.91 -37.76 -6.65
CA ASP C 274 -21.72 -38.34 -7.25
C ASP C 274 -21.41 -37.75 -8.63
N ILE C 275 -22.43 -37.53 -9.48
CA ILE C 275 -22.27 -36.88 -10.80
C ILE C 275 -21.79 -35.42 -10.63
N SER C 276 -22.41 -34.68 -9.66
CA SER C 276 -22.10 -33.30 -9.29
C SER C 276 -20.60 -33.12 -8.90
N MET C 277 -20.02 -34.13 -8.19
CA MET C 277 -18.62 -34.21 -7.75
C MET C 277 -17.70 -34.35 -8.94
N LEU C 278 -18.05 -35.28 -9.85
CA LEU C 278 -17.34 -35.50 -11.11
C LEU C 278 -17.36 -34.21 -11.98
N MET C 279 -18.55 -33.56 -12.06
CA MET C 279 -18.78 -32.35 -12.82
C MET C 279 -18.09 -31.12 -12.25
N GLY C 280 -18.05 -30.99 -10.92
CA GLY C 280 -17.43 -29.84 -10.27
C GLY C 280 -15.92 -29.85 -10.38
N GLU C 281 -15.35 -31.06 -10.31
CA GLU C 281 -13.93 -31.34 -10.47
C GLU C 281 -13.54 -30.99 -11.92
N TYR C 282 -14.32 -31.50 -12.90
CA TYR C 282 -14.16 -31.26 -14.34
C TYR C 282 -14.23 -29.75 -14.65
N PHE C 283 -15.23 -29.05 -14.05
CA PHE C 283 -15.45 -27.63 -14.24
C PHE C 283 -14.33 -26.76 -13.62
N GLN C 284 -13.86 -27.13 -12.41
CA GLN C 284 -12.79 -26.42 -11.75
C GLN C 284 -11.46 -26.61 -12.48
N ILE C 285 -11.18 -27.84 -12.99
CA ILE C 285 -9.92 -28.12 -13.69
C ILE C 285 -9.82 -27.24 -14.95
N HIS C 286 -10.93 -27.10 -15.70
CA HIS C 286 -11.06 -26.25 -16.88
C HIS C 286 -10.83 -24.77 -16.48
N ASP C 287 -11.33 -24.35 -15.31
CA ASP C 287 -11.18 -22.99 -14.78
C ASP C 287 -9.70 -22.68 -14.48
N ASP C 288 -8.99 -23.60 -13.78
CA ASP C 288 -7.56 -23.49 -13.47
C ASP C 288 -6.78 -23.43 -14.77
N TYR C 289 -7.25 -24.18 -15.80
CA TYR C 289 -6.66 -24.22 -17.15
C TYR C 289 -6.76 -22.82 -17.76
N LEU C 290 -7.97 -22.23 -17.69
CA LEU C 290 -8.27 -20.91 -18.23
C LEU C 290 -7.48 -19.78 -17.54
N ASP C 291 -7.17 -19.94 -16.24
CA ASP C 291 -6.41 -18.96 -15.49
C ASP C 291 -5.01 -18.76 -16.10
N ILE C 292 -4.45 -19.81 -16.69
CA ILE C 292 -3.12 -19.71 -17.27
C ILE C 292 -3.13 -19.70 -18.83
N PHE C 293 -4.11 -20.33 -19.50
CA PHE C 293 -4.18 -20.34 -20.97
C PHE C 293 -5.36 -19.58 -21.61
N GLY C 294 -6.26 -19.06 -20.81
CA GLY C 294 -7.40 -18.33 -21.36
C GLY C 294 -7.08 -16.90 -21.73
N ASP C 295 -8.00 -16.26 -22.46
CA ASP C 295 -7.91 -14.85 -22.86
C ASP C 295 -8.86 -14.09 -21.90
N SER C 296 -8.33 -13.09 -21.15
CA SER C 296 -9.09 -12.30 -20.16
C SER C 296 -10.29 -11.52 -20.76
N THR C 297 -10.27 -11.23 -22.07
CA THR C 297 -11.37 -10.55 -22.76
C THR C 297 -12.52 -11.54 -22.96
N LYS C 298 -12.16 -12.84 -23.14
CA LYS C 298 -13.13 -13.92 -23.32
C LYS C 298 -13.61 -14.45 -21.99
N THR C 299 -12.69 -14.66 -21.03
CA THR C 299 -13.03 -15.18 -19.71
C THR C 299 -13.72 -14.13 -18.84
N GLY C 300 -13.42 -12.85 -19.11
CA GLY C 300 -13.98 -11.73 -18.36
C GLY C 300 -13.27 -11.46 -17.05
N LYS C 301 -12.15 -12.14 -16.80
CA LYS C 301 -11.37 -12.06 -15.57
C LYS C 301 -9.86 -12.21 -15.85
N VAL C 302 -9.01 -11.63 -14.97
CA VAL C 302 -7.56 -11.69 -15.10
C VAL C 302 -7.02 -12.83 -14.24
N GLY C 303 -6.20 -13.69 -14.84
CA GLY C 303 -5.53 -14.81 -14.18
C GLY C 303 -4.62 -14.41 -13.05
N SER C 304 -4.63 -15.17 -11.92
CA SER C 304 -3.88 -14.84 -10.70
C SER C 304 -3.40 -16.02 -9.83
N ASP C 305 -3.67 -17.27 -10.24
CA ASP C 305 -3.37 -18.45 -9.41
C ASP C 305 -1.88 -18.68 -9.10
N ILE C 306 -0.99 -18.26 -9.99
CA ILE C 306 0.46 -18.41 -9.78
C ILE C 306 0.90 -17.43 -8.68
N GLN C 307 0.52 -16.16 -8.83
CA GLN C 307 0.78 -15.04 -7.91
C GLN C 307 0.14 -15.25 -6.56
N ASN C 308 -1.09 -15.80 -6.51
CA ASN C 308 -1.83 -16.01 -5.27
C ASN C 308 -1.55 -17.34 -4.56
N ASN C 309 -0.51 -18.10 -5.03
CA ASN C 309 -0.02 -19.35 -4.45
C ASN C 309 -1.13 -20.38 -4.28
N LYS C 310 -1.89 -20.61 -5.37
CA LYS C 310 -3.02 -21.58 -5.38
C LYS C 310 -2.57 -23.01 -5.73
N LEU C 311 -3.22 -24.01 -5.13
CA LEU C 311 -3.01 -25.42 -5.46
C LEU C 311 -3.95 -25.71 -6.67
N THR C 312 -3.39 -25.64 -7.88
CA THR C 312 -4.11 -25.83 -9.12
C THR C 312 -3.77 -27.14 -9.79
N TRP C 313 -4.65 -27.56 -10.72
CA TRP C 313 -4.45 -28.74 -11.53
C TRP C 313 -3.15 -28.58 -12.35
N PRO C 314 -2.87 -27.45 -13.09
CA PRO C 314 -1.57 -27.36 -13.80
C PRO C 314 -0.35 -27.52 -12.90
N LEU C 315 -0.42 -27.01 -11.63
CA LEU C 315 0.65 -27.15 -10.64
C LEU C 315 0.90 -28.63 -10.30
N ILE C 316 -0.19 -29.39 -10.01
CA ILE C 316 -0.08 -30.81 -9.63
C ILE C 316 0.39 -31.66 -10.82
N LYS C 317 -0.20 -31.47 -12.02
CA LYS C 317 0.18 -32.18 -13.24
C LYS C 317 1.66 -31.95 -13.57
N THR C 318 2.18 -30.69 -13.45
CA THR C 318 3.59 -30.35 -13.67
C THR C 318 4.48 -31.04 -12.64
N PHE C 319 4.12 -30.98 -11.35
CA PHE C 319 4.87 -31.60 -10.27
C PHE C 319 5.02 -33.11 -10.46
N GLU C 320 3.99 -33.74 -11.02
CA GLU C 320 3.88 -35.17 -11.33
C GLU C 320 4.84 -35.61 -12.48
N LEU C 321 5.08 -34.71 -13.46
CA LEU C 321 5.86 -34.95 -14.68
C LEU C 321 7.28 -34.39 -14.68
N CYS C 322 7.54 -33.34 -13.89
CA CYS C 322 8.81 -32.61 -13.94
C CYS C 322 9.99 -33.23 -13.17
N SER C 323 11.20 -32.77 -13.54
CA SER C 323 12.48 -33.16 -12.97
C SER C 323 12.65 -32.53 -11.60
N GLU C 324 13.51 -33.12 -10.73
CA GLU C 324 13.81 -32.62 -9.39
C GLU C 324 14.30 -31.14 -9.46
N PRO C 325 15.22 -30.74 -10.39
CA PRO C 325 15.57 -29.30 -10.48
C PRO C 325 14.39 -28.40 -10.88
N ASP C 326 13.42 -28.93 -11.64
CA ASP C 326 12.24 -28.14 -12.02
C ASP C 326 11.26 -27.99 -10.85
N LYS C 327 11.25 -28.97 -9.92
CA LYS C 327 10.48 -28.89 -8.69
C LYS C 327 11.04 -27.74 -7.84
N ILE C 328 12.39 -27.59 -7.81
CA ILE C 328 13.10 -26.55 -7.08
C ILE C 328 12.81 -25.18 -7.69
N LYS C 329 12.71 -25.10 -9.02
CA LYS C 329 12.37 -23.91 -9.79
C LYS C 329 10.94 -23.45 -9.39
N ILE C 330 9.99 -24.41 -9.23
CA ILE C 330 8.60 -24.12 -8.86
C ILE C 330 8.54 -23.55 -7.44
N VAL C 331 9.21 -24.21 -6.48
CA VAL C 331 9.28 -23.80 -5.06
C VAL C 331 9.79 -22.35 -4.97
N LYS C 332 10.83 -22.03 -5.74
CA LYS C 332 11.49 -20.72 -5.78
C LYS C 332 10.65 -19.60 -6.43
N ASN C 333 9.87 -19.92 -7.48
CA ASN C 333 9.14 -18.92 -8.24
C ASN C 333 7.60 -18.88 -8.06
N TYR C 334 6.99 -19.88 -7.42
CA TYR C 334 5.52 -19.95 -7.22
C TYR C 334 5.05 -19.13 -6.00
N GLY C 335 3.90 -18.47 -6.17
CA GLY C 335 3.28 -17.68 -5.12
C GLY C 335 3.93 -16.34 -4.93
N LYS C 336 4.45 -15.76 -6.05
CA LYS C 336 5.12 -14.46 -6.09
C LYS C 336 4.50 -13.57 -7.13
N ASN C 337 4.01 -12.42 -6.69
CA ASN C 337 3.42 -11.40 -7.56
C ASN C 337 4.58 -10.66 -8.19
N ASN C 338 5.19 -11.28 -9.20
CA ASN C 338 6.40 -10.81 -9.87
C ASN C 338 6.46 -11.49 -11.24
N LEU C 339 6.54 -10.68 -12.31
CA LEU C 339 6.56 -11.13 -13.70
C LEU C 339 7.57 -12.23 -13.99
N ALA C 340 8.85 -12.04 -13.64
CA ALA C 340 9.92 -13.00 -13.92
C ALA C 340 9.62 -14.36 -13.30
N CYS C 341 9.09 -14.34 -12.06
CA CYS C 341 8.69 -15.51 -11.29
C CYS C 341 7.51 -16.25 -11.94
N VAL C 342 6.45 -15.51 -12.40
CA VAL C 342 5.29 -16.12 -13.03
C VAL C 342 5.65 -16.59 -14.46
N LYS C 343 6.67 -15.96 -15.10
CA LYS C 343 7.16 -16.37 -16.43
C LYS C 343 7.85 -17.73 -16.36
N VAL C 344 8.61 -18.00 -15.28
CA VAL C 344 9.26 -19.28 -15.04
C VAL C 344 8.20 -20.39 -15.00
N ILE C 345 7.16 -20.24 -14.18
CA ILE C 345 6.08 -21.24 -14.05
C ILE C 345 5.28 -21.40 -15.36
N ASP C 346 4.98 -20.31 -16.04
CA ASP C 346 4.29 -20.31 -17.32
C ASP C 346 5.10 -21.10 -18.36
N SER C 347 6.44 -20.87 -18.39
CA SER C 347 7.38 -21.55 -19.26
C SER C 347 7.43 -23.05 -18.95
N LEU C 348 7.38 -23.40 -17.65
CA LEU C 348 7.36 -24.79 -17.22
C LEU C 348 6.05 -25.46 -17.62
N TYR C 349 4.93 -24.70 -17.69
CA TYR C 349 3.64 -25.25 -18.12
C TYR C 349 3.64 -25.52 -19.63
N GLU C 350 4.43 -24.74 -20.41
CA GLU C 350 4.61 -24.91 -21.86
C GLU C 350 5.52 -26.15 -22.09
N GLN C 351 6.63 -26.22 -21.33
CA GLN C 351 7.63 -27.28 -21.38
C GLN C 351 7.02 -28.67 -21.13
N TYR C 352 6.17 -28.79 -20.10
CA TYR C 352 5.57 -30.08 -19.75
C TYR C 352 4.21 -30.29 -20.39
N LYS C 353 3.90 -29.52 -21.45
CA LYS C 353 2.71 -29.63 -22.30
C LYS C 353 1.40 -29.79 -21.52
N ILE C 354 1.20 -28.96 -20.47
CA ILE C 354 0.01 -28.92 -19.60
C ILE C 354 -1.30 -28.72 -20.42
N ARG C 355 -1.25 -27.93 -21.51
CA ARG C 355 -2.39 -27.72 -22.41
C ARG C 355 -2.85 -29.07 -23.00
N LYS C 356 -1.86 -29.93 -23.40
CA LYS C 356 -2.12 -31.26 -23.98
C LYS C 356 -2.69 -32.22 -22.92
N HIS C 357 -2.10 -32.25 -21.70
CA HIS C 357 -2.55 -33.08 -20.59
C HIS C 357 -3.93 -32.71 -20.13
N TYR C 358 -4.27 -31.41 -20.20
CA TYR C 358 -5.63 -30.95 -19.87
C TYR C 358 -6.64 -31.53 -20.86
N GLU C 359 -6.36 -31.39 -22.16
CA GLU C 359 -7.21 -31.87 -23.26
C GLU C 359 -7.50 -33.38 -23.12
N SER C 360 -6.50 -34.15 -22.71
CA SER C 360 -6.57 -35.59 -22.45
C SER C 360 -7.39 -35.86 -21.18
N TYR C 361 -7.29 -34.97 -20.17
CA TYR C 361 -8.07 -35.08 -18.94
C TYR C 361 -9.57 -34.89 -19.25
N GLU C 362 -9.91 -33.76 -19.93
CA GLU C 362 -11.25 -33.33 -20.32
C GLU C 362 -11.97 -34.48 -21.06
N LYS C 363 -11.29 -35.09 -22.05
CA LYS C 363 -11.76 -36.19 -22.86
C LYS C 363 -12.13 -37.40 -21.97
N ALA C 364 -11.23 -37.78 -21.04
CA ALA C 364 -11.41 -38.89 -20.10
C ALA C 364 -12.44 -38.60 -19.00
N GLN C 365 -12.50 -37.35 -18.51
CA GLN C 365 -13.44 -36.97 -17.46
C GLN C 365 -14.86 -36.83 -18.02
N LYS C 366 -15.02 -36.27 -19.26
CA LYS C 366 -16.33 -36.18 -19.93
C LYS C 366 -16.94 -37.57 -20.11
N ALA C 367 -16.11 -38.58 -20.44
CA ALA C 367 -16.54 -39.96 -20.63
C ALA C 367 -17.01 -40.58 -19.32
N LYS C 368 -16.26 -40.34 -18.21
CA LYS C 368 -16.55 -40.80 -16.84
C LYS C 368 -17.87 -40.20 -16.35
N ILE C 369 -18.10 -38.88 -16.63
CA ILE C 369 -19.34 -38.15 -16.29
C ILE C 369 -20.54 -38.77 -17.06
N LEU C 370 -20.40 -38.92 -18.41
CA LEU C 370 -21.42 -39.51 -19.30
C LEU C 370 -21.82 -40.93 -18.87
N SER C 371 -20.83 -41.74 -18.46
CA SER C 371 -21.04 -43.10 -17.97
C SER C 371 -21.89 -43.11 -16.70
N ALA C 372 -21.63 -42.18 -15.76
CA ALA C 372 -22.37 -42.01 -14.50
C ALA C 372 -23.78 -41.49 -14.75
N ILE C 373 -23.95 -40.55 -15.73
CA ILE C 373 -25.24 -39.98 -16.15
C ILE C 373 -26.16 -41.14 -16.69
N ASN C 374 -25.59 -42.05 -17.49
CA ASN C 374 -26.31 -43.19 -18.08
C ASN C 374 -26.87 -44.18 -17.04
N GLU C 375 -26.30 -44.17 -15.82
CA GLU C 375 -26.69 -45.02 -14.69
C GLU C 375 -27.84 -44.42 -13.84
N LEU C 376 -28.31 -43.19 -14.18
CA LEU C 376 -29.37 -42.49 -13.44
C LEU C 376 -30.76 -43.13 -13.51
N HIS C 377 -31.07 -43.74 -14.68
CA HIS C 377 -32.35 -44.39 -14.99
C HIS C 377 -33.52 -43.38 -14.82
N HIS C 378 -33.35 -42.22 -15.46
CA HIS C 378 -34.26 -41.09 -15.53
C HIS C 378 -33.91 -40.34 -16.82
N GLU C 379 -34.66 -40.58 -17.90
CA GLU C 379 -34.41 -39.98 -19.22
C GLU C 379 -34.39 -38.44 -19.23
N GLY C 380 -35.29 -37.81 -18.45
CA GLY C 380 -35.38 -36.36 -18.35
C GLY C 380 -34.12 -35.68 -17.83
N ILE C 381 -33.65 -36.12 -16.63
CA ILE C 381 -32.45 -35.61 -15.95
C ILE C 381 -31.20 -35.89 -16.84
N GLU C 382 -31.14 -37.10 -17.44
CA GLU C 382 -30.07 -37.55 -18.33
C GLU C 382 -29.89 -36.62 -19.55
N TYR C 383 -31.00 -36.14 -20.15
CA TYR C 383 -30.93 -35.22 -21.29
C TYR C 383 -30.30 -33.90 -20.85
N VAL C 384 -30.82 -33.32 -19.74
CA VAL C 384 -30.39 -32.04 -19.15
C VAL C 384 -28.88 -32.06 -18.81
N LEU C 385 -28.42 -33.11 -18.12
CA LEU C 385 -27.03 -33.28 -17.71
C LEU C 385 -26.12 -33.50 -18.89
N LYS C 386 -26.58 -34.23 -19.93
CA LYS C 386 -25.82 -34.44 -21.17
C LYS C 386 -25.69 -33.09 -21.91
N TYR C 387 -26.79 -32.32 -21.95
CA TYR C 387 -26.86 -31.00 -22.55
C TYR C 387 -25.98 -30.00 -21.82
N LEU C 388 -26.08 -29.95 -20.46
CA LEU C 388 -25.29 -29.09 -19.59
C LEU C 388 -23.81 -29.28 -19.89
N LEU C 389 -23.38 -30.54 -19.98
CA LEU C 389 -22.00 -30.95 -20.24
C LEU C 389 -21.45 -30.37 -21.54
N GLU C 390 -22.34 -30.11 -22.52
CA GLU C 390 -21.98 -29.54 -23.82
C GLU C 390 -21.84 -28.04 -23.78
N ILE C 391 -22.72 -27.35 -23.02
CA ILE C 391 -22.76 -25.87 -22.92
C ILE C 391 -22.00 -25.31 -21.72
N LEU C 392 -21.54 -26.17 -20.80
CA LEU C 392 -20.86 -25.81 -19.56
C LEU C 392 -19.83 -24.67 -19.64
N PHE C 393 -18.97 -24.72 -20.67
CA PHE C 393 -17.88 -23.76 -20.84
C PHE C 393 -18.30 -22.54 -21.64
N THR C 394 -19.39 -22.63 -22.41
CA THR C 394 -19.88 -21.55 -23.27
C THR C 394 -21.11 -20.82 -22.73
N GLY C 395 -22.00 -21.58 -22.09
CA GLY C 395 -23.29 -21.11 -21.61
C GLY C 395 -24.34 -21.34 -22.67
N VAL C 396 -25.51 -20.69 -22.51
CA VAL C 396 -26.68 -20.71 -23.39
C VAL C 396 -27.31 -22.10 -23.38
N PHE D 37 -25.85 -22.01 30.57
CA PHE D 37 -25.47 -21.30 29.36
C PHE D 37 -23.94 -21.20 29.22
N ARG D 38 -23.26 -20.66 30.25
CA ARG D 38 -21.80 -20.49 30.24
C ARG D 38 -21.06 -21.80 30.00
N ASN D 39 -21.44 -22.87 30.74
CA ASN D 39 -20.81 -24.18 30.64
C ASN D 39 -21.18 -24.96 29.37
N MET D 40 -22.30 -24.59 28.74
CA MET D 40 -22.90 -25.18 27.54
C MET D 40 -22.25 -24.76 26.22
N TYR D 41 -21.33 -23.78 26.25
CA TYR D 41 -20.69 -23.24 25.06
C TYR D 41 -20.02 -24.33 24.22
N ASP D 42 -19.15 -25.11 24.86
CA ASP D 42 -18.36 -26.20 24.30
C ASP D 42 -19.25 -27.17 23.54
N LYS D 43 -20.44 -27.46 24.09
CA LYS D 43 -21.43 -28.36 23.50
C LYS D 43 -21.86 -27.90 22.10
N TYR D 44 -22.27 -26.64 21.95
CA TYR D 44 -22.76 -26.12 20.65
C TYR D 44 -21.63 -25.95 19.67
N ARG D 45 -20.46 -25.50 20.16
CA ARG D 45 -19.27 -25.37 19.34
C ARG D 45 -18.84 -26.74 18.80
N ASP D 46 -18.67 -27.74 19.69
CA ASP D 46 -18.27 -29.10 19.32
C ASP D 46 -19.31 -29.81 18.47
N ALA D 47 -20.62 -29.50 18.64
CA ALA D 47 -21.67 -30.05 17.79
C ALA D 47 -21.43 -29.56 16.36
N PHE D 48 -21.17 -28.24 16.18
CA PHE D 48 -20.92 -27.70 14.85
C PHE D 48 -19.61 -28.21 14.28
N LEU D 49 -18.55 -28.29 15.10
CA LEU D 49 -17.23 -28.74 14.70
C LEU D 49 -17.26 -30.19 14.22
N SER D 50 -18.14 -30.99 14.85
CA SER D 50 -18.42 -32.39 14.54
C SER D 50 -19.10 -32.52 13.20
N HIS D 51 -20.04 -31.60 12.88
CA HIS D 51 -20.71 -31.55 11.59
C HIS D 51 -19.68 -31.41 10.43
N LEU D 52 -18.69 -30.53 10.60
CA LEU D 52 -17.64 -30.32 9.59
C LEU D 52 -16.71 -31.53 9.50
N ASN D 53 -16.54 -32.25 10.61
CA ASN D 53 -15.71 -33.43 10.66
C ASN D 53 -16.33 -34.62 9.89
N GLU D 54 -17.61 -34.53 9.52
CA GLU D 54 -18.33 -35.51 8.73
C GLU D 54 -18.10 -35.33 7.21
N TYR D 55 -17.50 -34.18 6.78
CA TYR D 55 -17.23 -33.91 5.36
C TYR D 55 -16.23 -34.91 4.78
N SER D 56 -16.32 -35.20 3.47
CA SER D 56 -15.42 -36.10 2.76
C SER D 56 -14.07 -35.42 2.50
N LEU D 57 -13.23 -35.43 3.54
CA LEU D 57 -11.91 -34.82 3.52
C LEU D 57 -10.88 -35.77 4.10
N GLU D 58 -9.60 -35.62 3.70
CA GLU D 58 -8.48 -36.41 4.18
C GLU D 58 -8.30 -36.09 5.65
N GLU D 59 -8.00 -37.12 6.47
CA GLU D 59 -7.88 -37.05 7.91
C GLU D 59 -7.03 -35.87 8.41
N GLU D 60 -5.86 -35.63 7.77
CA GLU D 60 -4.95 -34.54 8.13
C GLU D 60 -5.61 -33.17 7.86
N ILE D 61 -6.39 -33.05 6.76
CA ILE D 61 -7.10 -31.82 6.39
C ILE D 61 -8.24 -31.56 7.41
N LYS D 62 -8.95 -32.61 7.87
CA LYS D 62 -10.01 -32.54 8.90
C LYS D 62 -9.42 -32.02 10.24
N GLU D 63 -8.20 -32.46 10.58
CA GLU D 63 -7.47 -32.03 11.79
C GLU D 63 -7.13 -30.54 11.71
N HIS D 64 -6.73 -30.06 10.52
CA HIS D 64 -6.41 -28.65 10.30
C HIS D 64 -7.64 -27.77 10.37
N ILE D 65 -8.76 -28.19 9.76
CA ILE D 65 -10.03 -27.45 9.74
C ILE D 65 -10.58 -27.34 11.19
N SER D 66 -10.44 -28.40 11.99
CA SER D 66 -10.91 -28.42 13.39
C SER D 66 -10.17 -27.43 14.26
N LYS D 67 -8.83 -27.41 14.15
CA LYS D 67 -7.93 -26.51 14.87
C LYS D 67 -8.26 -25.03 14.54
N TYR D 68 -8.43 -24.71 13.24
CA TYR D 68 -8.75 -23.37 12.76
C TYR D 68 -10.10 -22.92 13.24
N TYR D 69 -11.13 -23.75 13.03
CA TYR D 69 -12.49 -23.34 13.36
C TYR D 69 -12.80 -23.31 14.84
N LYS D 70 -12.14 -24.15 15.65
CA LYS D 70 -12.29 -24.13 17.11
C LYS D 70 -11.83 -22.74 17.58
N LEU D 71 -10.65 -22.28 17.11
CA LEU D 71 -10.12 -20.96 17.43
C LEU D 71 -11.04 -19.84 16.90
N LEU D 72 -11.50 -19.92 15.62
CA LEU D 72 -12.44 -18.91 15.08
C LEU D 72 -13.65 -18.67 15.99
N PHE D 73 -14.21 -19.75 16.58
CA PHE D 73 -15.34 -19.69 17.51
C PHE D 73 -14.93 -19.18 18.90
N ASP D 74 -13.91 -19.79 19.53
CA ASP D 74 -13.44 -19.38 20.87
C ASP D 74 -13.04 -17.92 20.90
N TYR D 75 -12.21 -17.50 19.94
CA TYR D 75 -11.66 -16.16 19.82
C TYR D 75 -12.75 -15.09 19.67
N ASN D 76 -13.82 -15.40 18.92
CA ASN D 76 -14.81 -14.39 18.58
C ASN D 76 -16.15 -14.51 19.28
N CYS D 77 -16.46 -15.67 19.89
CA CYS D 77 -17.72 -15.87 20.63
C CYS D 77 -17.56 -15.61 22.13
N LEU D 78 -16.32 -15.71 22.62
CA LEU D 78 -16.03 -15.52 24.03
C LEU D 78 -15.37 -14.18 24.35
N GLY D 79 -15.51 -13.77 25.61
CA GLY D 79 -14.93 -12.56 26.17
C GLY D 79 -15.86 -11.38 26.39
N GLY D 80 -17.08 -11.50 25.89
CA GLY D 80 -18.09 -10.46 25.99
C GLY D 80 -18.93 -10.54 27.24
N LYS D 81 -19.92 -9.63 27.35
CA LYS D 81 -20.88 -9.54 28.46
C LYS D 81 -21.89 -10.68 28.37
N ASN D 82 -22.12 -11.18 27.15
CA ASN D 82 -23.07 -12.22 26.77
C ASN D 82 -24.49 -11.82 27.09
N ASN D 83 -24.79 -10.50 27.02
CA ASN D 83 -26.10 -9.94 27.33
C ASN D 83 -27.20 -10.52 26.49
N ARG D 84 -26.96 -10.71 25.18
CA ARG D 84 -27.92 -11.26 24.23
C ARG D 84 -28.30 -12.72 24.54
N GLY D 85 -27.27 -13.55 24.79
CA GLY D 85 -27.41 -14.97 25.14
C GLY D 85 -28.17 -15.16 26.44
N ILE D 86 -27.79 -14.42 27.48
CA ILE D 86 -28.38 -14.40 28.82
C ILE D 86 -29.86 -13.93 28.74
N LEU D 87 -30.14 -12.95 27.86
CA LEU D 87 -31.50 -12.43 27.62
C LEU D 87 -32.44 -13.53 27.07
N VAL D 88 -31.96 -14.43 26.18
CA VAL D 88 -32.74 -15.56 25.63
C VAL D 88 -33.18 -16.48 26.81
N ILE D 89 -32.19 -16.87 27.63
CA ILE D 89 -32.30 -17.72 28.80
C ILE D 89 -33.32 -17.16 29.80
N LEU D 90 -33.19 -15.87 30.15
CA LEU D 90 -34.09 -15.22 31.12
C LEU D 90 -35.51 -15.04 30.58
N ILE D 91 -35.67 -14.55 29.33
CA ILE D 91 -37.00 -14.37 28.72
C ILE D 91 -37.73 -15.74 28.69
N TYR D 92 -37.03 -16.81 28.26
CA TYR D 92 -37.59 -18.17 28.19
C TYR D 92 -38.08 -18.64 29.56
N GLU D 93 -37.23 -18.50 30.58
CA GLU D 93 -37.48 -18.87 31.97
C GLU D 93 -38.69 -18.13 32.53
N TYR D 94 -38.75 -16.81 32.36
CA TYR D 94 -39.83 -15.99 32.91
C TYR D 94 -41.12 -15.96 32.04
N VAL D 95 -41.13 -16.64 30.88
CA VAL D 95 -42.36 -16.75 30.10
C VAL D 95 -42.98 -18.12 30.51
N LYS D 96 -42.13 -19.17 30.59
CA LYS D 96 -42.50 -20.54 30.99
C LYS D 96 -42.43 -20.72 32.51
N ASN D 101 -36.98 -28.26 32.26
CA ASN D 101 -36.07 -29.40 32.26
C ASN D 101 -34.82 -29.15 31.39
N SER D 102 -33.77 -29.99 31.56
CA SER D 102 -32.48 -29.90 30.86
C SER D 102 -32.59 -29.94 29.32
N SER D 103 -33.58 -30.70 28.78
CA SER D 103 -33.84 -30.84 27.34
C SER D 103 -34.36 -29.52 26.76
N GLU D 104 -35.17 -28.80 27.54
CA GLU D 104 -35.74 -27.51 27.21
C GLU D 104 -34.65 -26.44 27.32
N TRP D 105 -33.70 -26.62 28.26
CA TRP D 105 -32.59 -25.71 28.47
C TRP D 105 -31.59 -25.86 27.33
N GLU D 106 -31.39 -27.10 26.83
CA GLU D 106 -30.54 -27.44 25.70
C GLU D 106 -30.96 -26.65 24.44
N LYS D 107 -32.28 -26.48 24.23
CA LYS D 107 -32.82 -25.75 23.09
C LYS D 107 -32.68 -24.23 23.27
N ALA D 108 -32.91 -23.70 24.50
CA ALA D 108 -32.82 -22.27 24.84
C ALA D 108 -31.38 -21.76 24.78
N ALA D 109 -30.42 -22.53 25.35
CA ALA D 109 -29.00 -22.21 25.37
C ALA D 109 -28.42 -22.32 23.95
N CYS D 110 -29.06 -23.12 23.07
CA CYS D 110 -28.65 -23.24 21.67
C CYS D 110 -28.91 -21.89 20.99
N LEU D 111 -30.16 -21.41 21.10
CA LEU D 111 -30.62 -20.15 20.56
C LEU D 111 -29.81 -18.97 21.14
N ALA D 112 -29.50 -19.03 22.44
CA ALA D 112 -28.70 -18.07 23.19
C ALA D 112 -27.26 -18.00 22.62
N TRP D 113 -26.63 -19.17 22.39
CA TRP D 113 -25.29 -19.22 21.82
C TRP D 113 -25.24 -18.81 20.35
N CYS D 114 -26.34 -19.04 19.60
CA CYS D 114 -26.53 -18.68 18.19
C CYS D 114 -26.53 -17.15 18.01
N ILE D 115 -27.00 -16.39 19.02
CA ILE D 115 -27.03 -14.92 19.00
C ILE D 115 -25.64 -14.38 19.36
N GLU D 116 -24.88 -15.16 20.14
CA GLU D 116 -23.50 -14.87 20.51
C GLU D 116 -22.61 -15.17 19.31
N ILE D 117 -22.97 -16.18 18.49
CA ILE D 117 -22.28 -16.51 17.23
C ILE D 117 -22.60 -15.39 16.21
N LEU D 118 -23.87 -14.92 16.18
CA LEU D 118 -24.29 -13.82 15.30
C LEU D 118 -23.55 -12.54 15.65
N GLN D 119 -23.39 -12.27 16.97
CA GLN D 119 -22.62 -11.14 17.46
C GLN D 119 -21.17 -11.22 16.89
N ALA D 120 -20.55 -12.41 17.01
CA ALA D 120 -19.21 -12.75 16.54
C ALA D 120 -19.04 -12.46 15.04
N ALA D 121 -19.98 -12.97 14.24
CA ALA D 121 -20.06 -12.79 12.78
C ALA D 121 -20.10 -11.27 12.44
N PHE D 122 -21.03 -10.49 13.05
CA PHE D 122 -21.19 -9.05 12.86
C PHE D 122 -19.99 -8.22 13.34
N LEU D 123 -19.34 -8.61 14.45
CA LEU D 123 -18.18 -7.89 14.96
C LEU D 123 -16.93 -8.15 14.11
N VAL D 124 -16.75 -9.41 13.58
CA VAL D 124 -15.61 -9.71 12.72
C VAL D 124 -15.68 -8.76 11.48
N ALA D 125 -16.86 -8.70 10.83
CA ALA D 125 -17.17 -7.87 9.66
C ALA D 125 -17.09 -6.37 9.97
N ASP D 126 -17.62 -5.95 11.13
CA ASP D 126 -17.63 -4.55 11.59
C ASP D 126 -16.23 -3.99 11.78
N ASP D 127 -15.33 -4.82 12.35
CA ASP D 127 -13.93 -4.45 12.56
C ASP D 127 -13.17 -4.35 11.26
N ILE D 128 -13.56 -5.10 10.22
CA ILE D 128 -12.94 -4.92 8.89
C ILE D 128 -13.42 -3.54 8.38
N MET D 129 -14.74 -3.29 8.47
CA MET D 129 -15.38 -2.09 7.96
C MET D 129 -14.87 -0.83 8.62
N ASP D 130 -14.79 -0.81 9.97
CA ASP D 130 -14.38 0.32 10.78
C ASP D 130 -12.86 0.35 11.08
N LYS D 131 -12.04 -0.54 10.46
CA LYS D 131 -10.58 -0.62 10.65
C LYS D 131 -10.23 -0.77 12.14
N GLY D 132 -10.91 -1.71 12.79
CA GLY D 132 -10.75 -1.97 14.21
C GLY D 132 -9.36 -2.43 14.57
N GLU D 133 -8.91 -2.07 15.77
CA GLU D 133 -7.60 -2.48 16.26
C GLU D 133 -7.73 -3.58 17.30
N MET D 134 -8.64 -3.34 18.25
CA MET D 134 -8.87 -4.22 19.40
C MET D 134 -10.33 -4.58 19.52
N ARG D 135 -10.61 -5.82 19.91
CA ARG D 135 -11.97 -6.32 20.16
C ARG D 135 -11.87 -7.22 21.38
N ARG D 136 -12.60 -6.87 22.48
CA ARG D 136 -12.60 -7.61 23.76
C ARG D 136 -11.16 -7.84 24.29
N ASN D 137 -10.31 -6.78 24.16
CA ASN D 137 -8.91 -6.68 24.62
C ASN D 137 -7.94 -7.59 23.90
N LYS D 138 -8.35 -8.14 22.77
CA LYS D 138 -7.52 -8.98 21.91
C LYS D 138 -7.50 -8.24 20.57
N TYR D 139 -6.51 -8.54 19.72
CA TYR D 139 -6.43 -7.95 18.39
C TYR D 139 -7.61 -8.49 17.61
N CYS D 140 -8.16 -7.66 16.72
CA CYS D 140 -9.25 -8.07 15.84
C CYS D 140 -8.77 -9.24 15.00
N TRP D 141 -9.66 -10.19 14.77
CA TRP D 141 -9.43 -11.41 14.02
C TRP D 141 -8.78 -11.16 12.62
N TYR D 142 -9.30 -10.19 11.85
CA TYR D 142 -8.81 -9.86 10.50
C TYR D 142 -7.38 -9.32 10.49
N LEU D 143 -6.90 -8.83 11.63
CA LEU D 143 -5.55 -8.28 11.72
C LEU D 143 -4.46 -9.34 11.84
N LEU D 144 -4.81 -10.52 12.38
CA LEU D 144 -3.89 -11.64 12.56
C LEU D 144 -3.33 -12.10 11.24
N LYS D 145 -2.00 -12.26 11.16
CA LYS D 145 -1.27 -12.67 9.96
C LYS D 145 -1.65 -14.08 9.49
N ASP D 146 -2.16 -14.91 10.39
CA ASP D 146 -2.62 -16.27 10.06
C ASP D 146 -4.04 -16.24 9.53
N VAL D 147 -4.74 -15.11 9.71
CA VAL D 147 -6.11 -14.93 9.25
C VAL D 147 -6.16 -13.99 8.06
N GLU D 148 -6.05 -12.67 8.31
CA GLU D 148 -6.13 -11.56 7.35
C GLU D 148 -7.58 -11.39 6.87
N THR D 149 -7.84 -10.33 6.08
CA THR D 149 -9.16 -10.00 5.56
C THR D 149 -9.71 -11.15 4.71
N LYS D 150 -8.84 -11.79 3.89
CA LYS D 150 -9.24 -12.92 3.03
C LYS D 150 -9.91 -14.04 3.83
N ASN D 151 -9.40 -14.39 5.01
CA ASN D 151 -10.07 -15.43 5.81
C ASN D 151 -11.21 -14.87 6.56
N ALA D 152 -11.06 -13.67 7.10
CA ALA D 152 -12.06 -13.02 7.89
C ALA D 152 -13.41 -12.92 7.15
N VAL D 153 -13.41 -12.57 5.85
CA VAL D 153 -14.62 -12.47 5.01
C VAL D 153 -15.34 -13.85 4.92
N ASN D 154 -14.56 -14.88 4.66
CA ASN D 154 -15.04 -16.24 4.55
C ASN D 154 -15.58 -16.73 5.90
N ASP D 155 -14.90 -16.36 7.00
CA ASP D 155 -15.22 -16.71 8.39
C ASP D 155 -16.51 -16.08 8.88
N VAL D 156 -16.85 -14.86 8.40
CA VAL D 156 -18.11 -14.16 8.71
C VAL D 156 -19.26 -15.04 8.21
N LEU D 157 -19.14 -15.55 6.98
CA LEU D 157 -20.08 -16.44 6.32
C LEU D 157 -20.16 -17.78 7.05
N LEU D 158 -19.00 -18.31 7.53
CA LEU D 158 -19.03 -19.56 8.29
C LEU D 158 -19.80 -19.39 9.59
N LEU D 159 -19.41 -18.39 10.41
CA LEU D 159 -20.09 -18.08 11.70
C LEU D 159 -21.56 -17.89 11.50
N TYR D 160 -21.95 -17.11 10.47
CA TYR D 160 -23.35 -16.86 10.17
C TYR D 160 -24.12 -18.15 9.85
N ASN D 161 -23.54 -18.99 9.01
CA ASN D 161 -24.20 -20.22 8.59
C ASN D 161 -24.22 -21.29 9.67
N SER D 162 -23.26 -21.27 10.63
CA SER D 162 -23.18 -22.24 11.75
C SER D 162 -24.43 -22.20 12.62
N ILE D 163 -25.01 -21.00 12.76
CA ILE D 163 -26.23 -20.69 13.50
C ILE D 163 -27.37 -21.62 13.03
N TYR D 164 -27.65 -21.62 11.73
CA TYR D 164 -28.76 -22.35 11.10
C TYR D 164 -28.58 -23.85 11.17
N LYS D 165 -27.32 -24.34 11.11
CA LYS D 165 -27.01 -25.74 11.28
C LYS D 165 -27.30 -26.13 12.76
N LEU D 166 -26.89 -25.25 13.72
CA LEU D 166 -27.13 -25.50 15.15
C LEU D 166 -28.61 -25.48 15.50
N ILE D 167 -29.41 -24.55 14.91
CA ILE D 167 -30.86 -24.47 15.15
C ILE D 167 -31.54 -25.74 14.58
N GLU D 168 -31.03 -26.27 13.44
CA GLU D 168 -31.53 -27.48 12.82
C GLU D 168 -31.29 -28.69 13.74
N ILE D 169 -30.04 -28.84 14.24
CA ILE D 169 -29.63 -29.93 15.12
C ILE D 169 -30.49 -29.99 16.39
N TYR D 170 -30.76 -28.83 17.02
CA TYR D 170 -31.45 -28.74 18.31
C TYR D 170 -32.92 -28.40 18.31
N LEU D 171 -33.45 -27.82 17.22
CA LEU D 171 -34.85 -27.37 17.19
C LEU D 171 -35.60 -27.73 15.91
N ARG D 172 -35.05 -28.58 15.01
CA ARG D 172 -35.79 -28.90 13.75
C ARG D 172 -37.23 -29.45 13.98
N ASN D 173 -37.47 -30.17 15.10
CA ASN D 173 -38.77 -30.77 15.36
C ASN D 173 -39.70 -29.88 16.19
N GLU D 174 -39.22 -28.69 16.58
CA GLU D 174 -40.01 -27.69 17.30
C GLU D 174 -40.99 -27.03 16.36
N SER D 175 -42.13 -26.57 16.87
CA SER D 175 -43.14 -25.90 16.06
C SER D 175 -42.70 -24.48 15.64
N CYS D 176 -41.85 -23.84 16.47
CA CYS D 176 -41.32 -22.49 16.28
C CYS D 176 -40.12 -22.48 15.34
N TYR D 177 -39.66 -23.65 14.87
CA TYR D 177 -38.48 -23.82 14.04
C TYR D 177 -38.37 -22.83 12.86
N VAL D 178 -39.40 -22.77 12.00
CA VAL D 178 -39.42 -21.88 10.82
C VAL D 178 -39.50 -20.41 11.28
N ASP D 179 -40.25 -20.15 12.36
CA ASP D 179 -40.41 -18.82 12.96
C ASP D 179 -39.10 -18.30 13.56
N VAL D 180 -38.27 -19.21 14.12
CA VAL D 180 -36.97 -18.87 14.71
C VAL D 180 -35.98 -18.51 13.59
N ILE D 181 -35.91 -19.34 12.51
CA ILE D 181 -35.08 -19.15 11.31
C ILE D 181 -35.41 -17.77 10.68
N ALA D 182 -36.70 -17.42 10.52
CA ALA D 182 -37.16 -16.17 9.91
C ALA D 182 -36.77 -14.94 10.74
N THR D 183 -36.80 -15.08 12.07
CA THR D 183 -36.45 -14.03 13.04
C THR D 183 -34.98 -13.68 12.90
N PHE D 184 -34.10 -14.70 12.85
CA PHE D 184 -32.66 -14.54 12.67
C PHE D 184 -32.37 -13.89 11.32
N ARG D 185 -33.04 -14.35 10.23
CA ARG D 185 -32.83 -13.81 8.89
CA ARG D 185 -32.86 -13.80 8.88
C ARG D 185 -33.27 -12.35 8.78
N ASP D 186 -34.49 -12.00 9.26
CA ASP D 186 -35.02 -10.63 9.19
C ASP D 186 -34.24 -9.61 10.07
N ALA D 187 -33.72 -10.06 11.24
CA ALA D 187 -32.90 -9.26 12.17
C ALA D 187 -31.54 -9.00 11.53
N THR D 188 -30.91 -10.05 10.95
CA THR D 188 -29.65 -10.00 10.19
C THR D 188 -29.75 -9.03 9.00
N LEU D 189 -30.84 -9.14 8.18
CA LEU D 189 -31.13 -8.24 7.02
C LEU D 189 -31.24 -6.79 7.45
N LYS D 190 -31.88 -6.53 8.58
CA LYS D 190 -32.02 -5.20 9.15
C LYS D 190 -30.68 -4.64 9.63
N THR D 191 -29.81 -5.50 10.22
CA THR D 191 -28.48 -5.13 10.70
C THR D 191 -27.61 -4.72 9.53
N ILE D 192 -27.64 -5.53 8.44
CA ILE D 192 -26.88 -5.32 7.19
C ILE D 192 -27.22 -3.93 6.59
N ILE D 193 -28.52 -3.56 6.55
CA ILE D 193 -28.99 -2.25 6.05
C ILE D 193 -28.45 -1.13 6.95
N GLY D 194 -28.49 -1.30 8.28
CA GLY D 194 -27.99 -0.33 9.24
C GLY D 194 -26.50 -0.12 9.12
N GLN D 195 -25.75 -1.22 8.90
CA GLN D 195 -24.28 -1.22 8.70
C GLN D 195 -23.90 -0.51 7.40
N HIS D 196 -24.75 -0.66 6.39
CA HIS D 196 -24.59 0.02 5.12
C HIS D 196 -24.82 1.53 5.33
N LEU D 197 -25.88 1.92 6.08
CA LEU D 197 -26.18 3.33 6.34
C LEU D 197 -25.08 3.97 7.19
N ASP D 198 -24.62 3.26 8.22
CA ASP D 198 -23.54 3.70 9.12
C ASP D 198 -22.25 4.04 8.34
N THR D 199 -21.97 3.26 7.30
CA THR D 199 -20.80 3.27 6.44
C THR D 199 -20.95 4.24 5.27
N ASN D 200 -22.19 4.55 4.82
CA ASN D 200 -22.36 5.36 3.63
C ASN D 200 -23.18 6.63 3.74
N ILE D 201 -23.74 6.93 4.93
CA ILE D 201 -24.59 8.10 5.13
C ILE D 201 -23.98 9.46 4.64
N PHE D 202 -22.65 9.64 4.73
CA PHE D 202 -21.95 10.87 4.35
C PHE D 202 -21.19 10.72 3.01
N SER D 203 -21.24 9.51 2.39
CA SER D 203 -20.58 9.20 1.11
C SER D 203 -21.10 10.05 -0.05
N ASP D 204 -20.21 10.31 -1.02
CA ASP D 204 -20.47 11.15 -2.20
C ASP D 204 -21.65 10.68 -3.03
N LYS D 205 -21.81 9.34 -3.19
CA LYS D 205 -22.89 8.73 -3.96
C LYS D 205 -24.28 9.12 -3.42
N TYR D 206 -24.35 9.50 -2.12
CA TYR D 206 -25.60 9.93 -1.44
C TYR D 206 -25.70 11.47 -1.27
N SER D 207 -24.62 12.18 -1.53
CA SER D 207 -24.50 13.64 -1.41
C SER D 207 -24.43 14.29 -2.80
N HIS D 210 -28.37 14.31 -9.36
CA HIS D 210 -28.72 12.92 -9.08
C HIS D 210 -27.47 12.05 -9.32
N ARG D 211 -26.58 12.02 -8.30
CA ARG D 211 -25.29 11.32 -8.33
C ARG D 211 -25.43 9.81 -8.50
N GLU D 212 -24.96 9.30 -9.65
CA GLU D 212 -24.92 7.89 -10.02
C GLU D 212 -23.59 7.30 -9.42
N ILE D 213 -23.61 6.07 -8.89
CA ILE D 213 -22.40 5.47 -8.33
C ILE D 213 -21.48 5.02 -9.52
N ASP D 214 -20.21 5.52 -9.51
CA ASP D 214 -19.20 5.37 -10.54
C ASP D 214 -18.57 3.97 -10.56
N VAL D 215 -18.99 3.19 -11.55
CA VAL D 215 -18.54 1.81 -11.79
C VAL D 215 -17.19 1.80 -12.59
N ASN D 216 -16.62 2.97 -12.87
CA ASN D 216 -15.35 3.08 -13.61
C ASN D 216 -14.22 3.66 -12.76
N ASN D 217 -14.54 4.04 -11.53
CA ASN D 217 -13.54 4.56 -10.60
C ASN D 217 -13.06 3.50 -9.60
N ILE D 218 -11.79 3.06 -9.76
CA ILE D 218 -11.08 2.12 -8.91
C ILE D 218 -9.75 2.73 -8.43
N ASN D 219 -9.47 4.01 -8.78
CA ASN D 219 -8.18 4.65 -8.49
C ASN D 219 -8.24 5.97 -7.75
N VAL D 220 -9.36 6.71 -7.85
CA VAL D 220 -9.55 8.02 -7.21
C VAL D 220 -10.32 7.84 -5.89
N PRO D 221 -9.64 7.79 -4.73
CA PRO D 221 -10.36 7.55 -3.47
C PRO D 221 -11.27 8.72 -3.08
N GLU D 222 -12.31 8.41 -2.33
CA GLU D 222 -13.21 9.43 -1.89
C GLU D 222 -12.58 10.14 -0.71
N GLN D 223 -12.72 11.45 -0.67
CA GLN D 223 -12.21 12.23 0.45
C GLN D 223 -13.39 12.35 1.40
N PRO D 224 -13.34 11.70 2.59
CA PRO D 224 -14.49 11.73 3.48
C PRO D 224 -14.79 13.12 3.99
N VAL D 225 -16.03 13.55 3.81
CA VAL D 225 -16.59 14.82 4.31
C VAL D 225 -18.01 14.54 4.87
N ILE D 226 -18.40 15.26 5.94
CA ILE D 226 -19.71 15.13 6.56
C ILE D 226 -20.75 15.79 5.66
N ASP D 227 -22.00 15.30 5.72
CA ASP D 227 -23.12 15.89 4.99
C ASP D 227 -24.02 16.47 6.07
N ILE D 228 -24.05 17.81 6.18
CA ILE D 228 -24.80 18.58 7.17
C ILE D 228 -26.32 18.24 7.10
N ASN D 229 -26.82 17.87 5.92
CA ASN D 229 -28.24 17.49 5.74
C ASN D 229 -28.60 16.18 6.43
N MET D 230 -27.58 15.36 6.81
CA MET D 230 -27.72 14.06 7.46
C MET D 230 -27.50 14.15 8.96
N ILE D 231 -27.01 15.29 9.44
CA ILE D 231 -26.73 15.48 10.87
C ILE D 231 -28.02 15.90 11.59
N ASN D 232 -28.84 14.90 11.91
CA ASN D 232 -30.09 15.02 12.68
C ASN D 232 -30.40 13.68 13.31
N PHE D 233 -31.13 13.70 14.44
CA PHE D 233 -31.47 12.51 15.21
CA PHE D 233 -31.49 12.50 15.20
C PHE D 233 -32.44 11.58 14.46
N GLY D 234 -33.21 12.13 13.50
CA GLY D 234 -34.14 11.34 12.69
C GLY D 234 -33.41 10.29 11.89
N VAL D 235 -32.35 10.71 11.18
CA VAL D 235 -31.45 9.88 10.36
C VAL D 235 -30.69 8.95 11.32
N TYR D 236 -30.14 9.51 12.42
CA TYR D 236 -29.41 8.76 13.44
C TYR D 236 -30.21 7.56 13.98
N LYS D 237 -31.48 7.77 14.38
CA LYS D 237 -32.37 6.72 14.90
C LYS D 237 -32.60 5.64 13.84
N ASN D 238 -32.76 6.02 12.54
CA ASN D 238 -32.88 5.09 11.40
C ASN D 238 -31.69 4.10 11.31
N ILE D 239 -30.46 4.61 11.49
CA ILE D 239 -29.21 3.83 11.40
C ILE D 239 -29.08 2.85 12.58
N VAL D 240 -29.21 3.39 13.79
CA VAL D 240 -29.03 2.79 15.12
C VAL D 240 -30.07 1.68 15.43
N ILE D 241 -31.31 1.88 15.01
CA ILE D 241 -32.41 0.94 15.14
C ILE D 241 -32.10 -0.29 14.28
N HIS D 242 -31.53 -0.06 13.08
CA HIS D 242 -31.20 -1.13 12.16
C HIS D 242 -29.86 -1.79 12.48
N LYS D 243 -28.77 -1.02 12.67
CA LYS D 243 -27.46 -1.62 12.95
C LYS D 243 -27.33 -2.25 14.38
N THR D 244 -28.20 -1.88 15.38
CA THR D 244 -28.10 -2.42 16.75
C THR D 244 -29.40 -3.01 17.39
N ALA D 245 -30.56 -2.34 17.29
CA ALA D 245 -31.78 -2.76 18.03
C ALA D 245 -32.33 -4.16 17.72
N TYR D 246 -32.40 -4.51 16.44
CA TYR D 246 -32.97 -5.77 15.96
C TYR D 246 -32.19 -7.00 16.38
N TYR D 247 -30.87 -7.03 16.17
CA TYR D 247 -30.12 -8.22 16.54
C TYR D 247 -29.75 -8.24 18.02
N SER D 248 -29.73 -7.07 18.68
CA SER D 248 -29.30 -6.98 20.07
C SER D 248 -30.41 -7.04 21.09
N PHE D 249 -31.61 -6.61 20.73
CA PHE D 249 -32.73 -6.61 21.69
C PHE D 249 -33.91 -7.38 21.15
N PHE D 250 -34.37 -7.09 19.92
CA PHE D 250 -35.53 -7.76 19.36
C PHE D 250 -35.33 -9.28 19.20
N LEU D 251 -34.28 -9.69 18.45
CA LEU D 251 -33.95 -11.08 18.21
C LEU D 251 -33.82 -11.92 19.52
N PRO D 252 -32.96 -11.60 20.54
CA PRO D 252 -32.93 -12.47 21.75
C PRO D 252 -34.28 -12.57 22.51
N ILE D 253 -35.09 -11.47 22.61
CA ILE D 253 -36.40 -11.48 23.32
C ILE D 253 -37.39 -12.37 22.55
N VAL D 254 -37.49 -12.20 21.21
CA VAL D 254 -38.38 -12.99 20.34
C VAL D 254 -38.02 -14.49 20.39
N CYS D 255 -36.71 -14.83 20.42
CA CYS D 255 -36.22 -16.21 20.53
C CYS D 255 -36.78 -16.89 21.79
N GLY D 256 -36.62 -16.25 22.94
CA GLY D 256 -37.11 -16.74 24.22
C GLY D 256 -38.62 -16.88 24.26
N MET D 257 -39.34 -15.93 23.63
CA MET D 257 -40.82 -15.89 23.52
C MET D 257 -41.37 -16.96 22.57
N LEU D 258 -40.76 -17.13 21.37
CA LEU D 258 -41.17 -18.14 20.39
C LEU D 258 -40.96 -19.54 20.96
N LEU D 259 -39.81 -19.77 21.64
CA LEU D 259 -39.49 -21.07 22.23
C LEU D 259 -40.42 -21.40 23.39
N ALA D 260 -40.82 -20.38 24.18
CA ALA D 260 -41.74 -20.55 25.31
C ALA D 260 -43.21 -20.67 24.85
N GLY D 261 -43.48 -20.47 23.56
CA GLY D 261 -44.79 -20.68 22.95
C GLY D 261 -45.73 -19.51 22.74
N ILE D 262 -45.23 -18.26 22.80
CA ILE D 262 -46.13 -17.11 22.56
C ILE D 262 -46.41 -17.02 21.04
N ASP D 265 -48.45 -14.01 16.21
CA ASP D 265 -49.55 -13.09 15.92
C ASP D 265 -50.07 -12.34 17.18
N ASN D 266 -49.56 -12.69 18.39
CA ASN D 266 -49.88 -11.98 19.64
C ASN D 266 -49.38 -10.52 19.56
N LEU D 267 -50.20 -9.54 19.99
CA LEU D 267 -49.88 -8.12 19.92
C LEU D 267 -48.72 -7.66 20.84
N ILE D 268 -48.30 -8.53 21.79
CA ILE D 268 -47.17 -8.30 22.69
C ILE D 268 -45.86 -8.13 21.89
N TYR D 269 -45.73 -8.85 20.76
CA TYR D 269 -44.57 -8.81 19.85
C TYR D 269 -44.31 -7.40 19.27
N LYS D 270 -45.36 -6.60 19.03
CA LYS D 270 -45.22 -5.22 18.54
C LYS D 270 -44.72 -4.32 19.67
N LYS D 271 -45.20 -4.57 20.91
CA LYS D 271 -44.79 -3.82 22.10
C LYS D 271 -43.30 -4.08 22.37
N ILE D 272 -42.87 -5.36 22.21
CA ILE D 272 -41.48 -5.82 22.35
C ILE D 272 -40.61 -5.15 21.29
N GLU D 273 -41.13 -5.05 20.05
CA GLU D 273 -40.42 -4.41 18.96
C GLU D 273 -40.13 -2.97 19.30
N ASP D 274 -41.14 -2.24 19.81
CA ASP D 274 -41.05 -0.84 20.20
C ASP D 274 -40.08 -0.61 21.38
N ILE D 275 -40.09 -1.48 22.41
CA ILE D 275 -39.16 -1.42 23.54
C ILE D 275 -37.72 -1.65 23.05
N SER D 276 -37.52 -2.66 22.16
CA SER D 276 -36.26 -3.05 21.54
C SER D 276 -35.58 -1.87 20.79
N MET D 277 -36.39 -1.04 20.11
CA MET D 277 -36.01 0.17 19.38
C MET D 277 -35.50 1.24 20.33
N LEU D 278 -36.24 1.47 21.44
CA LEU D 278 -35.88 2.40 22.52
C LEU D 278 -34.57 1.94 23.18
N MET D 279 -34.43 0.60 23.41
CA MET D 279 -33.27 -0.02 24.03
C MET D 279 -32.05 -0.02 23.15
N GLY D 280 -32.24 -0.25 21.85
CA GLY D 280 -31.16 -0.25 20.86
C GLY D 280 -30.54 1.12 20.69
N GLU D 281 -31.38 2.14 20.63
CA GLU D 281 -31.04 3.57 20.53
C GLU D 281 -30.24 3.97 21.77
N TYR D 282 -30.76 3.62 22.97
CA TYR D 282 -30.15 3.86 24.28
C TYR D 282 -28.75 3.20 24.34
N PHE D 283 -28.68 1.91 23.91
CA PHE D 283 -27.44 1.14 23.92
C PHE D 283 -26.38 1.67 22.93
N GLN D 284 -26.82 2.08 21.73
CA GLN D 284 -25.92 2.62 20.72
C GLN D 284 -25.40 4.02 21.11
N ILE D 285 -26.24 4.86 21.74
CA ILE D 285 -25.85 6.21 22.18
C ILE D 285 -24.73 6.10 23.23
N HIS D 286 -24.87 5.16 24.18
CA HIS D 286 -23.87 4.85 25.21
C HIS D 286 -22.57 4.40 24.58
N ASP D 287 -22.66 3.57 23.50
CA ASP D 287 -21.52 3.06 22.75
C ASP D 287 -20.76 4.23 22.09
N ASP D 288 -21.53 5.15 21.47
CA ASP D 288 -21.00 6.35 20.84
C ASP D 288 -20.28 7.21 21.87
N TYR D 289 -20.84 7.29 23.09
CA TYR D 289 -20.29 8.00 24.24
C TYR D 289 -18.96 7.38 24.64
N LEU D 290 -18.93 6.06 24.77
CA LEU D 290 -17.74 5.31 25.13
C LEU D 290 -16.61 5.43 24.12
N ASP D 291 -16.94 5.61 22.82
CA ASP D 291 -15.95 5.77 21.76
C ASP D 291 -15.07 6.99 22.01
N ILE D 292 -15.64 8.06 22.61
CA ILE D 292 -14.94 9.30 22.97
C ILE D 292 -14.40 9.27 24.41
N PHE D 293 -15.28 8.95 25.38
CA PHE D 293 -14.98 9.06 26.81
C PHE D 293 -14.63 7.77 27.56
N GLY D 294 -14.68 6.63 26.88
CA GLY D 294 -14.36 5.37 27.53
C GLY D 294 -12.87 5.08 27.56
N ASP D 295 -12.47 4.09 28.37
CA ASP D 295 -11.10 3.61 28.51
C ASP D 295 -11.03 2.30 27.71
N SER D 296 -10.13 2.22 26.70
CA SER D 296 -9.97 1.06 25.82
C SER D 296 -9.61 -0.25 26.54
N THR D 297 -9.01 -0.17 27.74
CA THR D 297 -8.68 -1.36 28.55
C THR D 297 -9.97 -1.91 29.18
N LYS D 298 -10.93 -1.01 29.46
CA LYS D 298 -12.22 -1.37 30.05
C LYS D 298 -13.23 -1.75 28.96
N THR D 299 -13.27 -0.98 27.85
CA THR D 299 -14.18 -1.27 26.74
C THR D 299 -13.72 -2.46 25.91
N GLY D 300 -12.41 -2.72 25.91
CA GLY D 300 -11.80 -3.81 25.15
C GLY D 300 -11.59 -3.50 23.68
N LYS D 301 -11.82 -2.26 23.28
CA LYS D 301 -11.73 -1.77 21.90
C LYS D 301 -11.23 -0.32 21.84
N VAL D 302 -10.62 0.06 20.72
CA VAL D 302 -10.07 1.41 20.50
C VAL D 302 -11.07 2.27 19.71
N GLY D 303 -11.41 3.45 20.27
CA GLY D 303 -12.29 4.45 19.69
C GLY D 303 -11.81 4.98 18.34
N SER D 304 -12.75 5.12 17.39
CA SER D 304 -12.40 5.53 16.02
C SER D 304 -13.51 6.28 15.25
N ASP D 305 -14.62 6.70 15.89
CA ASP D 305 -15.74 7.30 15.17
C ASP D 305 -15.42 8.61 14.45
N ILE D 306 -14.60 9.48 15.07
CA ILE D 306 -14.26 10.78 14.52
C ILE D 306 -13.46 10.62 13.24
N GLN D 307 -12.43 9.77 13.25
CA GLN D 307 -11.61 9.52 12.07
C GLN D 307 -12.34 8.71 11.02
N ASN D 308 -13.30 7.83 11.42
CA ASN D 308 -14.03 6.97 10.48
C ASN D 308 -15.27 7.62 9.89
N ASN D 309 -15.48 8.94 10.18
CA ASN D 309 -16.54 9.79 9.63
C ASN D 309 -17.90 9.24 9.93
N LYS D 310 -18.11 8.88 11.20
CA LYS D 310 -19.40 8.30 11.61
C LYS D 310 -20.43 9.34 12.01
N LEU D 311 -21.72 9.07 11.72
CA LEU D 311 -22.80 9.91 12.18
C LEU D 311 -23.14 9.40 13.60
N THR D 312 -22.61 10.09 14.61
CA THR D 312 -22.74 9.67 16.00
C THR D 312 -23.63 10.60 16.78
N TRP D 313 -24.00 10.17 18.00
CA TRP D 313 -24.80 10.98 18.89
C TRP D 313 -23.98 12.22 19.33
N PRO D 314 -22.69 12.11 19.80
CA PRO D 314 -21.94 13.34 20.16
C PRO D 314 -21.85 14.37 19.02
N LEU D 315 -21.73 13.90 17.77
CA LEU D 315 -21.73 14.78 16.60
C LEU D 315 -23.06 15.52 16.46
N ILE D 316 -24.18 14.81 16.48
CA ILE D 316 -25.48 15.47 16.32
C ILE D 316 -25.78 16.44 17.48
N LYS D 317 -25.54 16.02 18.75
CA LYS D 317 -25.75 16.85 19.94
C LYS D 317 -24.91 18.14 19.84
N THR D 318 -23.62 18.05 19.41
CA THR D 318 -22.72 19.20 19.22
C THR D 318 -23.26 20.12 18.12
N PHE D 319 -23.66 19.55 16.96
CA PHE D 319 -24.20 20.34 15.84
C PHE D 319 -25.44 21.11 16.21
N GLU D 320 -26.26 20.54 17.09
CA GLU D 320 -27.51 21.09 17.62
C GLU D 320 -27.29 22.33 18.52
N LEU D 321 -26.17 22.35 19.28
CA LEU D 321 -25.91 23.37 20.30
C LEU D 321 -24.78 24.35 19.96
N CYS D 322 -23.91 24.03 18.96
CA CYS D 322 -22.74 24.85 18.57
C CYS D 322 -23.03 26.04 17.65
N SER D 323 -22.08 26.98 17.63
CA SER D 323 -22.09 28.22 16.85
C SER D 323 -21.79 27.92 15.39
N GLU D 324 -22.20 28.82 14.44
CA GLU D 324 -21.91 28.64 13.02
CA GLU D 324 -21.93 28.63 13.01
C GLU D 324 -20.41 28.48 12.75
N PRO D 325 -19.49 29.28 13.37
CA PRO D 325 -18.06 29.02 13.14
C PRO D 325 -17.60 27.64 13.63
N ASP D 326 -18.25 27.11 14.68
CA ASP D 326 -17.90 25.77 15.20
C ASP D 326 -18.41 24.66 14.28
N LYS D 327 -19.52 24.93 13.55
CA LYS D 327 -20.04 24.02 12.54
C LYS D 327 -19.02 23.90 11.41
N ILE D 328 -18.38 25.03 11.04
CA ILE D 328 -17.35 25.14 10.00
C ILE D 328 -16.11 24.37 10.43
N LYS D 329 -15.75 24.47 11.72
CA LYS D 329 -14.63 23.78 12.34
C LYS D 329 -14.84 22.26 12.23
N ILE D 330 -16.10 21.78 12.48
CA ILE D 330 -16.46 20.36 12.40
C ILE D 330 -16.31 19.84 10.97
N VAL D 331 -16.89 20.57 9.98
CA VAL D 331 -16.83 20.22 8.56
C VAL D 331 -15.37 20.05 8.11
N LYS D 332 -14.50 20.99 8.53
CA LYS D 332 -13.08 21.01 8.20
C LYS D 332 -12.24 19.90 8.85
N ASN D 333 -12.58 19.48 10.10
CA ASN D 333 -11.76 18.55 10.88
C ASN D 333 -12.32 17.14 11.09
N TYR D 334 -13.62 16.92 10.87
CA TYR D 334 -14.23 15.60 11.09
C TYR D 334 -13.95 14.65 9.93
N GLY D 335 -13.74 13.37 10.26
CA GLY D 335 -13.50 12.31 9.28
C GLY D 335 -12.08 12.26 8.76
N LYS D 336 -11.12 12.70 9.59
CA LYS D 336 -9.71 12.78 9.23
C LYS D 336 -8.84 12.03 10.21
N ASN D 337 -8.09 11.04 9.72
CA ASN D 337 -7.13 10.31 10.54
C ASN D 337 -5.88 11.21 10.62
N ASN D 338 -5.96 12.18 11.53
CA ASN D 338 -4.96 13.20 11.79
C ASN D 338 -5.24 13.71 13.20
N LEU D 339 -4.22 13.65 14.08
CA LEU D 339 -4.29 14.04 15.47
C LEU D 339 -4.89 15.44 15.68
N ALA D 340 -4.35 16.47 15.02
CA ALA D 340 -4.81 17.85 15.21
C ALA D 340 -6.28 18.00 14.90
N CYS D 341 -6.74 17.34 13.84
CA CYS D 341 -8.14 17.29 13.36
C CYS D 341 -9.06 16.62 14.37
N VAL D 342 -8.66 15.47 14.91
CA VAL D 342 -9.44 14.74 15.91
C VAL D 342 -9.51 15.54 17.18
N LYS D 343 -8.38 16.17 17.57
CA LYS D 343 -8.27 16.99 18.77
C LYS D 343 -9.23 18.17 18.76
N VAL D 344 -9.47 18.78 17.58
CA VAL D 344 -10.41 19.88 17.42
C VAL D 344 -11.82 19.37 17.81
N ILE D 345 -12.25 18.21 17.24
CA ILE D 345 -13.54 17.61 17.50
C ILE D 345 -13.69 17.22 18.99
N ASP D 346 -12.64 16.62 19.59
CA ASP D 346 -12.58 16.23 21.01
C ASP D 346 -12.74 17.46 21.91
N SER D 347 -12.05 18.57 21.56
CA SER D 347 -12.09 19.84 22.25
C SER D 347 -13.50 20.43 22.18
N LEU D 348 -14.17 20.31 21.02
CA LEU D 348 -15.52 20.80 20.83
C LEU D 348 -16.49 19.95 21.63
N TYR D 349 -16.17 18.64 21.86
CA TYR D 349 -17.02 17.76 22.68
C TYR D 349 -16.92 18.11 24.17
N GLU D 350 -15.76 18.65 24.59
CA GLU D 350 -15.52 19.10 25.96
CA GLU D 350 -15.57 19.10 25.97
C GLU D 350 -16.22 20.47 26.15
N GLN D 351 -16.07 21.36 25.15
CA GLN D 351 -16.63 22.72 25.13
C GLN D 351 -18.16 22.72 25.25
N TYR D 352 -18.82 21.83 24.49
CA TYR D 352 -20.29 21.76 24.49
C TYR D 352 -20.83 20.72 25.44
N LYS D 353 -20.00 20.30 26.41
CA LYS D 353 -20.33 19.44 27.56
C LYS D 353 -21.13 18.17 27.18
N ILE D 354 -20.70 17.48 26.11
CA ILE D 354 -21.29 16.24 25.59
C ILE D 354 -21.42 15.15 26.69
N ARG D 355 -20.45 15.06 27.64
CA ARG D 355 -20.49 14.12 28.75
C ARG D 355 -21.73 14.39 29.61
N LYS D 356 -22.04 15.68 29.86
CA LYS D 356 -23.19 16.12 30.66
C LYS D 356 -24.51 15.83 29.95
N HIS D 357 -24.60 16.14 28.63
CA HIS D 357 -25.77 15.91 27.80
C HIS D 357 -26.08 14.45 27.67
N TYR D 358 -25.02 13.61 27.62
CA TYR D 358 -25.21 12.17 27.55
C TYR D 358 -25.87 11.66 28.83
N GLU D 359 -25.31 12.06 30.00
CA GLU D 359 -25.78 11.67 31.34
C GLU D 359 -27.27 11.99 31.52
N SER D 360 -27.70 13.15 31.01
CA SER D 360 -29.06 13.63 31.02
C SER D 360 -29.92 12.81 30.06
N TYR D 361 -29.34 12.39 28.90
CA TYR D 361 -30.03 11.55 27.90
C TYR D 361 -30.34 10.18 28.51
N GLU D 362 -29.31 9.51 29.07
CA GLU D 362 -29.36 8.17 29.69
C GLU D 362 -30.47 8.13 30.74
N LYS D 363 -30.49 9.13 31.64
CA LYS D 363 -31.48 9.30 32.72
C LYS D 363 -32.91 9.34 32.14
N ALA D 364 -33.12 10.18 31.11
CA ALA D 364 -34.41 10.38 30.44
C ALA D 364 -34.81 9.19 29.57
N GLN D 365 -33.83 8.53 28.90
CA GLN D 365 -34.12 7.38 28.03
C GLN D 365 -34.43 6.13 28.87
N LYS D 366 -33.72 5.93 29.99
CA LYS D 366 -33.99 4.82 30.92
C LYS D 366 -35.44 4.90 31.44
N ALA D 367 -35.93 6.12 31.74
CA ALA D 367 -37.29 6.37 32.20
C ALA D 367 -38.33 6.05 31.12
N LYS D 368 -38.05 6.47 29.85
CA LYS D 368 -38.90 6.23 28.67
C LYS D 368 -39.02 4.73 28.39
N ILE D 369 -37.89 3.96 28.51
CA ILE D 369 -37.82 2.51 28.35
C ILE D 369 -38.68 1.85 29.45
N LEU D 370 -38.46 2.22 30.74
CA LEU D 370 -39.18 1.68 31.91
C LEU D 370 -40.68 1.90 31.80
N SER D 371 -41.10 3.07 31.30
CA SER D 371 -42.49 3.43 31.09
C SER D 371 -43.15 2.52 30.03
N ALA D 372 -42.43 2.19 28.93
CA ALA D 372 -42.88 1.30 27.86
C ALA D 372 -42.95 -0.16 28.36
N ILE D 373 -41.96 -0.60 29.19
CA ILE D 373 -41.88 -1.93 29.82
C ILE D 373 -43.13 -2.15 30.70
N ASN D 374 -43.54 -1.11 31.48
CA ASN D 374 -44.70 -1.17 32.39
C ASN D 374 -46.03 -1.38 31.66
N GLU D 375 -46.09 -1.05 30.36
CA GLU D 375 -47.27 -1.17 29.49
C GLU D 375 -47.39 -2.59 28.84
N LEU D 376 -46.43 -3.49 29.12
CA LEU D 376 -46.42 -4.84 28.55
C LEU D 376 -47.53 -5.75 29.05
N HIS D 377 -47.86 -5.65 30.34
CA HIS D 377 -48.87 -6.46 31.03
C HIS D 377 -48.49 -7.96 30.95
N HIS D 378 -47.24 -8.24 31.37
CA HIS D 378 -46.60 -9.54 31.50
C HIS D 378 -45.50 -9.35 32.53
N GLU D 379 -45.76 -9.75 33.79
CA GLU D 379 -44.82 -9.61 34.90
C GLU D 379 -43.45 -10.25 34.69
N GLY D 380 -43.42 -11.44 34.07
CA GLY D 380 -42.19 -12.18 33.79
C GLY D 380 -41.20 -11.45 32.89
N ILE D 381 -41.68 -11.01 31.70
CA ILE D 381 -40.91 -10.28 30.70
C ILE D 381 -40.44 -8.94 31.29
N GLU D 382 -41.36 -8.24 32.02
CA GLU D 382 -41.13 -6.97 32.70
C GLU D 382 -39.98 -7.04 33.68
N TYR D 383 -39.86 -8.13 34.46
CA TYR D 383 -38.77 -8.31 35.43
C TYR D 383 -37.43 -8.39 34.69
N VAL D 384 -37.35 -9.26 33.68
CA VAL D 384 -36.17 -9.53 32.85
C VAL D 384 -35.67 -8.24 32.16
N LEU D 385 -36.58 -7.49 31.52
CA LEU D 385 -36.28 -6.26 30.82
C LEU D 385 -35.82 -5.17 31.78
N LYS D 386 -36.43 -5.08 32.98
CA LYS D 386 -36.03 -4.12 34.01
C LYS D 386 -34.62 -4.50 34.50
N TYR D 387 -34.37 -5.80 34.71
CA TYR D 387 -33.09 -6.35 35.14
C TYR D 387 -31.99 -6.14 34.07
N LEU D 388 -32.30 -6.46 32.79
CA LEU D 388 -31.40 -6.26 31.65
C LEU D 388 -30.91 -4.81 31.62
N LEU D 389 -31.85 -3.86 31.76
CA LEU D 389 -31.61 -2.42 31.75
C LEU D 389 -30.59 -1.99 32.80
N GLU D 390 -30.49 -2.73 33.91
CA GLU D 390 -29.57 -2.46 35.00
C GLU D 390 -28.16 -2.99 34.72
N ILE D 391 -28.06 -4.18 34.09
CA ILE D 391 -26.78 -4.84 33.80
C ILE D 391 -26.24 -4.57 32.37
N LEU D 392 -27.04 -3.94 31.51
CA LEU D 392 -26.75 -3.68 30.09
C LEU D 392 -25.31 -3.22 29.76
N PHE D 393 -24.77 -2.28 30.56
CA PHE D 393 -23.45 -1.71 30.33
C PHE D 393 -22.34 -2.49 31.00
N THR D 394 -22.69 -3.31 32.02
CA THR D 394 -21.70 -4.09 32.78
C THR D 394 -21.68 -5.58 32.46
N GLY D 395 -22.85 -6.14 32.17
CA GLY D 395 -23.05 -7.55 31.93
C GLY D 395 -23.41 -8.24 33.24
N VAL D 396 -23.35 -9.59 33.25
CA VAL D 396 -23.63 -10.48 34.40
C VAL D 396 -25.10 -10.44 34.76
O17 ZOL E . 18.62 -0.44 -15.00
P14 ZOL E . 19.57 -0.56 -16.11
O16 ZOL E . 19.00 -1.52 -17.29
O15 ZOL E . 20.98 -1.13 -15.71
C8 ZOL E . 20.05 1.03 -16.96
P9 ZOL E . 18.52 1.76 -17.67
O10 ZOL E . 18.83 2.97 -18.44
O11 ZOL E . 17.91 0.54 -18.56
O12 ZOL E . 17.49 2.04 -16.47
O13 ZOL E . 20.92 0.73 -18.05
C7 ZOL E . 20.74 1.97 -15.97
N15 ZOL E . 21.10 3.28 -16.55
C16 ZOL E . 21.80 3.48 -17.66
N17 ZOL E . 21.98 4.79 -17.78
C18 ZOL E . 21.36 5.38 -16.75
C19 ZOL E . 20.84 4.44 -15.97
C1 IPE F . 24.64 -0.38 -16.47
O1 IPE F . 26.06 -0.20 -16.61
C2 IPE F . 23.99 -0.39 -17.86
C3 IPE F . 24.15 0.92 -18.62
C4 IPE F . 24.73 2.16 -17.99
C5 IPE F . 23.77 0.94 -19.89
PA IPE F . 27.10 -1.44 -16.55
O1A IPE F . 26.53 -2.55 -17.41
O2A IPE F . 28.48 -0.86 -16.80
O3A IPE F . 26.97 -1.94 -15.02
PB IPE F . 28.07 -2.67 -14.10
O1B IPE F . 27.22 -3.65 -13.30
O2B IPE F . 29.09 -3.35 -14.97
O3B IPE F . 28.64 -1.53 -13.32
MG MG G . 17.25 0.98 -14.62
MG MG H . 16.44 3.74 -15.50
MG MG I . 18.05 -1.36 -19.07
C1 EDO J . 25.60 5.81 22.64
O1 EDO J . 26.87 6.47 22.47
C2 EDO J . 25.09 5.94 24.09
O2 EDO J . 24.76 7.31 24.38
C1 GOL K . 10.60 -5.65 -5.79
O1 GOL K . 10.77 -4.86 -6.99
C2 GOL K . 10.90 -7.15 -6.00
O2 GOL K . 9.68 -7.93 -6.01
C3 GOL K . 12.00 -7.72 -5.06
O3 GOL K . 13.26 -8.19 -5.66
O17 ZOL L . 10.44 18.32 8.11
P14 ZOL L . 10.95 19.42 8.98
O16 ZOL L . 10.28 19.46 10.45
O15 ZOL L . 10.79 20.82 8.23
C8 ZOL L . 12.74 19.31 9.45
P9 ZOL L . 12.99 17.64 10.28
O10 ZOL L . 14.40 17.36 10.69
O11 ZOL L . 11.96 17.71 11.48
O12 ZOL L . 12.44 16.55 9.25
O13 ZOL L . 13.06 20.35 10.37
C7 ZOL L . 13.55 19.47 8.16
N15 ZOL L . 15.00 19.26 8.33
C16 ZOL L . 15.77 19.77 9.28
N17 ZOL L . 17.01 19.35 9.04
C18 ZOL L . 16.99 18.60 7.93
C19 ZOL L . 15.75 18.57 7.47
C1 IPE M . 13.19 23.87 8.06
O1 IPE M . 13.91 25.10 7.85
C2 IPE M . 13.26 23.48 9.52
C3 IPE M . 14.65 23.22 10.04
C4 IPE M . 15.84 23.12 9.12
C5 IPE M . 14.81 23.06 11.35
PA IPE M . 13.20 26.54 7.76
O1A IPE M . 12.21 26.65 8.89
O2A IPE M . 14.29 27.57 7.57
O3A IPE M . 12.32 26.42 6.41
PB IPE M . 11.87 27.59 5.40
O1B IPE M . 10.49 27.14 4.96
O2B IPE M . 11.82 28.92 6.11
O3B IPE M . 12.94 27.51 4.34
MG MG N . 13.40 14.62 8.73
MG MG O . 10.37 18.92 12.33
MG MG P . 10.63 16.32 7.95
C1 GOL Q . 3.03 20.76 12.44
O1 GOL Q . 3.56 21.97 11.92
C2 GOL Q . 1.67 20.87 13.15
O2 GOL Q . 1.91 20.34 14.44
C3 GOL Q . 0.76 19.86 12.42
O3 GOL Q . -0.59 19.76 12.85
C1 EDO R . 7.36 18.53 9.94
O1 EDO R . 7.47 18.69 8.51
C2 EDO R . 6.10 19.18 10.54
O2 EDO R . 6.31 20.01 11.71
O17 ZOL S . -12.28 -16.49 -9.35
P14 ZOL S . -12.52 -17.69 -10.18
O16 ZOL S . -11.28 -18.18 -11.10
O15 ZOL S . -13.71 -17.40 -11.20
C8 ZOL S . -12.99 -19.22 -9.21
P9 ZOL S . -11.48 -19.65 -8.23
O10 ZOL S . -11.69 -20.82 -7.34
O11 ZOL S . -10.34 -19.83 -9.36
O12 ZOL S . -11.12 -18.32 -7.40
O13 ZOL S . -13.32 -20.27 -10.14
C7 ZOL S . -14.20 -18.90 -8.29
N15 ZOL S . -14.63 -20.02 -7.42
C16 ZOL S . -14.81 -21.28 -7.80
N17 ZOL S . -15.30 -21.93 -6.74
C18 ZOL S . -15.40 -21.07 -5.73
C19 ZOL S . -15.02 -19.88 -6.16
C1 IPE T . -16.95 -19.28 -11.95
O1 IPE T . -18.21 -19.79 -12.36
C2 IPE T . -15.86 -20.34 -12.13
C3 IPE T . -16.06 -21.55 -11.26
C4 IPE T . -17.09 -21.58 -10.15
C5 IPE T . -15.29 -22.62 -11.48
PA IPE T . -18.86 -19.54 -13.80
O1A IPE T . -17.79 -19.75 -14.84
O2A IPE T . -20.17 -20.32 -13.85
O3A IPE T . -19.13 -17.94 -13.75
PB IPE T . -20.25 -17.11 -14.56
O1B IPE T . -21.38 -17.03 -13.57
O2B IPE T . -19.53 -15.81 -14.88
O3B IPE T . -20.61 -17.91 -15.78
MG MG U . -10.98 -16.16 -7.94
MG MG V . -10.82 -18.30 -5.29
MG MG W . -9.81 -19.67 -11.44
O17 ZOL X . -18.25 -2.30 18.95
P14 ZOL X . -18.39 -1.18 18.02
O16 ZOL X . -17.25 -1.14 16.88
O15 ZOL X . -18.21 0.26 18.72
C8 ZOL X . -20.12 -1.01 17.30
P9 ZOL X . -20.16 0.40 16.03
O10 ZOL X . -19.85 1.68 16.71
O11 ZOL X . -19.16 0.00 14.82
O12 ZOL X . -21.60 0.48 15.36
O13 ZOL X . -20.97 -0.66 18.39
C7 ZOL X . -20.49 -2.38 16.75
N15 ZOL X . -21.83 -2.46 16.16
C16 ZOL X . -22.95 -1.96 16.64
N17 ZOL X . -23.92 -2.28 15.78
C18 ZOL X . -23.37 -2.97 14.78
C19 ZOL X . -22.07 -3.13 15.03
C1 IPE Y . -21.14 -4.12 20.81
O1 IPE Y . -22.01 -4.96 21.57
C2 IPE Y . -21.62 -2.67 20.87
C3 IPE Y . -23.01 -2.46 20.31
C4 IPE Y . -23.74 -3.52 19.52
C5 IPE Y . -23.58 -1.27 20.51
PA IPE Y . -21.67 -5.44 23.07
O1A IPE Y . -21.16 -4.24 23.85
O2A IPE Y . -22.85 -6.26 23.56
O3A IPE Y . -20.39 -6.39 22.88
PB IPE Y . -19.93 -7.66 23.79
O1B IPE Y . -18.40 -7.52 23.74
O2B IPE Y . -20.48 -7.55 25.18
O3B IPE Y . -20.49 -8.81 23.02
MG MG Z . -19.24 -0.07 12.77
MG MG AA . -17.17 -0.78 14.84
MG MG BA . -18.93 2.11 18.61
C1 GOL CA . -12.24 10.55 20.37
O1 GOL CA . -11.48 10.60 21.61
C2 GOL CA . -11.66 9.79 19.14
O2 GOL CA . -10.25 9.39 19.12
C3 GOL CA . -12.58 8.67 18.63
O3 GOL CA . -13.92 9.11 18.34
#